data_3S3Z
# 
_entry.id   3S3Z 
# 
_audit_conform.dict_name       mmcif_pdbx.dic 
_audit_conform.dict_version    5.399 
_audit_conform.dict_location   http://mmcif.pdb.org/dictionaries/ascii/mmcif_pdbx.dic 
# 
loop_
_database_2.database_id 
_database_2.database_code 
_database_2.pdbx_database_accession 
_database_2.pdbx_DOI 
PDB   3S3Z         pdb_00003s3z 10.2210/pdb3s3z/pdb 
RCSB  RCSB065731   ?            ?                   
WWPDB D_1000065731 ?            ?                   
# 
loop_
_pdbx_audit_revision_history.ordinal 
_pdbx_audit_revision_history.data_content_type 
_pdbx_audit_revision_history.major_revision 
_pdbx_audit_revision_history.minor_revision 
_pdbx_audit_revision_history.revision_date 
1 'Structure model' 1 0 2011-08-03 
2 'Structure model' 1 1 2011-08-10 
3 'Structure model' 1 2 2011-09-14 
4 'Structure model' 1 3 2017-08-02 
5 'Structure model' 1 4 2023-09-13 
6 'Structure model' 1 5 2024-11-20 
# 
_pdbx_audit_revision_details.ordinal             1 
_pdbx_audit_revision_details.revision_ordinal    1 
_pdbx_audit_revision_details.data_content_type   'Structure model' 
_pdbx_audit_revision_details.provider            repository 
_pdbx_audit_revision_details.type                'Initial release' 
_pdbx_audit_revision_details.description         ? 
_pdbx_audit_revision_details.details             ? 
# 
loop_
_pdbx_audit_revision_group.ordinal 
_pdbx_audit_revision_group.revision_ordinal 
_pdbx_audit_revision_group.data_content_type 
_pdbx_audit_revision_group.group 
1  2 'Structure model' 'Database references'    
2  3 'Structure model' 'Database references'    
3  4 'Structure model' Advisory                 
4  4 'Structure model' 'Refinement description' 
5  4 'Structure model' 'Source and taxonomy'    
6  5 'Structure model' Advisory                 
7  5 'Structure model' 'Data collection'        
8  5 'Structure model' 'Database references'    
9  5 'Structure model' 'Derived calculations'   
10 5 'Structure model' 'Refinement description' 
11 6 'Structure model' 'Structure summary'      
# 
loop_
_pdbx_audit_revision_category.ordinal 
_pdbx_audit_revision_category.revision_ordinal 
_pdbx_audit_revision_category.data_content_type 
_pdbx_audit_revision_category.category 
1  4 'Structure model' entity_src_gen                
2  4 'Structure model' pdbx_unobs_or_zero_occ_atoms  
3  4 'Structure model' software                      
4  5 'Structure model' chem_comp_atom                
5  5 'Structure model' chem_comp_bond                
6  5 'Structure model' database_2                    
7  5 'Structure model' pdbx_initial_refinement_model 
8  5 'Structure model' pdbx_unobs_or_zero_occ_atoms  
9  5 'Structure model' struct_ref_seq_dif            
10 5 'Structure model' struct_site                   
11 6 'Structure model' pdbx_entry_details            
12 6 'Structure model' pdbx_modification_feature     
# 
loop_
_pdbx_audit_revision_item.ordinal 
_pdbx_audit_revision_item.revision_ordinal 
_pdbx_audit_revision_item.data_content_type 
_pdbx_audit_revision_item.item 
1 5 'Structure model' '_database_2.pdbx_DOI'                
2 5 'Structure model' '_database_2.pdbx_database_accession' 
3 5 'Structure model' '_struct_ref_seq_dif.details'         
4 5 'Structure model' '_struct_site.pdbx_auth_asym_id'      
5 5 'Structure model' '_struct_site.pdbx_auth_comp_id'      
6 5 'Structure model' '_struct_site.pdbx_auth_seq_id'       
# 
_pdbx_database_status.entry_id                        3S3Z 
_pdbx_database_status.status_code                     REL 
_pdbx_database_status.deposit_site                    RCSB 
_pdbx_database_status.process_site                    RCSB 
_pdbx_database_status.recvd_initial_deposition_date   2011-05-18 
_pdbx_database_status.status_code_sf                  REL 
_pdbx_database_status.status_code_mr                  ? 
_pdbx_database_status.SG_entry                        ? 
_pdbx_database_status.status_code_cs                  ? 
_pdbx_database_status.pdb_format_compatible           Y 
_pdbx_database_status.methods_development_category    ? 
_pdbx_database_status.status_code_nmr_data            ? 
# 
_pdbx_database_related.db_name        PDB 
_pdbx_database_related.db_id          3S3Y 
_pdbx_database_related.details        'Structure of CVN2L0' 
_pdbx_database_related.content_type   unspecified 
# 
loop_
_audit_author.name 
_audit_author.pdbx_ordinal 
'Keeffe, J.R.'   1 
'Bjorkman, P.J.' 2 
'Mayo, S.L.'     3 
# 
_citation.id                        primary 
_citation.title                     'Designed oligomers of cyanovirin-N show enhanced HIV neutralization.' 
_citation.journal_abbrev            Proc.Natl.Acad.Sci.USA 
_citation.journal_volume            108 
_citation.page_first                14079 
_citation.page_last                 14084 
_citation.year                      2011 
_citation.journal_id_ASTM           PNASA6 
_citation.country                   US 
_citation.journal_id_ISSN           0027-8424 
_citation.journal_id_CSD            0040 
_citation.book_publisher            ? 
_citation.pdbx_database_id_PubMed   21799112 
_citation.pdbx_database_id_DOI      10.1073/pnas.1108777108 
# 
loop_
_citation_author.citation_id 
_citation_author.name 
_citation_author.ordinal 
_citation_author.identifier_ORCID 
primary 'Keeffe, J.R.'        1 ? 
primary 'Gnanapragasam, P.N.' 2 ? 
primary 'Gillespie, S.K.'     3 ? 
primary 'Yong, J.'            4 ? 
primary 'Bjorkman, P.J.'      5 ? 
primary 'Mayo, S.L.'          6 ? 
# 
loop_
_entity.id 
_entity.type 
_entity.src_method 
_entity.pdbx_description 
_entity.formula_weight 
_entity.pdbx_number_of_molecules 
_entity.pdbx_ec 
_entity.pdbx_mutation 
_entity.pdbx_fragment 
_entity.details 
1 polymer     man 'Tandem Cyanovirin-N Dimer CVN2L10' 23999.215 1  ? ? ? ? 
2 non-polymer syn 'SODIUM ION'                        22.990    2  ? ? ? ? 
3 water       nat water                               18.015    87 ? ? ? ? 
# 
_entity_name_com.entity_id   1 
_entity_name_com.name        CV-N 
# 
_entity_poly.entity_id                      1 
_entity_poly.type                           'polypeptide(L)' 
_entity_poly.nstd_linkage                   no 
_entity_poly.nstd_monomer                   no 
_entity_poly.pdbx_seq_one_letter_code       
;GHHHHHHIEGRLGKFSQTCYNSAIQGSVLTSTCERTNGGYNTSSIDLNSVIENVDGSLKWQPSNFIETCRNTQLAGSSEL
AAECKTRAQQFVSTKINLDDHIANIDGTLKYEGGSGGGGSGGLGKFSQTCYNSAIQGSVLTSTCERTNGGYNTSSIDLNS
VIENVDGSLKWQPSNFIETCRNTQLAGSSELAAECKTRAQQFVSTKINLDDHIANIDGTLKYE
;
_entity_poly.pdbx_seq_one_letter_code_can   
;GHHHHHHIEGRLGKFSQTCYNSAIQGSVLTSTCERTNGGYNTSSIDLNSVIENVDGSLKWQPSNFIETCRNTQLAGSSEL
AAECKTRAQQFVSTKINLDDHIANIDGTLKYEGGSGGGGSGGLGKFSQTCYNSAIQGSVLTSTCERTNGGYNTSSIDLNS
VIENVDGSLKWQPSNFIETCRNTQLAGSSELAAECKTRAQQFVSTKINLDDHIANIDGTLKYE
;
_entity_poly.pdbx_strand_id                 A 
_entity_poly.pdbx_target_identifier         ? 
# 
loop_
_pdbx_entity_nonpoly.entity_id 
_pdbx_entity_nonpoly.name 
_pdbx_entity_nonpoly.comp_id 
2 'SODIUM ION' NA  
3 water        HOH 
# 
loop_
_entity_poly_seq.entity_id 
_entity_poly_seq.num 
_entity_poly_seq.mon_id 
_entity_poly_seq.hetero 
1 1   GLY n 
1 2   HIS n 
1 3   HIS n 
1 4   HIS n 
1 5   HIS n 
1 6   HIS n 
1 7   HIS n 
1 8   ILE n 
1 9   GLU n 
1 10  GLY n 
1 11  ARG n 
1 12  LEU n 
1 13  GLY n 
1 14  LYS n 
1 15  PHE n 
1 16  SER n 
1 17  GLN n 
1 18  THR n 
1 19  CYS n 
1 20  TYR n 
1 21  ASN n 
1 22  SER n 
1 23  ALA n 
1 24  ILE n 
1 25  GLN n 
1 26  GLY n 
1 27  SER n 
1 28  VAL n 
1 29  LEU n 
1 30  THR n 
1 31  SER n 
1 32  THR n 
1 33  CYS n 
1 34  GLU n 
1 35  ARG n 
1 36  THR n 
1 37  ASN n 
1 38  GLY n 
1 39  GLY n 
1 40  TYR n 
1 41  ASN n 
1 42  THR n 
1 43  SER n 
1 44  SER n 
1 45  ILE n 
1 46  ASP n 
1 47  LEU n 
1 48  ASN n 
1 49  SER n 
1 50  VAL n 
1 51  ILE n 
1 52  GLU n 
1 53  ASN n 
1 54  VAL n 
1 55  ASP n 
1 56  GLY n 
1 57  SER n 
1 58  LEU n 
1 59  LYS n 
1 60  TRP n 
1 61  GLN n 
1 62  PRO n 
1 63  SER n 
1 64  ASN n 
1 65  PHE n 
1 66  ILE n 
1 67  GLU n 
1 68  THR n 
1 69  CYS n 
1 70  ARG n 
1 71  ASN n 
1 72  THR n 
1 73  GLN n 
1 74  LEU n 
1 75  ALA n 
1 76  GLY n 
1 77  SER n 
1 78  SER n 
1 79  GLU n 
1 80  LEU n 
1 81  ALA n 
1 82  ALA n 
1 83  GLU n 
1 84  CYS n 
1 85  LYS n 
1 86  THR n 
1 87  ARG n 
1 88  ALA n 
1 89  GLN n 
1 90  GLN n 
1 91  PHE n 
1 92  VAL n 
1 93  SER n 
1 94  THR n 
1 95  LYS n 
1 96  ILE n 
1 97  ASN n 
1 98  LEU n 
1 99  ASP n 
1 100 ASP n 
1 101 HIS n 
1 102 ILE n 
1 103 ALA n 
1 104 ASN n 
1 105 ILE n 
1 106 ASP n 
1 107 GLY n 
1 108 THR n 
1 109 LEU n 
1 110 LYS n 
1 111 TYR n 
1 112 GLU n 
1 113 GLY n 
1 114 GLY n 
1 115 SER n 
1 116 GLY n 
1 117 GLY n 
1 118 GLY n 
1 119 GLY n 
1 120 SER n 
1 121 GLY n 
1 122 GLY n 
1 123 LEU n 
1 124 GLY n 
1 125 LYS n 
1 126 PHE n 
1 127 SER n 
1 128 GLN n 
1 129 THR n 
1 130 CYS n 
1 131 TYR n 
1 132 ASN n 
1 133 SER n 
1 134 ALA n 
1 135 ILE n 
1 136 GLN n 
1 137 GLY n 
1 138 SER n 
1 139 VAL n 
1 140 LEU n 
1 141 THR n 
1 142 SER n 
1 143 THR n 
1 144 CYS n 
1 145 GLU n 
1 146 ARG n 
1 147 THR n 
1 148 ASN n 
1 149 GLY n 
1 150 GLY n 
1 151 TYR n 
1 152 ASN n 
1 153 THR n 
1 154 SER n 
1 155 SER n 
1 156 ILE n 
1 157 ASP n 
1 158 LEU n 
1 159 ASN n 
1 160 SER n 
1 161 VAL n 
1 162 ILE n 
1 163 GLU n 
1 164 ASN n 
1 165 VAL n 
1 166 ASP n 
1 167 GLY n 
1 168 SER n 
1 169 LEU n 
1 170 LYS n 
1 171 TRP n 
1 172 GLN n 
1 173 PRO n 
1 174 SER n 
1 175 ASN n 
1 176 PHE n 
1 177 ILE n 
1 178 GLU n 
1 179 THR n 
1 180 CYS n 
1 181 ARG n 
1 182 ASN n 
1 183 THR n 
1 184 GLN n 
1 185 LEU n 
1 186 ALA n 
1 187 GLY n 
1 188 SER n 
1 189 SER n 
1 190 GLU n 
1 191 LEU n 
1 192 ALA n 
1 193 ALA n 
1 194 GLU n 
1 195 CYS n 
1 196 LYS n 
1 197 THR n 
1 198 ARG n 
1 199 ALA n 
1 200 GLN n 
1 201 GLN n 
1 202 PHE n 
1 203 VAL n 
1 204 SER n 
1 205 THR n 
1 206 LYS n 
1 207 ILE n 
1 208 ASN n 
1 209 LEU n 
1 210 ASP n 
1 211 ASP n 
1 212 HIS n 
1 213 ILE n 
1 214 ALA n 
1 215 ASN n 
1 216 ILE n 
1 217 ASP n 
1 218 GLY n 
1 219 THR n 
1 220 LEU n 
1 221 LYS n 
1 222 TYR n 
1 223 GLU n 
# 
loop_
_entity_src_gen.entity_id 
_entity_src_gen.pdbx_src_id 
_entity_src_gen.pdbx_alt_source_flag 
_entity_src_gen.pdbx_seq_type 
_entity_src_gen.pdbx_beg_seq_num 
_entity_src_gen.pdbx_end_seq_num 
_entity_src_gen.gene_src_common_name 
_entity_src_gen.gene_src_genus 
_entity_src_gen.pdbx_gene_src_gene 
_entity_src_gen.gene_src_species 
_entity_src_gen.gene_src_strain 
_entity_src_gen.gene_src_tissue 
_entity_src_gen.gene_src_tissue_fraction 
_entity_src_gen.gene_src_details 
_entity_src_gen.pdbx_gene_src_fragment 
_entity_src_gen.pdbx_gene_src_scientific_name 
_entity_src_gen.pdbx_gene_src_ncbi_taxonomy_id 
_entity_src_gen.pdbx_gene_src_variant 
_entity_src_gen.pdbx_gene_src_cell_line 
_entity_src_gen.pdbx_gene_src_atcc 
_entity_src_gen.pdbx_gene_src_organ 
_entity_src_gen.pdbx_gene_src_organelle 
_entity_src_gen.pdbx_gene_src_cell 
_entity_src_gen.pdbx_gene_src_cellular_location 
_entity_src_gen.host_org_common_name 
_entity_src_gen.pdbx_host_org_scientific_name 
_entity_src_gen.pdbx_host_org_ncbi_taxonomy_id 
_entity_src_gen.host_org_genus 
_entity_src_gen.pdbx_host_org_gene 
_entity_src_gen.pdbx_host_org_organ 
_entity_src_gen.host_org_species 
_entity_src_gen.pdbx_host_org_tissue 
_entity_src_gen.pdbx_host_org_tissue_fraction 
_entity_src_gen.pdbx_host_org_strain 
_entity_src_gen.pdbx_host_org_variant 
_entity_src_gen.pdbx_host_org_cell_line 
_entity_src_gen.pdbx_host_org_atcc 
_entity_src_gen.pdbx_host_org_culture_collection 
_entity_src_gen.pdbx_host_org_cell 
_entity_src_gen.pdbx_host_org_organelle 
_entity_src_gen.pdbx_host_org_cellular_location 
_entity_src_gen.pdbx_host_org_vector_type 
_entity_src_gen.pdbx_host_org_vector 
_entity_src_gen.host_org_details 
_entity_src_gen.expression_system_id 
_entity_src_gen.plasmid_name 
_entity_src_gen.plasmid_details 
_entity_src_gen.pdbx_description 
1 1 sample ? 12  112 ? ? ? ? ? ? ? ? ? 'Nostoc ellipsosporum' 45916 ? ? ? ? ? ? ? ? 'Escherichia coli' 562 ? ? ? ? ? ? 'BL21(DE3)' 
? ? ? ? ? ? ? plasmid ? ? ? pET11a ? ? 
1 2 sample ? 123 223 ? ? ? ? ? ? ? ? ? 'Nostoc ellipsosporum' 45916 ? ? ? ? ? ? ? ? 'Escherichia coli' 562 ? ? ? ? ? ? 'BL21(DE3)' 
? ? ? ? ? ? ? plasmid ? ? ? pET11a ? ? 
# 
loop_
_chem_comp.id 
_chem_comp.type 
_chem_comp.mon_nstd_flag 
_chem_comp.name 
_chem_comp.pdbx_synonyms 
_chem_comp.formula 
_chem_comp.formula_weight 
ALA 'L-peptide linking' y ALANINE         ? 'C3 H7 N O2'     89.093  
ARG 'L-peptide linking' y ARGININE        ? 'C6 H15 N4 O2 1' 175.209 
ASN 'L-peptide linking' y ASPARAGINE      ? 'C4 H8 N2 O3'    132.118 
ASP 'L-peptide linking' y 'ASPARTIC ACID' ? 'C4 H7 N O4'     133.103 
CYS 'L-peptide linking' y CYSTEINE        ? 'C3 H7 N O2 S'   121.158 
GLN 'L-peptide linking' y GLUTAMINE       ? 'C5 H10 N2 O3'   146.144 
GLU 'L-peptide linking' y 'GLUTAMIC ACID' ? 'C5 H9 N O4'     147.129 
GLY 'peptide linking'   y GLYCINE         ? 'C2 H5 N O2'     75.067  
HIS 'L-peptide linking' y HISTIDINE       ? 'C6 H10 N3 O2 1' 156.162 
HOH non-polymer         . WATER           ? 'H2 O'           18.015  
ILE 'L-peptide linking' y ISOLEUCINE      ? 'C6 H13 N O2'    131.173 
LEU 'L-peptide linking' y LEUCINE         ? 'C6 H13 N O2'    131.173 
LYS 'L-peptide linking' y LYSINE          ? 'C6 H15 N2 O2 1' 147.195 
NA  non-polymer         . 'SODIUM ION'    ? 'Na 1'           22.990  
PHE 'L-peptide linking' y PHENYLALANINE   ? 'C9 H11 N O2'    165.189 
PRO 'L-peptide linking' y PROLINE         ? 'C5 H9 N O2'     115.130 
SER 'L-peptide linking' y SERINE          ? 'C3 H7 N O3'     105.093 
THR 'L-peptide linking' y THREONINE       ? 'C4 H9 N O3'     119.119 
TRP 'L-peptide linking' y TRYPTOPHAN      ? 'C11 H12 N2 O2'  204.225 
TYR 'L-peptide linking' y TYROSINE        ? 'C9 H11 N O3'    181.189 
VAL 'L-peptide linking' y VALINE          ? 'C5 H11 N O2'    117.146 
# 
loop_
_pdbx_poly_seq_scheme.asym_id 
_pdbx_poly_seq_scheme.entity_id 
_pdbx_poly_seq_scheme.seq_id 
_pdbx_poly_seq_scheme.mon_id 
_pdbx_poly_seq_scheme.ndb_seq_num 
_pdbx_poly_seq_scheme.pdb_seq_num 
_pdbx_poly_seq_scheme.auth_seq_num 
_pdbx_poly_seq_scheme.pdb_mon_id 
_pdbx_poly_seq_scheme.auth_mon_id 
_pdbx_poly_seq_scheme.pdb_strand_id 
_pdbx_poly_seq_scheme.pdb_ins_code 
_pdbx_poly_seq_scheme.hetero 
A 1 1   GLY 1   -10 ?   ?   ?   A . n 
A 1 2   HIS 2   -9  ?   ?   ?   A . n 
A 1 3   HIS 3   -8  ?   ?   ?   A . n 
A 1 4   HIS 4   -7  ?   ?   ?   A . n 
A 1 5   HIS 5   -6  ?   ?   ?   A . n 
A 1 6   HIS 6   -5  ?   ?   ?   A . n 
A 1 7   HIS 7   -4  ?   ?   ?   A . n 
A 1 8   ILE 8   -3  ?   ?   ?   A . n 
A 1 9   GLU 9   -2  ?   ?   ?   A . n 
A 1 10  GLY 10  -1  -1  GLY GLY A . n 
A 1 11  ARG 11  0   0   ARG GLY A . n 
A 1 12  LEU 12  1   1   LEU LEU A . n 
A 1 13  GLY 13  2   2   GLY GLY A . n 
A 1 14  LYS 14  3   3   LYS LYS A . n 
A 1 15  PHE 15  4   4   PHE PHE A . n 
A 1 16  SER 16  5   5   SER SER A . n 
A 1 17  GLN 17  6   6   GLN GLN A . n 
A 1 18  THR 18  7   7   THR THR A . n 
A 1 19  CYS 19  8   8   CYS CYS A . n 
A 1 20  TYR 20  9   9   TYR TYR A . n 
A 1 21  ASN 21  10  10  ASN ASN A . n 
A 1 22  SER 22  11  11  SER SER A . n 
A 1 23  ALA 23  12  12  ALA ALA A . n 
A 1 24  ILE 24  13  13  ILE ILE A . n 
A 1 25  GLN 25  14  14  GLN GLN A . n 
A 1 26  GLY 26  15  15  GLY GLY A . n 
A 1 27  SER 27  16  16  SER SER A . n 
A 1 28  VAL 28  17  17  VAL VAL A . n 
A 1 29  LEU 29  18  18  LEU LEU A . n 
A 1 30  THR 30  19  19  THR THR A . n 
A 1 31  SER 31  20  20  SER SER A . n 
A 1 32  THR 32  21  21  THR THR A . n 
A 1 33  CYS 33  22  22  CYS CYS A . n 
A 1 34  GLU 34  23  23  GLU GLU A . n 
A 1 35  ARG 35  24  24  ARG ARG A . n 
A 1 36  THR 36  25  25  THR THR A . n 
A 1 37  ASN 37  26  26  ASN ASN A . n 
A 1 38  GLY 38  27  27  GLY GLY A . n 
A 1 39  GLY 39  28  28  GLY GLY A . n 
A 1 40  TYR 40  29  29  TYR TYR A . n 
A 1 41  ASN 41  30  30  ASN ASN A . n 
A 1 42  THR 42  31  31  THR THR A . n 
A 1 43  SER 43  32  32  SER SER A . n 
A 1 44  SER 44  33  33  SER SER A . n 
A 1 45  ILE 45  34  34  ILE ILE A . n 
A 1 46  ASP 46  35  35  ASP ASP A . n 
A 1 47  LEU 47  36  36  LEU LEU A . n 
A 1 48  ASN 48  37  37  ASN ASN A . n 
A 1 49  SER 49  38  38  SER SER A . n 
A 1 50  VAL 50  39  39  VAL VAL A . n 
A 1 51  ILE 51  40  40  ILE ILE A . n 
A 1 52  GLU 52  41  41  GLU GLU A . n 
A 1 53  ASN 53  42  42  ASN ASN A . n 
A 1 54  VAL 54  43  43  VAL VAL A . n 
A 1 55  ASP 55  44  44  ASP ASP A . n 
A 1 56  GLY 56  45  45  GLY GLY A . n 
A 1 57  SER 57  46  46  SER SER A . n 
A 1 58  LEU 58  47  47  LEU LEU A . n 
A 1 59  LYS 59  48  48  LYS LYS A . n 
A 1 60  TRP 60  49  49  TRP TRP A . n 
A 1 61  GLN 61  50  50  GLN GLN A . n 
A 1 62  PRO 62  51  51  PRO PRO A . n 
A 1 63  SER 63  52  52  SER SER A . n 
A 1 64  ASN 64  53  53  ASN ASN A . n 
A 1 65  PHE 65  54  54  PHE PHE A . n 
A 1 66  ILE 66  55  55  ILE ILE A . n 
A 1 67  GLU 67  56  56  GLU GLU A . n 
A 1 68  THR 68  57  57  THR THR A . n 
A 1 69  CYS 69  58  58  CYS CYS A . n 
A 1 70  ARG 70  59  59  ARG ARG A . n 
A 1 71  ASN 71  60  60  ASN ASN A . n 
A 1 72  THR 72  61  61  THR THR A . n 
A 1 73  GLN 73  62  62  GLN GLN A . n 
A 1 74  LEU 74  63  63  LEU LEU A . n 
A 1 75  ALA 75  64  64  ALA ALA A . n 
A 1 76  GLY 76  65  65  GLY GLY A . n 
A 1 77  SER 77  66  66  SER SER A . n 
A 1 78  SER 78  67  67  SER SER A . n 
A 1 79  GLU 79  68  68  GLU GLU A . n 
A 1 80  LEU 80  69  69  LEU LEU A . n 
A 1 81  ALA 81  70  70  ALA ALA A . n 
A 1 82  ALA 82  71  71  ALA ALA A . n 
A 1 83  GLU 83  72  72  GLU GLU A . n 
A 1 84  CYS 84  73  73  CYS CYS A . n 
A 1 85  LYS 85  74  74  LYS LYS A . n 
A 1 86  THR 86  75  75  THR THR A . n 
A 1 87  ARG 87  76  76  ARG ARG A . n 
A 1 88  ALA 88  77  77  ALA ALA A . n 
A 1 89  GLN 89  78  78  GLN GLN A . n 
A 1 90  GLN 90  79  79  GLN GLN A . n 
A 1 91  PHE 91  80  80  PHE PHE A . n 
A 1 92  VAL 92  81  81  VAL VAL A . n 
A 1 93  SER 93  82  82  SER SER A . n 
A 1 94  THR 94  83  83  THR THR A . n 
A 1 95  LYS 95  84  84  LYS LYS A . n 
A 1 96  ILE 96  85  85  ILE ILE A . n 
A 1 97  ASN 97  86  86  ASN ASN A . n 
A 1 98  LEU 98  87  87  LEU LEU A . n 
A 1 99  ASP 99  88  88  ASP ASP A . n 
A 1 100 ASP 100 89  89  ASP ASP A . n 
A 1 101 HIS 101 90  90  HIS HIS A . n 
A 1 102 ILE 102 91  91  ILE ILE A . n 
A 1 103 ALA 103 92  92  ALA ALA A . n 
A 1 104 ASN 104 93  93  ASN ASN A . n 
A 1 105 ILE 105 94  94  ILE ILE A . n 
A 1 106 ASP 106 95  95  ASP ASP A . n 
A 1 107 GLY 107 96  96  GLY GLY A . n 
A 1 108 THR 108 97  97  THR THR A . n 
A 1 109 LEU 109 98  98  LEU LEU A . n 
A 1 110 LYS 110 99  99  LYS LYS A . n 
A 1 111 TYR 111 100 100 TYR TYR A . n 
A 1 112 GLU 112 101 101 GLU GLU A . n 
A 1 113 GLY 113 102 102 GLY GLY A . n 
A 1 114 GLY 114 103 103 GLY GLY A . n 
A 1 115 SER 115 104 ?   ?   ?   A . n 
A 1 116 GLY 116 105 ?   ?   ?   A . n 
A 1 117 GLY 117 106 ?   ?   ?   A . n 
A 1 118 GLY 118 107 ?   ?   ?   A . n 
A 1 119 GLY 119 108 ?   ?   ?   A . n 
A 1 120 SER 120 109 ?   ?   ?   A . n 
A 1 121 GLY 121 110 ?   ?   ?   A . n 
A 1 122 GLY 122 111 ?   ?   ?   A . n 
A 1 123 LEU 123 112 ?   ?   ?   A . n 
A 1 124 GLY 124 113 ?   ?   ?   A . n 
A 1 125 LYS 125 114 ?   ?   ?   A . n 
A 1 126 PHE 126 115 ?   ?   ?   A . n 
A 1 127 SER 127 116 ?   ?   ?   A . n 
A 1 128 GLN 128 117 ?   ?   ?   A . n 
A 1 129 THR 129 118 ?   ?   ?   A . n 
A 1 130 CYS 130 119 ?   ?   ?   A . n 
A 1 131 TYR 131 120 ?   ?   ?   A . n 
A 1 132 ASN 132 121 ?   ?   ?   A . n 
A 1 133 SER 133 122 ?   ?   ?   A . n 
A 1 134 ALA 134 123 ?   ?   ?   A . n 
A 1 135 ILE 135 124 ?   ?   ?   A . n 
A 1 136 GLN 136 125 ?   ?   ?   A . n 
A 1 137 GLY 137 126 ?   ?   ?   A . n 
A 1 138 SER 138 127 ?   ?   ?   A . n 
A 1 139 VAL 139 128 ?   ?   ?   A . n 
A 1 140 LEU 140 129 ?   ?   ?   A . n 
A 1 141 THR 141 130 ?   ?   ?   A . n 
A 1 142 SER 142 131 ?   ?   ?   A . n 
A 1 143 THR 143 132 ?   ?   ?   A . n 
A 1 144 CYS 144 133 ?   ?   ?   A . n 
A 1 145 GLU 145 134 ?   ?   ?   A . n 
A 1 146 ARG 146 135 ?   ?   ?   A . n 
A 1 147 THR 147 136 ?   ?   ?   A . n 
A 1 148 ASN 148 137 ?   ?   ?   A . n 
A 1 149 GLY 149 138 ?   ?   ?   A . n 
A 1 150 GLY 150 139 ?   ?   ?   A . n 
A 1 151 TYR 151 140 ?   ?   ?   A . n 
A 1 152 ASN 152 141 ?   ?   ?   A . n 
A 1 153 THR 153 142 ?   ?   ?   A . n 
A 1 154 SER 154 143 ?   ?   ?   A . n 
A 1 155 SER 155 144 ?   ?   ?   A . n 
A 1 156 ILE 156 145 ?   ?   ?   A . n 
A 1 157 ASP 157 146 ?   ?   ?   A . n 
A 1 158 LEU 158 147 ?   ?   ?   A . n 
A 1 159 ASN 159 148 ?   ?   ?   A . n 
A 1 160 SER 160 149 ?   ?   ?   A . n 
A 1 161 VAL 161 150 ?   ?   ?   A . n 
A 1 162 ILE 162 151 ?   ?   ?   A . n 
A 1 163 GLU 163 152 ?   ?   ?   A . n 
A 1 164 ASN 164 153 ?   ?   ?   A . n 
A 1 165 VAL 165 154 ?   ?   ?   A . n 
A 1 166 ASP 166 155 ?   ?   ?   A . n 
A 1 167 GLY 167 156 ?   ?   ?   A . n 
A 1 168 SER 168 157 ?   ?   ?   A . n 
A 1 169 LEU 169 158 ?   ?   ?   A . n 
A 1 170 LYS 170 159 ?   ?   ?   A . n 
A 1 171 TRP 171 160 ?   ?   ?   A . n 
A 1 172 GLN 172 161 ?   ?   ?   A . n 
A 1 173 PRO 173 162 ?   ?   ?   A . n 
A 1 174 SER 174 163 ?   ?   ?   A . n 
A 1 175 ASN 175 164 ?   ?   ?   A . n 
A 1 176 PHE 176 165 ?   ?   ?   A . n 
A 1 177 ILE 177 166 ?   ?   ?   A . n 
A 1 178 GLU 178 167 ?   ?   ?   A . n 
A 1 179 THR 179 168 ?   ?   ?   A . n 
A 1 180 CYS 180 169 ?   ?   ?   A . n 
A 1 181 ARG 181 170 ?   ?   ?   A . n 
A 1 182 ASN 182 171 ?   ?   ?   A . n 
A 1 183 THR 183 172 ?   ?   ?   A . n 
A 1 184 GLN 184 173 ?   ?   ?   A . n 
A 1 185 LEU 185 174 ?   ?   ?   A . n 
A 1 186 ALA 186 175 ?   ?   ?   A . n 
A 1 187 GLY 187 176 ?   ?   ?   A . n 
A 1 188 SER 188 177 ?   ?   ?   A . n 
A 1 189 SER 189 178 ?   ?   ?   A . n 
A 1 190 GLU 190 179 ?   ?   ?   A . n 
A 1 191 LEU 191 180 ?   ?   ?   A . n 
A 1 192 ALA 192 181 ?   ?   ?   A . n 
A 1 193 ALA 193 182 ?   ?   ?   A . n 
A 1 194 GLU 194 183 ?   ?   ?   A . n 
A 1 195 CYS 195 184 ?   ?   ?   A . n 
A 1 196 LYS 196 185 ?   ?   ?   A . n 
A 1 197 THR 197 186 ?   ?   ?   A . n 
A 1 198 ARG 198 187 ?   ?   ?   A . n 
A 1 199 ALA 199 188 ?   ?   ?   A . n 
A 1 200 GLN 200 189 ?   ?   ?   A . n 
A 1 201 GLN 201 190 ?   ?   ?   A . n 
A 1 202 PHE 202 191 ?   ?   ?   A . n 
A 1 203 VAL 203 192 ?   ?   ?   A . n 
A 1 204 SER 204 193 ?   ?   ?   A . n 
A 1 205 THR 205 194 ?   ?   ?   A . n 
A 1 206 LYS 206 195 ?   ?   ?   A . n 
A 1 207 ILE 207 196 ?   ?   ?   A . n 
A 1 208 ASN 208 197 ?   ?   ?   A . n 
A 1 209 LEU 209 198 ?   ?   ?   A . n 
A 1 210 ASP 210 199 ?   ?   ?   A . n 
A 1 211 ASP 211 200 ?   ?   ?   A . n 
A 1 212 HIS 212 201 ?   ?   ?   A . n 
A 1 213 ILE 213 202 ?   ?   ?   A . n 
A 1 214 ALA 214 203 ?   ?   ?   A . n 
A 1 215 ASN 215 204 ?   ?   ?   A . n 
A 1 216 ILE 216 205 ?   ?   ?   A . n 
A 1 217 ASP 217 206 ?   ?   ?   A . n 
A 1 218 GLY 218 207 ?   ?   ?   A . n 
A 1 219 THR 219 208 ?   ?   ?   A . n 
A 1 220 LEU 220 209 ?   ?   ?   A . n 
A 1 221 LYS 221 210 ?   ?   ?   A . n 
A 1 222 TYR 222 211 ?   ?   ?   A . n 
A 1 223 GLU 223 212 ?   ?   ?   A . n 
# 
loop_
_pdbx_nonpoly_scheme.asym_id 
_pdbx_nonpoly_scheme.entity_id 
_pdbx_nonpoly_scheme.mon_id 
_pdbx_nonpoly_scheme.ndb_seq_num 
_pdbx_nonpoly_scheme.pdb_seq_num 
_pdbx_nonpoly_scheme.auth_seq_num 
_pdbx_nonpoly_scheme.pdb_mon_id 
_pdbx_nonpoly_scheme.auth_mon_id 
_pdbx_nonpoly_scheme.pdb_strand_id 
_pdbx_nonpoly_scheme.pdb_ins_code 
B 2 NA  1  213 1  NA  NA  A . 
C 2 NA  1  214 2  NA  NA  A . 
D 3 HOH 1  215 1  HOH HOH A . 
D 3 HOH 2  216 2  HOH HOH A . 
D 3 HOH 3  217 3  HOH HOH A . 
D 3 HOH 4  218 4  HOH HOH A . 
D 3 HOH 5  219 5  HOH HOH A . 
D 3 HOH 6  220 6  HOH HOH A . 
D 3 HOH 7  221 7  HOH HOH A . 
D 3 HOH 8  222 8  HOH HOH A . 
D 3 HOH 9  223 9  HOH HOH A . 
D 3 HOH 10 224 10 HOH HOH A . 
D 3 HOH 11 225 11 HOH HOH A . 
D 3 HOH 12 226 12 HOH HOH A . 
D 3 HOH 13 227 13 HOH HOH A . 
D 3 HOH 14 228 14 HOH HOH A . 
D 3 HOH 15 229 15 HOH HOH A . 
D 3 HOH 16 230 16 HOH HOH A . 
D 3 HOH 17 231 17 HOH HOH A . 
D 3 HOH 18 232 18 HOH HOH A . 
D 3 HOH 19 233 19 HOH HOH A . 
D 3 HOH 20 234 20 HOH HOH A . 
D 3 HOH 21 235 21 HOH HOH A . 
D 3 HOH 22 236 22 HOH HOH A . 
D 3 HOH 23 237 23 HOH HOH A . 
D 3 HOH 24 238 24 HOH HOH A . 
D 3 HOH 25 239 25 HOH HOH A . 
D 3 HOH 26 240 26 HOH HOH A . 
D 3 HOH 27 241 27 HOH HOH A . 
D 3 HOH 28 242 28 HOH HOH A . 
D 3 HOH 29 243 29 HOH HOH A . 
D 3 HOH 30 244 30 HOH HOH A . 
D 3 HOH 31 245 31 HOH HOH A . 
D 3 HOH 32 246 32 HOH HOH A . 
D 3 HOH 33 247 33 HOH HOH A . 
D 3 HOH 34 248 34 HOH HOH A . 
D 3 HOH 35 249 35 HOH HOH A . 
D 3 HOH 36 250 36 HOH HOH A . 
D 3 HOH 37 251 37 HOH HOH A . 
D 3 HOH 38 252 38 HOH HOH A . 
D 3 HOH 39 253 39 HOH HOH A . 
D 3 HOH 40 254 40 HOH HOH A . 
D 3 HOH 41 255 41 HOH HOH A . 
D 3 HOH 42 256 42 HOH HOH A . 
D 3 HOH 43 257 43 HOH HOH A . 
D 3 HOH 44 258 44 HOH HOH A . 
D 3 HOH 45 259 45 HOH HOH A . 
D 3 HOH 46 260 46 HOH HOH A . 
D 3 HOH 47 261 47 HOH HOH A . 
D 3 HOH 48 262 48 HOH HOH A . 
D 3 HOH 49 263 49 HOH HOH A . 
D 3 HOH 50 264 50 HOH HOH A . 
D 3 HOH 51 265 51 HOH HOH A . 
D 3 HOH 52 266 52 HOH HOH A . 
D 3 HOH 53 267 53 HOH HOH A . 
D 3 HOH 54 268 54 HOH HOH A . 
D 3 HOH 55 269 55 HOH HOH A . 
D 3 HOH 56 270 56 HOH HOH A . 
D 3 HOH 57 271 57 HOH HOH A . 
D 3 HOH 58 272 58 HOH HOH A . 
D 3 HOH 59 273 59 HOH HOH A . 
D 3 HOH 60 274 60 HOH HOH A . 
D 3 HOH 61 275 61 HOH HOH A . 
D 3 HOH 62 276 62 HOH HOH A . 
D 3 HOH 63 277 63 HOH HOH A . 
D 3 HOH 64 278 64 HOH HOH A . 
D 3 HOH 65 279 65 HOH HOH A . 
D 3 HOH 66 280 66 HOH HOH A . 
D 3 HOH 67 281 67 HOH HOH A . 
D 3 HOH 68 282 68 HOH HOH A . 
D 3 HOH 69 283 69 HOH HOH A . 
D 3 HOH 70 284 70 HOH HOH A . 
D 3 HOH 71 285 71 HOH HOH A . 
D 3 HOH 72 286 72 HOH HOH A . 
D 3 HOH 73 287 73 HOH HOH A . 
D 3 HOH 74 288 74 HOH HOH A . 
D 3 HOH 75 289 75 HOH HOH A . 
D 3 HOH 76 290 76 HOH HOH A . 
D 3 HOH 77 291 77 HOH HOH A . 
D 3 HOH 78 292 78 HOH HOH A . 
D 3 HOH 79 293 79 HOH HOH A . 
D 3 HOH 80 294 80 HOH HOH A . 
D 3 HOH 81 295 81 HOH HOH A . 
D 3 HOH 82 296 82 HOH HOH A . 
D 3 HOH 83 297 83 HOH HOH A . 
D 3 HOH 84 298 84 HOH HOH A . 
D 3 HOH 85 299 85 HOH HOH A . 
D 3 HOH 86 300 86 HOH HOH A . 
D 3 HOH 87 301 87 HOH HOH A . 
# 
loop_
_pdbx_unobs_or_zero_occ_atoms.id 
_pdbx_unobs_or_zero_occ_atoms.PDB_model_num 
_pdbx_unobs_or_zero_occ_atoms.polymer_flag 
_pdbx_unobs_or_zero_occ_atoms.occupancy_flag 
_pdbx_unobs_or_zero_occ_atoms.auth_asym_id 
_pdbx_unobs_or_zero_occ_atoms.auth_comp_id 
_pdbx_unobs_or_zero_occ_atoms.auth_seq_id 
_pdbx_unobs_or_zero_occ_atoms.PDB_ins_code 
_pdbx_unobs_or_zero_occ_atoms.auth_atom_id 
_pdbx_unobs_or_zero_occ_atoms.label_alt_id 
_pdbx_unobs_or_zero_occ_atoms.label_asym_id 
_pdbx_unobs_or_zero_occ_atoms.label_comp_id 
_pdbx_unobs_or_zero_occ_atoms.label_seq_id 
_pdbx_unobs_or_zero_occ_atoms.label_atom_id 
1  1 Y 1 A ARG 0  ? CB  ? A ARG 11 CB  
2  1 Y 1 A ARG 0  ? CG  ? A ARG 11 CG  
3  1 Y 1 A ARG 0  ? CD  ? A ARG 11 CD  
4  1 Y 1 A ARG 0  ? NE  ? A ARG 11 NE  
5  1 Y 1 A ARG 0  ? CZ  ? A ARG 11 CZ  
6  1 Y 1 A ARG 0  ? NH1 ? A ARG 11 NH1 
7  1 Y 1 A ARG 0  ? NH2 ? A ARG 11 NH2 
8  1 Y 0 A GLN 14 ? CD  ? A GLN 25 CD  
9  1 Y 0 A GLN 14 ? OE1 ? A GLN 25 OE1 
10 1 Y 0 A GLN 14 ? NE2 ? A GLN 25 NE2 
11 1 Y 0 A GLN 79 ? CD  ? A GLN 90 CD  
12 1 Y 0 A GLN 79 ? OE1 ? A GLN 90 OE1 
13 1 Y 0 A GLN 79 ? NE2 ? A GLN 90 NE2 
# 
loop_
_software.pdbx_ordinal 
_software.name 
_software.version 
_software.date 
_software.type 
_software.contact_author 
_software.contact_author_email 
_software.classification 
_software.location 
_software.language 
_software.citation_id 
1 MOSFLM      .      ?                          package 'Andrew G.W. Leslie' andrew@mrc-lmb.cam.ac.uk    'data reduction'  
http://www.mrc-lmb.cam.ac.uk/harry/mosflm/   ?          ? 
2 SCALA       3.2.25 21/9/2006                  other   'Phil R. Evans'      pre@mrc-lmb.cam.ac.uk       'data scaling'    
http://www.ccp4.ac.uk/dist/html/scala.html   Fortran_77 ? 
3 PHASER      1.3.3  'Tue Nov 14 15:28:12 2006' program 'Randy J. Read'      cimr-phaser@lists.cam.ac.uk phasing           
http://www-structmed.cimr.cam.ac.uk/phaser/  ?          ? 
4 REFMAC      .      ?                          program 'Garib N. Murshudov' garib@ysbl.york.ac.uk       refinement        
http://www.ccp4.ac.uk/dist/html/refmac5.html Fortran_77 ? 
5 PDB_EXTRACT 3.10   'June 10, 2010'            package PDB                  deposit@deposit.rcsb.org    'data extraction' 
http://sw-tools.pdb.org/apps/PDB_EXTRACT/    C++        ? 
6 Blu-Ice     .      ?                          ?       ?                    ?                           'data collection' ? ? ? 
# 
_cell.length_a           47.990 
_cell.length_b           47.990 
_cell.length_c           79.318 
_cell.angle_alpha        90.000 
_cell.angle_beta         90.000 
_cell.angle_gamma        120.000 
_cell.entry_id           3S3Z 
_cell.pdbx_unique_axis   ? 
_cell.Z_PDB              6 
_cell.length_a_esd       ? 
_cell.length_b_esd       ? 
_cell.length_c_esd       ? 
_cell.angle_alpha_esd    ? 
_cell.angle_beta_esd     ? 
_cell.angle_gamma_esd    ? 
# 
_symmetry.space_group_name_H-M             'P 32 2 1' 
_symmetry.entry_id                         3S3Z 
_symmetry.Int_Tables_number                154 
_symmetry.pdbx_full_space_group_name_H-M   ? 
_symmetry.cell_setting                     ? 
_symmetry.space_group_name_Hall            ? 
# 
_exptl.crystals_number   1 
_exptl.entry_id          3S3Z 
_exptl.method            'X-RAY DIFFRACTION' 
# 
_exptl_crystal.id                    1 
_exptl_crystal.density_Matthews      ? 
_exptl_crystal.density_meas          ? 
_exptl_crystal.density_percent_sol   ? 
_exptl_crystal.description           ? 
_exptl_crystal.F_000                 ? 
_exptl_crystal.preparation           ? 
# 
_exptl_crystal_grow.crystal_id      1 
_exptl_crystal_grow.method          'VAPOR DIFFUSION, SITTING DROP' 
_exptl_crystal_grow.pH              7.3 
_exptl_crystal_grow.temp            298 
_exptl_crystal_grow.pdbx_details    '20% PEG 3350, 0.2 M sodium fluoride, pH 7.3, VAPOR DIFFUSION, SITTING DROP, temperature 298K' 
_exptl_crystal_grow.temp_details    ? 
_exptl_crystal_grow.pdbx_pH_range   ? 
# 
_diffrn.id                     1 
_diffrn.ambient_temp           200 
_diffrn.ambient_temp_details   ? 
_diffrn.crystal_id             1 
# 
_diffrn_detector.diffrn_id              1 
_diffrn_detector.detector               CCD 
_diffrn_detector.type                   'MARMOSAIC 325 mm CCD' 
_diffrn_detector.pdbx_collection_date   2008-05-15 
_diffrn_detector.details                ? 
# 
_diffrn_radiation.diffrn_id                        1 
_diffrn_radiation.pdbx_diffrn_protocol             'SINGLE WAVELENGTH' 
_diffrn_radiation.monochromator                    'Liquid nitrogen-cooled double crystal' 
_diffrn_radiation.wavelength_id                    1 
_diffrn_radiation.pdbx_monochromatic_or_laue_m_l   M 
_diffrn_radiation.pdbx_scattering_type             x-ray 
# 
_diffrn_radiation_wavelength.id           1 
_diffrn_radiation_wavelength.wavelength   0.99984 
_diffrn_radiation_wavelength.wt           1.0 
# 
_diffrn_source.diffrn_id                   1 
_diffrn_source.source                      SYNCHROTRON 
_diffrn_source.type                        'SSRL BEAMLINE BL12-2' 
_diffrn_source.pdbx_wavelength_list        0.99984 
_diffrn_source.pdbx_wavelength             ? 
_diffrn_source.pdbx_synchrotron_site       SSRL 
_diffrn_source.pdbx_synchrotron_beamline   BL12-2 
# 
_reflns.entry_id                     3S3Z 
_reflns.d_resolution_high            1.750 
_reflns.d_resolution_low             41.560 
_reflns.number_all                   11158 
_reflns.number_obs                   11158 
_reflns.pdbx_Rmerge_I_obs            0.103 
_reflns.pdbx_netI_over_sigmaI        12.700 
_reflns.pdbx_Rsym_value              0.103 
_reflns.pdbx_redundancy              5.300 
_reflns.percent_possible_obs         100.000 
_reflns.observed_criterion_sigma_F   0 
_reflns.observed_criterion_sigma_I   0 
_reflns.B_iso_Wilson_estimate        ? 
_reflns.R_free_details               ? 
_reflns.limit_h_max                  ? 
_reflns.limit_h_min                  ? 
_reflns.limit_k_max                  ? 
_reflns.limit_k_min                  ? 
_reflns.limit_l_max                  ? 
_reflns.limit_l_min                  ? 
_reflns.observed_criterion_F_max     ? 
_reflns.observed_criterion_F_min     ? 
_reflns.pdbx_chi_squared             ? 
_reflns.pdbx_scaling_rejects         ? 
_reflns.pdbx_ordinal                 1 
_reflns.pdbx_diffrn_id               1 
# 
loop_
_reflns_shell.d_res_high 
_reflns_shell.d_res_low 
_reflns_shell.number_measured_obs 
_reflns_shell.number_measured_all 
_reflns_shell.number_unique_obs 
_reflns_shell.Rmerge_I_obs 
_reflns_shell.meanI_over_sigI_obs 
_reflns_shell.pdbx_Rsym_value 
_reflns_shell.pdbx_chi_squared 
_reflns_shell.pdbx_redundancy 
_reflns_shell.percent_possible_obs 
_reflns_shell.number_unique_all 
_reflns_shell.percent_possible_all 
_reflns_shell.pdbx_ordinal 
_reflns_shell.pdbx_diffrn_id 
1.750 1.840  ? 8422 ? 0.384 1.700 0.384 ? 5.200 ? 1606 100.00  1  1 
1.840 1.960  ? 8043 ? 0.245 2.600 0.245 ? 5.400 ? 1481 100.000 2  1 
1.960 2.090  ? 7789 ? 0.178 3.100 0.178 ? 5.400 ? 1446 100.000 3  1 
2.090 2.260  ? 7182 ? 0.138 3.800 0.138 ? 5.400 ? 1320 100.000 4  1 
2.260 2.480  ? 6615 ? 0.120 4.100 0.120 ? 5.400 ? 1227 100.000 5  1 
2.480 2.770  ? 6038 ? 0.099 5.100 0.099 ? 5.400 ? 1128 100.000 6  1 
2.770 3.200  ? 5417 ? 0.090 4.400 0.090 ? 5.300 ? 1021 100.000 7  1 
3.200 3.910  ? 4437 ? 0.087 5.300 0.087 ? 5.300 ? 841  100.000 8  1 
3.910 5.530  ? 3506 ? 0.080 6.400 0.080 ? 5.200 ? 680  100.000 9  1 
5.530 79.318 ? 1855 ? 0.068 7.600 0.068 ? 4.500 ? 408  98.500  10 1 
# 
_refine.entry_id                                 3S3Z 
_refine.ls_d_res_high                            1.7500 
_refine.ls_d_res_low                             36.8100 
_refine.pdbx_ls_sigma_F                          0.000 
_refine.pdbx_data_cutoff_high_absF               ? 
_refine.pdbx_data_cutoff_low_absF                ? 
_refine.ls_percent_reflns_obs                    99.8600 
_refine.ls_number_reflns_obs                     11116 
_refine.ls_number_reflns_all                     11644 
_refine.pdbx_ls_cross_valid_method               THROUGHOUT 
_refine.pdbx_R_Free_selection_details            RANDOM 
_refine.details                                  
;(1) Only half of the crystallized molecule is in the asymmetric unit. The entire polypeptide chain (biologically relevant molecule) is generated by the operations: Y, X, -Z. (2) Because only half of the biologically relevant molecule is in the asymmetric unit, the density corresponding to residue 0 in the structure is from both an Arg in the expression tag (residue 0 of the sequence) and a Gly from the linker (residue 111 of the sequence). Since side chain density was not seen, the backbone was modeled at 100% occupancy and the side chain was not modeled. (3) HYDROGENS HAVE BEEN ADDED IN THE RIDING POSITIONS.
;
_refine.ls_R_factor_all                          0.1895 
_refine.ls_R_factor_obs                          0.1895 
_refine.ls_R_factor_R_work                       0.1884 
_refine.ls_wR_factor_R_work                      0.1993 
_refine.ls_R_factor_R_free                       0.2118 
_refine.ls_wR_factor_R_free                      0.2150 
_refine.ls_percent_reflns_R_free                 4.7000 
_refine.ls_number_reflns_R_free                  528 
_refine.ls_R_factor_R_free_error                 ? 
_refine.B_iso_mean                               20.3458 
_refine.solvent_model_param_bsol                 ? 
_refine.solvent_model_param_ksol                 ? 
_refine.pdbx_isotropic_thermal_model             ? 
_refine.aniso_B[1][1]                            0.0100 
_refine.aniso_B[2][2]                            0.0100 
_refine.aniso_B[3][3]                            -0.0100 
_refine.aniso_B[1][2]                            0.0000 
_refine.aniso_B[1][3]                            0.0000 
_refine.aniso_B[2][3]                            0.0000 
_refine.correlation_coeff_Fo_to_Fc               0.9510 
_refine.correlation_coeff_Fo_to_Fc_free          0.9450 
_refine.overall_SU_R_Cruickshank_DPI             0.1209 
_refine.overall_SU_R_free                        0.1102 
_refine.pdbx_overall_ESU_R_Free                  0.1100 
_refine.overall_SU_ML                            0.0740 
_refine.overall_SU_B                             2.2600 
_refine.solvent_model_details                    MASK 
_refine.pdbx_solvent_vdw_probe_radii             1.2000 
_refine.pdbx_solvent_ion_probe_radii             0.8000 
_refine.pdbx_solvent_shrinkage_radii             0.8000 
_refine.ls_number_parameters                     ? 
_refine.ls_number_restraints                     ? 
_refine.pdbx_starting_model                      'PDB entry 3EZM' 
_refine.pdbx_method_to_determine_struct          'MOLECULAR REPLACEMENT' 
_refine.pdbx_stereochemistry_target_values       'MAXIMUM LIKELIHOOD' 
_refine.pdbx_stereochem_target_val_spec_case     ? 
_refine.overall_FOM_work_R_set                   0.8750 
_refine.B_iso_max                                48.950 
_refine.B_iso_min                                10.660 
_refine.pdbx_overall_phase_error                 ? 
_refine.occupancy_max                            1.000 
_refine.occupancy_min                            0.000 
_refine.pdbx_ls_sigma_I                          ? 
_refine.ls_redundancy_reflns_obs                 ? 
_refine.ls_R_factor_R_free_error_details         ? 
_refine.pdbx_data_cutoff_high_rms_absF           ? 
_refine.overall_FOM_free_R_set                   ? 
_refine.pdbx_diffrn_id                           1 
_refine.pdbx_refine_id                           'X-RAY DIFFRACTION' 
_refine.pdbx_overall_ESU_R                       ? 
_refine.pdbx_TLS_residual_ADP_flag               ? 
_refine.pdbx_overall_SU_R_free_Cruickshank_DPI   ? 
_refine.pdbx_overall_SU_R_Blow_DPI               ? 
_refine.pdbx_overall_SU_R_free_Blow_DPI          ? 
# 
_refine_hist.pdbx_refine_id                   'X-RAY DIFFRACTION' 
_refine_hist.cycle_id                         LAST 
_refine_hist.pdbx_number_atoms_protein        786 
_refine_hist.pdbx_number_atoms_nucleic_acid   0 
_refine_hist.pdbx_number_atoms_ligand         2 
_refine_hist.number_atoms_solvent             87 
_refine_hist.number_atoms_total               875 
_refine_hist.d_res_high                       1.7500 
_refine_hist.d_res_low                        36.8100 
# 
loop_
_refine_ls_restr.type 
_refine_ls_restr.number 
_refine_ls_restr.dev_ideal 
_refine_ls_restr.dev_ideal_target 
_refine_ls_restr.weight 
_refine_ls_restr.pdbx_restraint_function 
_refine_ls_restr.pdbx_refine_id 
r_bond_refined_d       835  0.011  0.022  ? ? 'X-RAY DIFFRACTION' 
r_angle_refined_deg    1141 1.351  1.944  ? ? 'X-RAY DIFFRACTION' 
r_dihedral_angle_1_deg 118  5.961  5.000  ? ? 'X-RAY DIFFRACTION' 
r_dihedral_angle_2_deg 38   32.431 26.316 ? ? 'X-RAY DIFFRACTION' 
r_dihedral_angle_3_deg 147  12.784 15.000 ? ? 'X-RAY DIFFRACTION' 
r_dihedral_angle_4_deg 3    23.205 15.000 ? ? 'X-RAY DIFFRACTION' 
r_chiral_restr         133  0.100  0.200  ? ? 'X-RAY DIFFRACTION' 
r_gen_planes_refined   632  0.005  0.020  ? ? 'X-RAY DIFFRACTION' 
r_mcbond_it            535  0.850  1.500  ? ? 'X-RAY DIFFRACTION' 
r_mcangle_it           867  1.549  2.000  ? ? 'X-RAY DIFFRACTION' 
r_scbond_it            300  2.464  3.000  ? ? 'X-RAY DIFFRACTION' 
r_scangle_it           267  4.345  4.500  ? ? 'X-RAY DIFFRACTION' 
# 
_refine_ls_shell.d_res_high                       1.7500 
_refine_ls_shell.d_res_low                        1.7960 
_refine_ls_shell.pdbx_total_number_of_bins_used   20 
_refine_ls_shell.percent_reflns_obs               99.2500 
_refine_ls_shell.number_reflns_R_work             758 
_refine_ls_shell.R_factor_all                     ? 
_refine_ls_shell.R_factor_R_work                  0.2170 
_refine_ls_shell.R_factor_R_free                  0.2530 
_refine_ls_shell.percent_reflns_R_free            ? 
_refine_ls_shell.number_reflns_R_free             31 
_refine_ls_shell.R_factor_R_free_error            ? 
_refine_ls_shell.number_reflns_all                789 
_refine_ls_shell.number_reflns_obs                ? 
_refine_ls_shell.redundancy_reflns_obs            ? 
_refine_ls_shell.pdbx_refine_id                   'X-RAY DIFFRACTION' 
# 
_struct.entry_id                  3S3Z 
_struct.title                     'Crystal Structure an Tandem Cyanovirin-N Dimer, CVN2L10' 
_struct.pdbx_model_details        ? 
_struct.pdbx_CASP_flag            ? 
_struct.pdbx_model_type_details   ? 
# 
_struct_keywords.entry_id        3S3Z 
_struct_keywords.text            'cyanovirin-N, sugar-binding, gp120, engineered dimer, ANTIVIRAL PROTEIN' 
_struct_keywords.pdbx_keywords   'ANTIVIRAL PROTEIN' 
# 
loop_
_struct_asym.id 
_struct_asym.pdbx_blank_PDB_chainid_flag 
_struct_asym.pdbx_modified 
_struct_asym.entity_id 
_struct_asym.details 
A N N 1 ? 
B N N 2 ? 
C N N 2 ? 
D N N 3 ? 
# 
_struct_ref.id                         1 
_struct_ref.db_name                    UNP 
_struct_ref.db_code                    CVN_NOSEL 
_struct_ref.pdbx_db_accession          P81180 
_struct_ref.entity_id                  1 
_struct_ref.pdbx_seq_one_letter_code   
;LGKFSQTCYNSAIQGSVLTSTCERTNGGYNTSSIDLNSVIENVDGSLKWQPSNFIETCRNTQLAGSSELAAECKTRAQQF
VSTKINLDDHIANIDGTLKYE
;
_struct_ref.pdbx_align_begin           1 
_struct_ref.pdbx_db_isoform            ? 
# 
loop_
_struct_ref_seq.align_id 
_struct_ref_seq.ref_id 
_struct_ref_seq.pdbx_PDB_id_code 
_struct_ref_seq.pdbx_strand_id 
_struct_ref_seq.seq_align_beg 
_struct_ref_seq.pdbx_seq_align_beg_ins_code 
_struct_ref_seq.seq_align_end 
_struct_ref_seq.pdbx_seq_align_end_ins_code 
_struct_ref_seq.pdbx_db_accession 
_struct_ref_seq.db_align_beg 
_struct_ref_seq.pdbx_db_align_beg_ins_code 
_struct_ref_seq.db_align_end 
_struct_ref_seq.pdbx_db_align_end_ins_code 
_struct_ref_seq.pdbx_auth_seq_align_beg 
_struct_ref_seq.pdbx_auth_seq_align_end 
1 1 3S3Z A 12  ? 112 ? P81180 1 ? 101 ? 1   101 
2 1 3S3Z A 123 ? 223 ? P81180 1 ? 101 ? 112 212 
# 
loop_
_struct_ref_seq_dif.align_id 
_struct_ref_seq_dif.pdbx_pdb_id_code 
_struct_ref_seq_dif.mon_id 
_struct_ref_seq_dif.pdbx_pdb_strand_id 
_struct_ref_seq_dif.seq_num 
_struct_ref_seq_dif.pdbx_pdb_ins_code 
_struct_ref_seq_dif.pdbx_seq_db_name 
_struct_ref_seq_dif.pdbx_seq_db_accession_code 
_struct_ref_seq_dif.db_mon_id 
_struct_ref_seq_dif.pdbx_seq_db_seq_num 
_struct_ref_seq_dif.details 
_struct_ref_seq_dif.pdbx_auth_seq_num 
_struct_ref_seq_dif.pdbx_ordinal 
1 3S3Z GLY A 1   ? UNP P81180 ? ? 'expression tag' -10 1  
1 3S3Z HIS A 2   ? UNP P81180 ? ? 'expression tag' -9  2  
1 3S3Z HIS A 3   ? UNP P81180 ? ? 'expression tag' -8  3  
1 3S3Z HIS A 4   ? UNP P81180 ? ? 'expression tag' -7  4  
1 3S3Z HIS A 5   ? UNP P81180 ? ? 'expression tag' -6  5  
1 3S3Z HIS A 6   ? UNP P81180 ? ? 'expression tag' -5  6  
1 3S3Z HIS A 7   ? UNP P81180 ? ? 'expression tag' -4  7  
1 3S3Z ILE A 8   ? UNP P81180 ? ? 'expression tag' -3  8  
1 3S3Z GLU A 9   ? UNP P81180 ? ? 'expression tag' -2  9  
1 3S3Z GLY A 10  ? UNP P81180 ? ? 'expression tag' -1  10 
1 3S3Z ARG A 11  ? UNP P81180 ? ? 'expression tag' 0   11 
1 3S3Z GLY A 113 ? UNP P81180 ? ? linker           102 12 
1 3S3Z GLY A 114 ? UNP P81180 ? ? linker           103 13 
1 3S3Z SER A 115 ? UNP P81180 ? ? linker           104 14 
1 3S3Z GLY A 116 ? UNP P81180 ? ? linker           105 15 
1 3S3Z GLY A 117 ? UNP P81180 ? ? linker           106 16 
1 3S3Z GLY A 118 ? UNP P81180 ? ? linker           107 17 
1 3S3Z GLY A 119 ? UNP P81180 ? ? linker           108 18 
1 3S3Z SER A 120 ? UNP P81180 ? ? linker           109 19 
1 3S3Z GLY A 121 ? UNP P81180 ? ? linker           110 20 
1 3S3Z GLY A 122 ? UNP P81180 ? ? linker           111 21 
# 
_pdbx_struct_assembly.id                   1 
_pdbx_struct_assembly.details              author_defined_assembly 
_pdbx_struct_assembly.method_details       ? 
_pdbx_struct_assembly.oligomeric_details   monomeric 
_pdbx_struct_assembly.oligomeric_count     1 
# 
_pdbx_struct_assembly_gen.assembly_id       1 
_pdbx_struct_assembly_gen.oper_expression   1 
_pdbx_struct_assembly_gen.asym_id_list      A,B,C,D 
# 
_pdbx_struct_oper_list.id                   1 
_pdbx_struct_oper_list.type                 'identity operation' 
_pdbx_struct_oper_list.name                 1_555 
_pdbx_struct_oper_list.symmetry_operation   x,y,z 
_pdbx_struct_oper_list.matrix[1][1]         1.0000000000 
_pdbx_struct_oper_list.matrix[1][2]         0.0000000000 
_pdbx_struct_oper_list.matrix[1][3]         0.0000000000 
_pdbx_struct_oper_list.vector[1]            0.0000000000 
_pdbx_struct_oper_list.matrix[2][1]         0.0000000000 
_pdbx_struct_oper_list.matrix[2][2]         1.0000000000 
_pdbx_struct_oper_list.matrix[2][3]         0.0000000000 
_pdbx_struct_oper_list.vector[2]            0.0000000000 
_pdbx_struct_oper_list.matrix[3][1]         0.0000000000 
_pdbx_struct_oper_list.matrix[3][2]         0.0000000000 
_pdbx_struct_oper_list.matrix[3][3]         1.0000000000 
_pdbx_struct_oper_list.vector[3]            0.0000000000 
# 
_struct_biol.id        1 
_struct_biol.details   
;Authors state that the biologically relevant molecule is generated by applying the crystallographic symmetry operations Y, X, -Z to the first half of the protein.
;
# 
loop_
_struct_conf.conf_type_id 
_struct_conf.id 
_struct_conf.pdbx_PDB_helix_id 
_struct_conf.beg_label_comp_id 
_struct_conf.beg_label_asym_id 
_struct_conf.beg_label_seq_id 
_struct_conf.pdbx_beg_PDB_ins_code 
_struct_conf.end_label_comp_id 
_struct_conf.end_label_asym_id 
_struct_conf.end_label_seq_id 
_struct_conf.pdbx_end_PDB_ins_code 
_struct_conf.beg_auth_comp_id 
_struct_conf.beg_auth_asym_id 
_struct_conf.beg_auth_seq_id 
_struct_conf.end_auth_comp_id 
_struct_conf.end_auth_asym_id 
_struct_conf.end_auth_seq_id 
_struct_conf.pdbx_PDB_helix_class 
_struct_conf.details 
_struct_conf.pdbx_PDB_helix_length 
HELX_P HELX_P1 1 LYS A 14 ? GLN A 17 ? LYS A 3  GLN A 6  5 ? 4 
HELX_P HELX_P2 2 ASN A 64 ? GLU A 67 ? ASN A 53 GLU A 56 5 ? 4 
# 
_struct_conf_type.id          HELX_P 
_struct_conf_type.criteria    ? 
_struct_conf_type.reference   ? 
# 
loop_
_struct_conn.id 
_struct_conn.conn_type_id 
_struct_conn.pdbx_leaving_atom_flag 
_struct_conn.pdbx_PDB_id 
_struct_conn.ptnr1_label_asym_id 
_struct_conn.ptnr1_label_comp_id 
_struct_conn.ptnr1_label_seq_id 
_struct_conn.ptnr1_label_atom_id 
_struct_conn.pdbx_ptnr1_label_alt_id 
_struct_conn.pdbx_ptnr1_PDB_ins_code 
_struct_conn.pdbx_ptnr1_standard_comp_id 
_struct_conn.ptnr1_symmetry 
_struct_conn.ptnr2_label_asym_id 
_struct_conn.ptnr2_label_comp_id 
_struct_conn.ptnr2_label_seq_id 
_struct_conn.ptnr2_label_atom_id 
_struct_conn.pdbx_ptnr2_label_alt_id 
_struct_conn.pdbx_ptnr2_PDB_ins_code 
_struct_conn.ptnr1_auth_asym_id 
_struct_conn.ptnr1_auth_comp_id 
_struct_conn.ptnr1_auth_seq_id 
_struct_conn.ptnr2_auth_asym_id 
_struct_conn.ptnr2_auth_comp_id 
_struct_conn.ptnr2_auth_seq_id 
_struct_conn.ptnr2_symmetry 
_struct_conn.pdbx_ptnr3_label_atom_id 
_struct_conn.pdbx_ptnr3_label_seq_id 
_struct_conn.pdbx_ptnr3_label_comp_id 
_struct_conn.pdbx_ptnr3_label_asym_id 
_struct_conn.pdbx_ptnr3_label_alt_id 
_struct_conn.pdbx_ptnr3_PDB_ins_code 
_struct_conn.details 
_struct_conn.pdbx_dist_value 
_struct_conn.pdbx_value_order 
_struct_conn.pdbx_role 
disulf1 disulf ? ? A CYS 19 SG ? ? ? 1_555 A CYS 33 SG ? ? A CYS 8   A CYS 22  1_555 ? ? ? ? ? ? ? 2.049 ? ? 
disulf2 disulf ? ? A CYS 69 SG ? ? ? 1_555 A CYS 84 SG ? ? A CYS 58  A CYS 73  1_555 ? ? ? ? ? ? ? 2.064 ? ? 
metalc1 metalc ? ? B NA  .  NA ? ? ? 1_555 D HOH .  O  ? ? A NA  213 A HOH 229 1_555 ? ? ? ? ? ? ? 2.776 ? ? 
# 
loop_
_struct_conn_type.id 
_struct_conn_type.criteria 
_struct_conn_type.reference 
disulf ? ? 
metalc ? ? 
# 
loop_
_pdbx_modification_feature.ordinal 
_pdbx_modification_feature.label_comp_id 
_pdbx_modification_feature.label_asym_id 
_pdbx_modification_feature.label_seq_id 
_pdbx_modification_feature.label_alt_id 
_pdbx_modification_feature.modified_residue_label_comp_id 
_pdbx_modification_feature.modified_residue_label_asym_id 
_pdbx_modification_feature.modified_residue_label_seq_id 
_pdbx_modification_feature.modified_residue_label_alt_id 
_pdbx_modification_feature.auth_comp_id 
_pdbx_modification_feature.auth_asym_id 
_pdbx_modification_feature.auth_seq_id 
_pdbx_modification_feature.PDB_ins_code 
_pdbx_modification_feature.symmetry 
_pdbx_modification_feature.modified_residue_auth_comp_id 
_pdbx_modification_feature.modified_residue_auth_asym_id 
_pdbx_modification_feature.modified_residue_auth_seq_id 
_pdbx_modification_feature.modified_residue_PDB_ins_code 
_pdbx_modification_feature.modified_residue_symmetry 
_pdbx_modification_feature.comp_id_linking_atom 
_pdbx_modification_feature.modified_residue_id_linking_atom 
_pdbx_modification_feature.modified_residue_id 
_pdbx_modification_feature.ref_pcm_id 
_pdbx_modification_feature.ref_comp_id 
_pdbx_modification_feature.type 
_pdbx_modification_feature.category 
1 CYS A 19 ? CYS A 33 ? CYS A 8  ? 1_555 CYS A 22 ? 1_555 SG SG . . . None 'Disulfide bridge' 
2 CYS A 69 ? CYS A 84 ? CYS A 58 ? 1_555 CYS A 73 ? 1_555 SG SG . . . None 'Disulfide bridge' 
# 
loop_
_struct_sheet.id 
_struct_sheet.type 
_struct_sheet.number_strands 
_struct_sheet.details 
A ? 3 ? 
B ? 2 ? 
C ? 3 ? 
D ? 2 ? 
# 
loop_
_struct_sheet_order.sheet_id 
_struct_sheet_order.range_id_1 
_struct_sheet_order.range_id_2 
_struct_sheet_order.offset 
_struct_sheet_order.sense 
A 1 2 ? anti-parallel 
A 2 3 ? anti-parallel 
B 1 2 ? anti-parallel 
C 1 2 ? anti-parallel 
C 2 3 ? anti-parallel 
D 1 2 ? anti-parallel 
# 
loop_
_struct_sheet_range.sheet_id 
_struct_sheet_range.id 
_struct_sheet_range.beg_label_comp_id 
_struct_sheet_range.beg_label_asym_id 
_struct_sheet_range.beg_label_seq_id 
_struct_sheet_range.pdbx_beg_PDB_ins_code 
_struct_sheet_range.end_label_comp_id 
_struct_sheet_range.end_label_asym_id 
_struct_sheet_range.end_label_seq_id 
_struct_sheet_range.pdbx_end_PDB_ins_code 
_struct_sheet_range.beg_auth_comp_id 
_struct_sheet_range.beg_auth_asym_id 
_struct_sheet_range.beg_auth_seq_id 
_struct_sheet_range.end_auth_comp_id 
_struct_sheet_range.end_auth_asym_id 
_struct_sheet_range.end_auth_seq_id 
A 1 CYS A 19  ? GLN A 25  ? CYS A 8  GLN A 14  
A 2 VAL A 28  ? GLU A 34  ? VAL A 17 GLU A 23  
A 3 TYR A 40  ? ASP A 46  ? TYR A 29 ASP A 35  
B 1 ILE A 51  ? VAL A 54  ? ILE A 40 VAL A 43  
B 2 SER A 57  ? TRP A 60  ? SER A 46 TRP A 49  
C 1 CYS A 69  ? ALA A 75  ? CYS A 58 ALA A 64  
C 2 GLU A 79  ? LYS A 85  ? GLU A 68 LYS A 74  
C 3 PHE A 91  ? ASN A 97  ? PHE A 80 ASN A 86  
D 1 ILE A 102 ? ILE A 105 ? ILE A 91 ILE A 94  
D 2 THR A 108 ? TYR A 111 ? THR A 97 TYR A 100 
# 
loop_
_pdbx_struct_sheet_hbond.sheet_id 
_pdbx_struct_sheet_hbond.range_id_1 
_pdbx_struct_sheet_hbond.range_id_2 
_pdbx_struct_sheet_hbond.range_1_label_atom_id 
_pdbx_struct_sheet_hbond.range_1_label_comp_id 
_pdbx_struct_sheet_hbond.range_1_label_asym_id 
_pdbx_struct_sheet_hbond.range_1_label_seq_id 
_pdbx_struct_sheet_hbond.range_1_PDB_ins_code 
_pdbx_struct_sheet_hbond.range_1_auth_atom_id 
_pdbx_struct_sheet_hbond.range_1_auth_comp_id 
_pdbx_struct_sheet_hbond.range_1_auth_asym_id 
_pdbx_struct_sheet_hbond.range_1_auth_seq_id 
_pdbx_struct_sheet_hbond.range_2_label_atom_id 
_pdbx_struct_sheet_hbond.range_2_label_comp_id 
_pdbx_struct_sheet_hbond.range_2_label_asym_id 
_pdbx_struct_sheet_hbond.range_2_label_seq_id 
_pdbx_struct_sheet_hbond.range_2_PDB_ins_code 
_pdbx_struct_sheet_hbond.range_2_auth_atom_id 
_pdbx_struct_sheet_hbond.range_2_auth_comp_id 
_pdbx_struct_sheet_hbond.range_2_auth_asym_id 
_pdbx_struct_sheet_hbond.range_2_auth_seq_id 
A 1 2 N TYR A 20  ? N TYR A 9  O THR A 32  ? O THR A 21 
A 2 3 N CYS A 33  ? N CYS A 22 O ASN A 41  ? O ASN A 30 
B 1 2 N GLU A 52  ? N GLU A 41 O LYS A 59  ? O LYS A 48 
C 1 2 N ALA A 75  ? N ALA A 64 O GLU A 79  ? O GLU A 68 
C 2 3 N LEU A 80  ? N LEU A 69 O ILE A 96  ? O ILE A 85 
D 1 2 N ALA A 103 ? N ALA A 92 O LYS A 110 ? O LYS A 99 
# 
loop_
_struct_site.id 
_struct_site.pdbx_evidence_code 
_struct_site.pdbx_auth_asym_id 
_struct_site.pdbx_auth_comp_id 
_struct_site.pdbx_auth_seq_id 
_struct_site.pdbx_auth_ins_code 
_struct_site.pdbx_num_residues 
_struct_site.details 
AC1 Software A NA 213 ? 6 'BINDING SITE FOR RESIDUE NA A 213' 
AC2 Software A NA 214 ? 5 'BINDING SITE FOR RESIDUE NA A 214' 
# 
loop_
_struct_site_gen.id 
_struct_site_gen.site_id 
_struct_site_gen.pdbx_num_res 
_struct_site_gen.label_comp_id 
_struct_site_gen.label_asym_id 
_struct_site_gen.label_seq_id 
_struct_site_gen.pdbx_auth_ins_code 
_struct_site_gen.auth_comp_id 
_struct_site_gen.auth_asym_id 
_struct_site_gen.auth_seq_id 
_struct_site_gen.label_atom_id 
_struct_site_gen.label_alt_id 
_struct_site_gen.symmetry 
_struct_site_gen.details 
1  AC1 6 ASN A 41  ? ASN A 30  . ? 1_555 ? 
2  AC1 6 ASN A 41  ? ASN A 30  . ? 5_675 ? 
3  AC1 6 THR A 42  ? THR A 31  . ? 1_555 ? 
4  AC1 6 THR A 42  ? THR A 31  . ? 5_675 ? 
5  AC1 6 HOH D .   ? HOH A 229 . ? 5_675 ? 
6  AC1 6 HOH D .   ? HOH A 229 . ? 1_555 ? 
7  AC2 5 SER A 57  ? SER A 46  . ? 2_664 ? 
8  AC2 5 THR A 94  ? THR A 83  . ? 6_664 ? 
9  AC2 5 ILE A 105 ? ILE A 94  . ? 1_555 ? 
10 AC2 5 HOH D .   ? HOH A 260 . ? 6_664 ? 
11 AC2 5 HOH D .   ? HOH A 288 . ? 6_664 ? 
# 
_pdbx_entry_details.entry_id                   3S3Z 
_pdbx_entry_details.compound_details           ? 
_pdbx_entry_details.source_details             ? 
_pdbx_entry_details.nonpolymer_details         ? 
_pdbx_entry_details.sequence_details           ? 
_pdbx_entry_details.has_ligand_of_interest     ? 
_pdbx_entry_details.has_protein_modification   Y 
# 
_pdbx_validate_close_contact.id               1 
_pdbx_validate_close_contact.PDB_model_num    1 
_pdbx_validate_close_contact.auth_atom_id_1   OE2 
_pdbx_validate_close_contact.auth_asym_id_1   A 
_pdbx_validate_close_contact.auth_comp_id_1   GLU 
_pdbx_validate_close_contact.auth_seq_id_1    23 
_pdbx_validate_close_contact.PDB_ins_code_1   ? 
_pdbx_validate_close_contact.label_alt_id_1   ? 
_pdbx_validate_close_contact.auth_atom_id_2   OH 
_pdbx_validate_close_contact.auth_asym_id_2   A 
_pdbx_validate_close_contact.auth_comp_id_2   TYR 
_pdbx_validate_close_contact.auth_seq_id_2    29 
_pdbx_validate_close_contact.PDB_ins_code_2   ? 
_pdbx_validate_close_contact.label_alt_id_2   ? 
_pdbx_validate_close_contact.dist             2.16 
# 
_pdbx_validate_rmsd_bond.id                        1 
_pdbx_validate_rmsd_bond.PDB_model_num             1 
_pdbx_validate_rmsd_bond.auth_atom_id_1            CG 
_pdbx_validate_rmsd_bond.auth_asym_id_1            A 
_pdbx_validate_rmsd_bond.auth_comp_id_1            GLN 
_pdbx_validate_rmsd_bond.auth_seq_id_1             14 
_pdbx_validate_rmsd_bond.PDB_ins_code_1            ? 
_pdbx_validate_rmsd_bond.label_alt_id_1            ? 
_pdbx_validate_rmsd_bond.auth_atom_id_2            CD 
_pdbx_validate_rmsd_bond.auth_asym_id_2            A 
_pdbx_validate_rmsd_bond.auth_comp_id_2            GLN 
_pdbx_validate_rmsd_bond.auth_seq_id_2             14 
_pdbx_validate_rmsd_bond.PDB_ins_code_2            ? 
_pdbx_validate_rmsd_bond.label_alt_id_2            ? 
_pdbx_validate_rmsd_bond.bond_value                1.662 
_pdbx_validate_rmsd_bond.bond_target_value         1.506 
_pdbx_validate_rmsd_bond.bond_deviation            0.156 
_pdbx_validate_rmsd_bond.bond_standard_deviation   0.023 
_pdbx_validate_rmsd_bond.linker_flag               N 
# 
loop_
_pdbx_validate_torsion.id 
_pdbx_validate_torsion.PDB_model_num 
_pdbx_validate_torsion.auth_comp_id 
_pdbx_validate_torsion.auth_asym_id 
_pdbx_validate_torsion.auth_seq_id 
_pdbx_validate_torsion.PDB_ins_code 
_pdbx_validate_torsion.label_alt_id 
_pdbx_validate_torsion.phi 
_pdbx_validate_torsion.psi 
1 1 ASN A 26 ? ? -99.89  31.26 
2 1 SER A 67 ? ? -147.93 -3.59 
3 1 HIS A 90 ? ? -143.29 -0.79 
# 
_pdbx_phasing_MR.entry_id                     3S3Z 
_pdbx_phasing_MR.method_rotation              ? 
_pdbx_phasing_MR.method_translation           ? 
_pdbx_phasing_MR.model_details                'Phaser MODE: MR_AUTO' 
_pdbx_phasing_MR.R_factor                     ? 
_pdbx_phasing_MR.R_rigid_body                 ? 
_pdbx_phasing_MR.correlation_coeff_Fo_to_Fc   ? 
_pdbx_phasing_MR.correlation_coeff_Io_to_Ic   ? 
_pdbx_phasing_MR.d_res_high_rotation          2.500 
_pdbx_phasing_MR.d_res_low_rotation           36.810 
_pdbx_phasing_MR.d_res_high_translation       2.500 
_pdbx_phasing_MR.d_res_low_translation        36.810 
_pdbx_phasing_MR.packing                      ? 
_pdbx_phasing_MR.reflns_percent_rotation      ? 
_pdbx_phasing_MR.reflns_percent_translation   ? 
_pdbx_phasing_MR.sigma_F_rotation             ? 
_pdbx_phasing_MR.sigma_F_translation          ? 
_pdbx_phasing_MR.sigma_I_rotation             ? 
_pdbx_phasing_MR.sigma_I_translation          ? 
# 
_phasing.method   MR 
# 
loop_
_pdbx_unobs_or_zero_occ_residues.id 
_pdbx_unobs_or_zero_occ_residues.PDB_model_num 
_pdbx_unobs_or_zero_occ_residues.polymer_flag 
_pdbx_unobs_or_zero_occ_residues.occupancy_flag 
_pdbx_unobs_or_zero_occ_residues.auth_asym_id 
_pdbx_unobs_or_zero_occ_residues.auth_comp_id 
_pdbx_unobs_or_zero_occ_residues.auth_seq_id 
_pdbx_unobs_or_zero_occ_residues.PDB_ins_code 
_pdbx_unobs_or_zero_occ_residues.label_asym_id 
_pdbx_unobs_or_zero_occ_residues.label_comp_id 
_pdbx_unobs_or_zero_occ_residues.label_seq_id 
1   1 Y 1 A GLY -10 ? A GLY 1   
2   1 Y 1 A HIS -9  ? A HIS 2   
3   1 Y 1 A HIS -8  ? A HIS 3   
4   1 Y 1 A HIS -7  ? A HIS 4   
5   1 Y 1 A HIS -6  ? A HIS 5   
6   1 Y 1 A HIS -5  ? A HIS 6   
7   1 Y 1 A HIS -4  ? A HIS 7   
8   1 Y 1 A ILE -3  ? A ILE 8   
9   1 Y 1 A GLU -2  ? A GLU 9   
10  1 Y 1 A SER 104 ? A SER 115 
11  1 Y 1 A GLY 105 ? A GLY 116 
12  1 Y 1 A GLY 106 ? A GLY 117 
13  1 Y 1 A GLY 107 ? A GLY 118 
14  1 Y 1 A GLY 108 ? A GLY 119 
15  1 Y 1 A SER 109 ? A SER 120 
16  1 Y 1 A GLY 110 ? A GLY 121 
17  1 Y 1 A GLY 111 ? A GLY 122 
18  1 Y 1 A LEU 112 ? A LEU 123 
19  1 Y 1 A GLY 113 ? A GLY 124 
20  1 Y 1 A LYS 114 ? A LYS 125 
21  1 Y 1 A PHE 115 ? A PHE 126 
22  1 Y 1 A SER 116 ? A SER 127 
23  1 Y 1 A GLN 117 ? A GLN 128 
24  1 Y 1 A THR 118 ? A THR 129 
25  1 Y 1 A CYS 119 ? A CYS 130 
26  1 Y 1 A TYR 120 ? A TYR 131 
27  1 Y 1 A ASN 121 ? A ASN 132 
28  1 Y 1 A SER 122 ? A SER 133 
29  1 Y 1 A ALA 123 ? A ALA 134 
30  1 Y 1 A ILE 124 ? A ILE 135 
31  1 Y 1 A GLN 125 ? A GLN 136 
32  1 Y 1 A GLY 126 ? A GLY 137 
33  1 Y 1 A SER 127 ? A SER 138 
34  1 Y 1 A VAL 128 ? A VAL 139 
35  1 Y 1 A LEU 129 ? A LEU 140 
36  1 Y 1 A THR 130 ? A THR 141 
37  1 Y 1 A SER 131 ? A SER 142 
38  1 Y 1 A THR 132 ? A THR 143 
39  1 Y 1 A CYS 133 ? A CYS 144 
40  1 Y 1 A GLU 134 ? A GLU 145 
41  1 Y 1 A ARG 135 ? A ARG 146 
42  1 Y 1 A THR 136 ? A THR 147 
43  1 Y 1 A ASN 137 ? A ASN 148 
44  1 Y 1 A GLY 138 ? A GLY 149 
45  1 Y 1 A GLY 139 ? A GLY 150 
46  1 Y 1 A TYR 140 ? A TYR 151 
47  1 Y 1 A ASN 141 ? A ASN 152 
48  1 Y 1 A THR 142 ? A THR 153 
49  1 Y 1 A SER 143 ? A SER 154 
50  1 Y 1 A SER 144 ? A SER 155 
51  1 Y 1 A ILE 145 ? A ILE 156 
52  1 Y 1 A ASP 146 ? A ASP 157 
53  1 Y 1 A LEU 147 ? A LEU 158 
54  1 Y 1 A ASN 148 ? A ASN 159 
55  1 Y 1 A SER 149 ? A SER 160 
56  1 Y 1 A VAL 150 ? A VAL 161 
57  1 Y 1 A ILE 151 ? A ILE 162 
58  1 Y 1 A GLU 152 ? A GLU 163 
59  1 Y 1 A ASN 153 ? A ASN 164 
60  1 Y 1 A VAL 154 ? A VAL 165 
61  1 Y 1 A ASP 155 ? A ASP 166 
62  1 Y 1 A GLY 156 ? A GLY 167 
63  1 Y 1 A SER 157 ? A SER 168 
64  1 Y 1 A LEU 158 ? A LEU 169 
65  1 Y 1 A LYS 159 ? A LYS 170 
66  1 Y 1 A TRP 160 ? A TRP 171 
67  1 Y 1 A GLN 161 ? A GLN 172 
68  1 Y 1 A PRO 162 ? A PRO 173 
69  1 Y 1 A SER 163 ? A SER 174 
70  1 Y 1 A ASN 164 ? A ASN 175 
71  1 Y 1 A PHE 165 ? A PHE 176 
72  1 Y 1 A ILE 166 ? A ILE 177 
73  1 Y 1 A GLU 167 ? A GLU 178 
74  1 Y 1 A THR 168 ? A THR 179 
75  1 Y 1 A CYS 169 ? A CYS 180 
76  1 Y 1 A ARG 170 ? A ARG 181 
77  1 Y 1 A ASN 171 ? A ASN 182 
78  1 Y 1 A THR 172 ? A THR 183 
79  1 Y 1 A GLN 173 ? A GLN 184 
80  1 Y 1 A LEU 174 ? A LEU 185 
81  1 Y 1 A ALA 175 ? A ALA 186 
82  1 Y 1 A GLY 176 ? A GLY 187 
83  1 Y 1 A SER 177 ? A SER 188 
84  1 Y 1 A SER 178 ? A SER 189 
85  1 Y 1 A GLU 179 ? A GLU 190 
86  1 Y 1 A LEU 180 ? A LEU 191 
87  1 Y 1 A ALA 181 ? A ALA 192 
88  1 Y 1 A ALA 182 ? A ALA 193 
89  1 Y 1 A GLU 183 ? A GLU 194 
90  1 Y 1 A CYS 184 ? A CYS 195 
91  1 Y 1 A LYS 185 ? A LYS 196 
92  1 Y 1 A THR 186 ? A THR 197 
93  1 Y 1 A ARG 187 ? A ARG 198 
94  1 Y 1 A ALA 188 ? A ALA 199 
95  1 Y 1 A GLN 189 ? A GLN 200 
96  1 Y 1 A GLN 190 ? A GLN 201 
97  1 Y 1 A PHE 191 ? A PHE 202 
98  1 Y 1 A VAL 192 ? A VAL 203 
99  1 Y 1 A SER 193 ? A SER 204 
100 1 Y 1 A THR 194 ? A THR 205 
101 1 Y 1 A LYS 195 ? A LYS 206 
102 1 Y 1 A ILE 196 ? A ILE 207 
103 1 Y 1 A ASN 197 ? A ASN 208 
104 1 Y 1 A LEU 198 ? A LEU 209 
105 1 Y 1 A ASP 199 ? A ASP 210 
106 1 Y 1 A ASP 200 ? A ASP 211 
107 1 Y 1 A HIS 201 ? A HIS 212 
108 1 Y 1 A ILE 202 ? A ILE 213 
109 1 Y 1 A ALA 203 ? A ALA 214 
110 1 Y 1 A ASN 204 ? A ASN 215 
111 1 Y 1 A ILE 205 ? A ILE 216 
112 1 Y 1 A ASP 206 ? A ASP 217 
113 1 Y 1 A GLY 207 ? A GLY 218 
114 1 Y 1 A THR 208 ? A THR 219 
115 1 Y 1 A LEU 209 ? A LEU 220 
116 1 Y 1 A LYS 210 ? A LYS 221 
117 1 Y 1 A TYR 211 ? A TYR 222 
118 1 Y 1 A GLU 212 ? A GLU 223 
# 
loop_
_chem_comp_atom.comp_id 
_chem_comp_atom.atom_id 
_chem_comp_atom.type_symbol 
_chem_comp_atom.pdbx_aromatic_flag 
_chem_comp_atom.pdbx_stereo_config 
_chem_comp_atom.pdbx_ordinal 
ALA N    N  N N 1   
ALA CA   C  N S 2   
ALA C    C  N N 3   
ALA O    O  N N 4   
ALA CB   C  N N 5   
ALA OXT  O  N N 6   
ALA H    H  N N 7   
ALA H2   H  N N 8   
ALA HA   H  N N 9   
ALA HB1  H  N N 10  
ALA HB2  H  N N 11  
ALA HB3  H  N N 12  
ALA HXT  H  N N 13  
ARG N    N  N N 14  
ARG CA   C  N S 15  
ARG C    C  N N 16  
ARG O    O  N N 17  
ARG CB   C  N N 18  
ARG CG   C  N N 19  
ARG CD   C  N N 20  
ARG NE   N  N N 21  
ARG CZ   C  N N 22  
ARG NH1  N  N N 23  
ARG NH2  N  N N 24  
ARG OXT  O  N N 25  
ARG H    H  N N 26  
ARG H2   H  N N 27  
ARG HA   H  N N 28  
ARG HB2  H  N N 29  
ARG HB3  H  N N 30  
ARG HG2  H  N N 31  
ARG HG3  H  N N 32  
ARG HD2  H  N N 33  
ARG HD3  H  N N 34  
ARG HE   H  N N 35  
ARG HH11 H  N N 36  
ARG HH12 H  N N 37  
ARG HH21 H  N N 38  
ARG HH22 H  N N 39  
ARG HXT  H  N N 40  
ASN N    N  N N 41  
ASN CA   C  N S 42  
ASN C    C  N N 43  
ASN O    O  N N 44  
ASN CB   C  N N 45  
ASN CG   C  N N 46  
ASN OD1  O  N N 47  
ASN ND2  N  N N 48  
ASN OXT  O  N N 49  
ASN H    H  N N 50  
ASN H2   H  N N 51  
ASN HA   H  N N 52  
ASN HB2  H  N N 53  
ASN HB3  H  N N 54  
ASN HD21 H  N N 55  
ASN HD22 H  N N 56  
ASN HXT  H  N N 57  
ASP N    N  N N 58  
ASP CA   C  N S 59  
ASP C    C  N N 60  
ASP O    O  N N 61  
ASP CB   C  N N 62  
ASP CG   C  N N 63  
ASP OD1  O  N N 64  
ASP OD2  O  N N 65  
ASP OXT  O  N N 66  
ASP H    H  N N 67  
ASP H2   H  N N 68  
ASP HA   H  N N 69  
ASP HB2  H  N N 70  
ASP HB3  H  N N 71  
ASP HD2  H  N N 72  
ASP HXT  H  N N 73  
CYS N    N  N N 74  
CYS CA   C  N R 75  
CYS C    C  N N 76  
CYS O    O  N N 77  
CYS CB   C  N N 78  
CYS SG   S  N N 79  
CYS OXT  O  N N 80  
CYS H    H  N N 81  
CYS H2   H  N N 82  
CYS HA   H  N N 83  
CYS HB2  H  N N 84  
CYS HB3  H  N N 85  
CYS HG   H  N N 86  
CYS HXT  H  N N 87  
GLN N    N  N N 88  
GLN CA   C  N S 89  
GLN C    C  N N 90  
GLN O    O  N N 91  
GLN CB   C  N N 92  
GLN CG   C  N N 93  
GLN CD   C  N N 94  
GLN OE1  O  N N 95  
GLN NE2  N  N N 96  
GLN OXT  O  N N 97  
GLN H    H  N N 98  
GLN H2   H  N N 99  
GLN HA   H  N N 100 
GLN HB2  H  N N 101 
GLN HB3  H  N N 102 
GLN HG2  H  N N 103 
GLN HG3  H  N N 104 
GLN HE21 H  N N 105 
GLN HE22 H  N N 106 
GLN HXT  H  N N 107 
GLU N    N  N N 108 
GLU CA   C  N S 109 
GLU C    C  N N 110 
GLU O    O  N N 111 
GLU CB   C  N N 112 
GLU CG   C  N N 113 
GLU CD   C  N N 114 
GLU OE1  O  N N 115 
GLU OE2  O  N N 116 
GLU OXT  O  N N 117 
GLU H    H  N N 118 
GLU H2   H  N N 119 
GLU HA   H  N N 120 
GLU HB2  H  N N 121 
GLU HB3  H  N N 122 
GLU HG2  H  N N 123 
GLU HG3  H  N N 124 
GLU HE2  H  N N 125 
GLU HXT  H  N N 126 
GLY N    N  N N 127 
GLY CA   C  N N 128 
GLY C    C  N N 129 
GLY O    O  N N 130 
GLY OXT  O  N N 131 
GLY H    H  N N 132 
GLY H2   H  N N 133 
GLY HA2  H  N N 134 
GLY HA3  H  N N 135 
GLY HXT  H  N N 136 
HIS N    N  N N 137 
HIS CA   C  N S 138 
HIS C    C  N N 139 
HIS O    O  N N 140 
HIS CB   C  N N 141 
HIS CG   C  Y N 142 
HIS ND1  N  Y N 143 
HIS CD2  C  Y N 144 
HIS CE1  C  Y N 145 
HIS NE2  N  Y N 146 
HIS OXT  O  N N 147 
HIS H    H  N N 148 
HIS H2   H  N N 149 
HIS HA   H  N N 150 
HIS HB2  H  N N 151 
HIS HB3  H  N N 152 
HIS HD1  H  N N 153 
HIS HD2  H  N N 154 
HIS HE1  H  N N 155 
HIS HE2  H  N N 156 
HIS HXT  H  N N 157 
HOH O    O  N N 158 
HOH H1   H  N N 159 
HOH H2   H  N N 160 
ILE N    N  N N 161 
ILE CA   C  N S 162 
ILE C    C  N N 163 
ILE O    O  N N 164 
ILE CB   C  N S 165 
ILE CG1  C  N N 166 
ILE CG2  C  N N 167 
ILE CD1  C  N N 168 
ILE OXT  O  N N 169 
ILE H    H  N N 170 
ILE H2   H  N N 171 
ILE HA   H  N N 172 
ILE HB   H  N N 173 
ILE HG12 H  N N 174 
ILE HG13 H  N N 175 
ILE HG21 H  N N 176 
ILE HG22 H  N N 177 
ILE HG23 H  N N 178 
ILE HD11 H  N N 179 
ILE HD12 H  N N 180 
ILE HD13 H  N N 181 
ILE HXT  H  N N 182 
LEU N    N  N N 183 
LEU CA   C  N S 184 
LEU C    C  N N 185 
LEU O    O  N N 186 
LEU CB   C  N N 187 
LEU CG   C  N N 188 
LEU CD1  C  N N 189 
LEU CD2  C  N N 190 
LEU OXT  O  N N 191 
LEU H    H  N N 192 
LEU H2   H  N N 193 
LEU HA   H  N N 194 
LEU HB2  H  N N 195 
LEU HB3  H  N N 196 
LEU HG   H  N N 197 
LEU HD11 H  N N 198 
LEU HD12 H  N N 199 
LEU HD13 H  N N 200 
LEU HD21 H  N N 201 
LEU HD22 H  N N 202 
LEU HD23 H  N N 203 
LEU HXT  H  N N 204 
LYS N    N  N N 205 
LYS CA   C  N S 206 
LYS C    C  N N 207 
LYS O    O  N N 208 
LYS CB   C  N N 209 
LYS CG   C  N N 210 
LYS CD   C  N N 211 
LYS CE   C  N N 212 
LYS NZ   N  N N 213 
LYS OXT  O  N N 214 
LYS H    H  N N 215 
LYS H2   H  N N 216 
LYS HA   H  N N 217 
LYS HB2  H  N N 218 
LYS HB3  H  N N 219 
LYS HG2  H  N N 220 
LYS HG3  H  N N 221 
LYS HD2  H  N N 222 
LYS HD3  H  N N 223 
LYS HE2  H  N N 224 
LYS HE3  H  N N 225 
LYS HZ1  H  N N 226 
LYS HZ2  H  N N 227 
LYS HZ3  H  N N 228 
LYS HXT  H  N N 229 
NA  NA   NA N N 230 
PHE N    N  N N 231 
PHE CA   C  N S 232 
PHE C    C  N N 233 
PHE O    O  N N 234 
PHE CB   C  N N 235 
PHE CG   C  Y N 236 
PHE CD1  C  Y N 237 
PHE CD2  C  Y N 238 
PHE CE1  C  Y N 239 
PHE CE2  C  Y N 240 
PHE CZ   C  Y N 241 
PHE OXT  O  N N 242 
PHE H    H  N N 243 
PHE H2   H  N N 244 
PHE HA   H  N N 245 
PHE HB2  H  N N 246 
PHE HB3  H  N N 247 
PHE HD1  H  N N 248 
PHE HD2  H  N N 249 
PHE HE1  H  N N 250 
PHE HE2  H  N N 251 
PHE HZ   H  N N 252 
PHE HXT  H  N N 253 
PRO N    N  N N 254 
PRO CA   C  N S 255 
PRO C    C  N N 256 
PRO O    O  N N 257 
PRO CB   C  N N 258 
PRO CG   C  N N 259 
PRO CD   C  N N 260 
PRO OXT  O  N N 261 
PRO H    H  N N 262 
PRO HA   H  N N 263 
PRO HB2  H  N N 264 
PRO HB3  H  N N 265 
PRO HG2  H  N N 266 
PRO HG3  H  N N 267 
PRO HD2  H  N N 268 
PRO HD3  H  N N 269 
PRO HXT  H  N N 270 
SER N    N  N N 271 
SER CA   C  N S 272 
SER C    C  N N 273 
SER O    O  N N 274 
SER CB   C  N N 275 
SER OG   O  N N 276 
SER OXT  O  N N 277 
SER H    H  N N 278 
SER H2   H  N N 279 
SER HA   H  N N 280 
SER HB2  H  N N 281 
SER HB3  H  N N 282 
SER HG   H  N N 283 
SER HXT  H  N N 284 
THR N    N  N N 285 
THR CA   C  N S 286 
THR C    C  N N 287 
THR O    O  N N 288 
THR CB   C  N R 289 
THR OG1  O  N N 290 
THR CG2  C  N N 291 
THR OXT  O  N N 292 
THR H    H  N N 293 
THR H2   H  N N 294 
THR HA   H  N N 295 
THR HB   H  N N 296 
THR HG1  H  N N 297 
THR HG21 H  N N 298 
THR HG22 H  N N 299 
THR HG23 H  N N 300 
THR HXT  H  N N 301 
TRP N    N  N N 302 
TRP CA   C  N S 303 
TRP C    C  N N 304 
TRP O    O  N N 305 
TRP CB   C  N N 306 
TRP CG   C  Y N 307 
TRP CD1  C  Y N 308 
TRP CD2  C  Y N 309 
TRP NE1  N  Y N 310 
TRP CE2  C  Y N 311 
TRP CE3  C  Y N 312 
TRP CZ2  C  Y N 313 
TRP CZ3  C  Y N 314 
TRP CH2  C  Y N 315 
TRP OXT  O  N N 316 
TRP H    H  N N 317 
TRP H2   H  N N 318 
TRP HA   H  N N 319 
TRP HB2  H  N N 320 
TRP HB3  H  N N 321 
TRP HD1  H  N N 322 
TRP HE1  H  N N 323 
TRP HE3  H  N N 324 
TRP HZ2  H  N N 325 
TRP HZ3  H  N N 326 
TRP HH2  H  N N 327 
TRP HXT  H  N N 328 
TYR N    N  N N 329 
TYR CA   C  N S 330 
TYR C    C  N N 331 
TYR O    O  N N 332 
TYR CB   C  N N 333 
TYR CG   C  Y N 334 
TYR CD1  C  Y N 335 
TYR CD2  C  Y N 336 
TYR CE1  C  Y N 337 
TYR CE2  C  Y N 338 
TYR CZ   C  Y N 339 
TYR OH   O  N N 340 
TYR OXT  O  N N 341 
TYR H    H  N N 342 
TYR H2   H  N N 343 
TYR HA   H  N N 344 
TYR HB2  H  N N 345 
TYR HB3  H  N N 346 
TYR HD1  H  N N 347 
TYR HD2  H  N N 348 
TYR HE1  H  N N 349 
TYR HE2  H  N N 350 
TYR HH   H  N N 351 
TYR HXT  H  N N 352 
VAL N    N  N N 353 
VAL CA   C  N S 354 
VAL C    C  N N 355 
VAL O    O  N N 356 
VAL CB   C  N N 357 
VAL CG1  C  N N 358 
VAL CG2  C  N N 359 
VAL OXT  O  N N 360 
VAL H    H  N N 361 
VAL H2   H  N N 362 
VAL HA   H  N N 363 
VAL HB   H  N N 364 
VAL HG11 H  N N 365 
VAL HG12 H  N N 366 
VAL HG13 H  N N 367 
VAL HG21 H  N N 368 
VAL HG22 H  N N 369 
VAL HG23 H  N N 370 
VAL HXT  H  N N 371 
# 
loop_
_chem_comp_bond.comp_id 
_chem_comp_bond.atom_id_1 
_chem_comp_bond.atom_id_2 
_chem_comp_bond.value_order 
_chem_comp_bond.pdbx_aromatic_flag 
_chem_comp_bond.pdbx_stereo_config 
_chem_comp_bond.pdbx_ordinal 
ALA N   CA   sing N N 1   
ALA N   H    sing N N 2   
ALA N   H2   sing N N 3   
ALA CA  C    sing N N 4   
ALA CA  CB   sing N N 5   
ALA CA  HA   sing N N 6   
ALA C   O    doub N N 7   
ALA C   OXT  sing N N 8   
ALA CB  HB1  sing N N 9   
ALA CB  HB2  sing N N 10  
ALA CB  HB3  sing N N 11  
ALA OXT HXT  sing N N 12  
ARG N   CA   sing N N 13  
ARG N   H    sing N N 14  
ARG N   H2   sing N N 15  
ARG CA  C    sing N N 16  
ARG CA  CB   sing N N 17  
ARG CA  HA   sing N N 18  
ARG C   O    doub N N 19  
ARG C   OXT  sing N N 20  
ARG CB  CG   sing N N 21  
ARG CB  HB2  sing N N 22  
ARG CB  HB3  sing N N 23  
ARG CG  CD   sing N N 24  
ARG CG  HG2  sing N N 25  
ARG CG  HG3  sing N N 26  
ARG CD  NE   sing N N 27  
ARG CD  HD2  sing N N 28  
ARG CD  HD3  sing N N 29  
ARG NE  CZ   sing N N 30  
ARG NE  HE   sing N N 31  
ARG CZ  NH1  sing N N 32  
ARG CZ  NH2  doub N N 33  
ARG NH1 HH11 sing N N 34  
ARG NH1 HH12 sing N N 35  
ARG NH2 HH21 sing N N 36  
ARG NH2 HH22 sing N N 37  
ARG OXT HXT  sing N N 38  
ASN N   CA   sing N N 39  
ASN N   H    sing N N 40  
ASN N   H2   sing N N 41  
ASN CA  C    sing N N 42  
ASN CA  CB   sing N N 43  
ASN CA  HA   sing N N 44  
ASN C   O    doub N N 45  
ASN C   OXT  sing N N 46  
ASN CB  CG   sing N N 47  
ASN CB  HB2  sing N N 48  
ASN CB  HB3  sing N N 49  
ASN CG  OD1  doub N N 50  
ASN CG  ND2  sing N N 51  
ASN ND2 HD21 sing N N 52  
ASN ND2 HD22 sing N N 53  
ASN OXT HXT  sing N N 54  
ASP N   CA   sing N N 55  
ASP N   H    sing N N 56  
ASP N   H2   sing N N 57  
ASP CA  C    sing N N 58  
ASP CA  CB   sing N N 59  
ASP CA  HA   sing N N 60  
ASP C   O    doub N N 61  
ASP C   OXT  sing N N 62  
ASP CB  CG   sing N N 63  
ASP CB  HB2  sing N N 64  
ASP CB  HB3  sing N N 65  
ASP CG  OD1  doub N N 66  
ASP CG  OD2  sing N N 67  
ASP OD2 HD2  sing N N 68  
ASP OXT HXT  sing N N 69  
CYS N   CA   sing N N 70  
CYS N   H    sing N N 71  
CYS N   H2   sing N N 72  
CYS CA  C    sing N N 73  
CYS CA  CB   sing N N 74  
CYS CA  HA   sing N N 75  
CYS C   O    doub N N 76  
CYS C   OXT  sing N N 77  
CYS CB  SG   sing N N 78  
CYS CB  HB2  sing N N 79  
CYS CB  HB3  sing N N 80  
CYS SG  HG   sing N N 81  
CYS OXT HXT  sing N N 82  
GLN N   CA   sing N N 83  
GLN N   H    sing N N 84  
GLN N   H2   sing N N 85  
GLN CA  C    sing N N 86  
GLN CA  CB   sing N N 87  
GLN CA  HA   sing N N 88  
GLN C   O    doub N N 89  
GLN C   OXT  sing N N 90  
GLN CB  CG   sing N N 91  
GLN CB  HB2  sing N N 92  
GLN CB  HB3  sing N N 93  
GLN CG  CD   sing N N 94  
GLN CG  HG2  sing N N 95  
GLN CG  HG3  sing N N 96  
GLN CD  OE1  doub N N 97  
GLN CD  NE2  sing N N 98  
GLN NE2 HE21 sing N N 99  
GLN NE2 HE22 sing N N 100 
GLN OXT HXT  sing N N 101 
GLU N   CA   sing N N 102 
GLU N   H    sing N N 103 
GLU N   H2   sing N N 104 
GLU CA  C    sing N N 105 
GLU CA  CB   sing N N 106 
GLU CA  HA   sing N N 107 
GLU C   O    doub N N 108 
GLU C   OXT  sing N N 109 
GLU CB  CG   sing N N 110 
GLU CB  HB2  sing N N 111 
GLU CB  HB3  sing N N 112 
GLU CG  CD   sing N N 113 
GLU CG  HG2  sing N N 114 
GLU CG  HG3  sing N N 115 
GLU CD  OE1  doub N N 116 
GLU CD  OE2  sing N N 117 
GLU OE2 HE2  sing N N 118 
GLU OXT HXT  sing N N 119 
GLY N   CA   sing N N 120 
GLY N   H    sing N N 121 
GLY N   H2   sing N N 122 
GLY CA  C    sing N N 123 
GLY CA  HA2  sing N N 124 
GLY CA  HA3  sing N N 125 
GLY C   O    doub N N 126 
GLY C   OXT  sing N N 127 
GLY OXT HXT  sing N N 128 
HIS N   CA   sing N N 129 
HIS N   H    sing N N 130 
HIS N   H2   sing N N 131 
HIS CA  C    sing N N 132 
HIS CA  CB   sing N N 133 
HIS CA  HA   sing N N 134 
HIS C   O    doub N N 135 
HIS C   OXT  sing N N 136 
HIS CB  CG   sing N N 137 
HIS CB  HB2  sing N N 138 
HIS CB  HB3  sing N N 139 
HIS CG  ND1  sing Y N 140 
HIS CG  CD2  doub Y N 141 
HIS ND1 CE1  doub Y N 142 
HIS ND1 HD1  sing N N 143 
HIS CD2 NE2  sing Y N 144 
HIS CD2 HD2  sing N N 145 
HIS CE1 NE2  sing Y N 146 
HIS CE1 HE1  sing N N 147 
HIS NE2 HE2  sing N N 148 
HIS OXT HXT  sing N N 149 
HOH O   H1   sing N N 150 
HOH O   H2   sing N N 151 
ILE N   CA   sing N N 152 
ILE N   H    sing N N 153 
ILE N   H2   sing N N 154 
ILE CA  C    sing N N 155 
ILE CA  CB   sing N N 156 
ILE CA  HA   sing N N 157 
ILE C   O    doub N N 158 
ILE C   OXT  sing N N 159 
ILE CB  CG1  sing N N 160 
ILE CB  CG2  sing N N 161 
ILE CB  HB   sing N N 162 
ILE CG1 CD1  sing N N 163 
ILE CG1 HG12 sing N N 164 
ILE CG1 HG13 sing N N 165 
ILE CG2 HG21 sing N N 166 
ILE CG2 HG22 sing N N 167 
ILE CG2 HG23 sing N N 168 
ILE CD1 HD11 sing N N 169 
ILE CD1 HD12 sing N N 170 
ILE CD1 HD13 sing N N 171 
ILE OXT HXT  sing N N 172 
LEU N   CA   sing N N 173 
LEU N   H    sing N N 174 
LEU N   H2   sing N N 175 
LEU CA  C    sing N N 176 
LEU CA  CB   sing N N 177 
LEU CA  HA   sing N N 178 
LEU C   O    doub N N 179 
LEU C   OXT  sing N N 180 
LEU CB  CG   sing N N 181 
LEU CB  HB2  sing N N 182 
LEU CB  HB3  sing N N 183 
LEU CG  CD1  sing N N 184 
LEU CG  CD2  sing N N 185 
LEU CG  HG   sing N N 186 
LEU CD1 HD11 sing N N 187 
LEU CD1 HD12 sing N N 188 
LEU CD1 HD13 sing N N 189 
LEU CD2 HD21 sing N N 190 
LEU CD2 HD22 sing N N 191 
LEU CD2 HD23 sing N N 192 
LEU OXT HXT  sing N N 193 
LYS N   CA   sing N N 194 
LYS N   H    sing N N 195 
LYS N   H2   sing N N 196 
LYS CA  C    sing N N 197 
LYS CA  CB   sing N N 198 
LYS CA  HA   sing N N 199 
LYS C   O    doub N N 200 
LYS C   OXT  sing N N 201 
LYS CB  CG   sing N N 202 
LYS CB  HB2  sing N N 203 
LYS CB  HB3  sing N N 204 
LYS CG  CD   sing N N 205 
LYS CG  HG2  sing N N 206 
LYS CG  HG3  sing N N 207 
LYS CD  CE   sing N N 208 
LYS CD  HD2  sing N N 209 
LYS CD  HD3  sing N N 210 
LYS CE  NZ   sing N N 211 
LYS CE  HE2  sing N N 212 
LYS CE  HE3  sing N N 213 
LYS NZ  HZ1  sing N N 214 
LYS NZ  HZ2  sing N N 215 
LYS NZ  HZ3  sing N N 216 
LYS OXT HXT  sing N N 217 
PHE N   CA   sing N N 218 
PHE N   H    sing N N 219 
PHE N   H2   sing N N 220 
PHE CA  C    sing N N 221 
PHE CA  CB   sing N N 222 
PHE CA  HA   sing N N 223 
PHE C   O    doub N N 224 
PHE C   OXT  sing N N 225 
PHE CB  CG   sing N N 226 
PHE CB  HB2  sing N N 227 
PHE CB  HB3  sing N N 228 
PHE CG  CD1  doub Y N 229 
PHE CG  CD2  sing Y N 230 
PHE CD1 CE1  sing Y N 231 
PHE CD1 HD1  sing N N 232 
PHE CD2 CE2  doub Y N 233 
PHE CD2 HD2  sing N N 234 
PHE CE1 CZ   doub Y N 235 
PHE CE1 HE1  sing N N 236 
PHE CE2 CZ   sing Y N 237 
PHE CE2 HE2  sing N N 238 
PHE CZ  HZ   sing N N 239 
PHE OXT HXT  sing N N 240 
PRO N   CA   sing N N 241 
PRO N   CD   sing N N 242 
PRO N   H    sing N N 243 
PRO CA  C    sing N N 244 
PRO CA  CB   sing N N 245 
PRO CA  HA   sing N N 246 
PRO C   O    doub N N 247 
PRO C   OXT  sing N N 248 
PRO CB  CG   sing N N 249 
PRO CB  HB2  sing N N 250 
PRO CB  HB3  sing N N 251 
PRO CG  CD   sing N N 252 
PRO CG  HG2  sing N N 253 
PRO CG  HG3  sing N N 254 
PRO CD  HD2  sing N N 255 
PRO CD  HD3  sing N N 256 
PRO OXT HXT  sing N N 257 
SER N   CA   sing N N 258 
SER N   H    sing N N 259 
SER N   H2   sing N N 260 
SER CA  C    sing N N 261 
SER CA  CB   sing N N 262 
SER CA  HA   sing N N 263 
SER C   O    doub N N 264 
SER C   OXT  sing N N 265 
SER CB  OG   sing N N 266 
SER CB  HB2  sing N N 267 
SER CB  HB3  sing N N 268 
SER OG  HG   sing N N 269 
SER OXT HXT  sing N N 270 
THR N   CA   sing N N 271 
THR N   H    sing N N 272 
THR N   H2   sing N N 273 
THR CA  C    sing N N 274 
THR CA  CB   sing N N 275 
THR CA  HA   sing N N 276 
THR C   O    doub N N 277 
THR C   OXT  sing N N 278 
THR CB  OG1  sing N N 279 
THR CB  CG2  sing N N 280 
THR CB  HB   sing N N 281 
THR OG1 HG1  sing N N 282 
THR CG2 HG21 sing N N 283 
THR CG2 HG22 sing N N 284 
THR CG2 HG23 sing N N 285 
THR OXT HXT  sing N N 286 
TRP N   CA   sing N N 287 
TRP N   H    sing N N 288 
TRP N   H2   sing N N 289 
TRP CA  C    sing N N 290 
TRP CA  CB   sing N N 291 
TRP CA  HA   sing N N 292 
TRP C   O    doub N N 293 
TRP C   OXT  sing N N 294 
TRP CB  CG   sing N N 295 
TRP CB  HB2  sing N N 296 
TRP CB  HB3  sing N N 297 
TRP CG  CD1  doub Y N 298 
TRP CG  CD2  sing Y N 299 
TRP CD1 NE1  sing Y N 300 
TRP CD1 HD1  sing N N 301 
TRP CD2 CE2  doub Y N 302 
TRP CD2 CE3  sing Y N 303 
TRP NE1 CE2  sing Y N 304 
TRP NE1 HE1  sing N N 305 
TRP CE2 CZ2  sing Y N 306 
TRP CE3 CZ3  doub Y N 307 
TRP CE3 HE3  sing N N 308 
TRP CZ2 CH2  doub Y N 309 
TRP CZ2 HZ2  sing N N 310 
TRP CZ3 CH2  sing Y N 311 
TRP CZ3 HZ3  sing N N 312 
TRP CH2 HH2  sing N N 313 
TRP OXT HXT  sing N N 314 
TYR N   CA   sing N N 315 
TYR N   H    sing N N 316 
TYR N   H2   sing N N 317 
TYR CA  C    sing N N 318 
TYR CA  CB   sing N N 319 
TYR CA  HA   sing N N 320 
TYR C   O    doub N N 321 
TYR C   OXT  sing N N 322 
TYR CB  CG   sing N N 323 
TYR CB  HB2  sing N N 324 
TYR CB  HB3  sing N N 325 
TYR CG  CD1  doub Y N 326 
TYR CG  CD2  sing Y N 327 
TYR CD1 CE1  sing Y N 328 
TYR CD1 HD1  sing N N 329 
TYR CD2 CE2  doub Y N 330 
TYR CD2 HD2  sing N N 331 
TYR CE1 CZ   doub Y N 332 
TYR CE1 HE1  sing N N 333 
TYR CE2 CZ   sing Y N 334 
TYR CE2 HE2  sing N N 335 
TYR CZ  OH   sing N N 336 
TYR OH  HH   sing N N 337 
TYR OXT HXT  sing N N 338 
VAL N   CA   sing N N 339 
VAL N   H    sing N N 340 
VAL N   H2   sing N N 341 
VAL CA  C    sing N N 342 
VAL CA  CB   sing N N 343 
VAL CA  HA   sing N N 344 
VAL C   O    doub N N 345 
VAL C   OXT  sing N N 346 
VAL CB  CG1  sing N N 347 
VAL CB  CG2  sing N N 348 
VAL CB  HB   sing N N 349 
VAL CG1 HG11 sing N N 350 
VAL CG1 HG12 sing N N 351 
VAL CG1 HG13 sing N N 352 
VAL CG2 HG21 sing N N 353 
VAL CG2 HG22 sing N N 354 
VAL CG2 HG23 sing N N 355 
VAL OXT HXT  sing N N 356 
# 
_pdbx_initial_refinement_model.id               1 
_pdbx_initial_refinement_model.entity_id_list   ? 
_pdbx_initial_refinement_model.type             'experimental model' 
_pdbx_initial_refinement_model.source_name      PDB 
_pdbx_initial_refinement_model.accession_code   3EZM 
_pdbx_initial_refinement_model.details          'PDB entry 3EZM' 
# 
_atom_sites.entry_id                    3S3Z 
_atom_sites.fract_transf_matrix[1][1]   -0.01892704 
_atom_sites.fract_transf_matrix[1][2]   0.00797411 
_atom_sites.fract_transf_matrix[1][3]   0.01253586 
_atom_sites.fract_transf_matrix[2][1]   0.00243311 
_atom_sites.fract_transf_matrix[2][2]   0.01881757 
_atom_sites.fract_transf_matrix[2][3]   0.01479563 
_atom_sites.fract_transf_matrix[3][1]   -0.00296508 
_atom_sites.fract_transf_matrix[3][2]   0.00780894 
_atom_sites.fract_transf_matrix[3][3]   -0.00944407 
_atom_sites.fract_transf_vector[1]      0.462877 
_atom_sites.fract_transf_vector[2]      0.443905 
_atom_sites.fract_transf_vector[3]      0.030696 
# 
loop_
_atom_type.symbol 
C  
N  
NA 
O  
S  
# 
loop_
_atom_site.group_PDB 
_atom_site.id 
_atom_site.type_symbol 
_atom_site.label_atom_id 
_atom_site.label_alt_id 
_atom_site.label_comp_id 
_atom_site.label_asym_id 
_atom_site.label_entity_id 
_atom_site.label_seq_id 
_atom_site.pdbx_PDB_ins_code 
_atom_site.Cartn_x 
_atom_site.Cartn_y 
_atom_site.Cartn_z 
_atom_site.occupancy 
_atom_site.B_iso_or_equiv 
_atom_site.pdbx_formal_charge 
_atom_site.auth_seq_id 
_atom_site.auth_comp_id 
_atom_site.auth_asym_id 
_atom_site.auth_atom_id 
_atom_site.pdbx_PDB_model_num 
ATOM   1   N  N   . GLY A 1 10  ? -3.823  9.473   -19.131 0.50 28.66 ? -1  GLY A N   1 
ATOM   2   C  CA  . GLY A 1 10  ? -3.608  8.850   -17.788 0.50 28.65 ? -1  GLY A CA  1 
ATOM   3   C  C   . GLY A 1 10  ? -2.814  9.764   -16.881 0.50 28.46 ? -1  GLY A C   1 
ATOM   4   O  O   . GLY A 1 10  ? -1.738  9.405   -16.404 0.50 28.39 ? -1  GLY A O   1 
ATOM   5   N  N   . ARG A 1 11  ? -3.358  10.951  -16.637 0.50 28.28 ? 0   ARG A N   1 
ATOM   6   C  CA  . ARG A 1 11  ? -2.642  11.980  -15.892 0.50 27.58 ? 0   ARG A CA  1 
ATOM   7   C  C   . ARG A 1 11  ? -2.742  11.865  -14.386 0.50 27.25 ? 0   ARG A C   1 
ATOM   8   O  O   . ARG A 1 11  ? -3.136  12.827  -13.716 0.50 27.30 ? 0   ARG A O   1 
ATOM   9   N  N   . LEU A 1 12  ? -2.394  10.696  -13.842 1.00 26.87 ? 1   LEU A N   1 
ATOM   10  C  CA  . LEU A 1 12  ? -2.249  10.574  -12.388 1.00 26.17 ? 1   LEU A CA  1 
ATOM   11  C  C   . LEU A 1 12  ? -0.946  11.292  -11.994 1.00 25.31 ? 1   LEU A C   1 
ATOM   12  O  O   . LEU A 1 12  ? -0.011  11.406  -12.802 1.00 25.36 ? 1   LEU A O   1 
ATOM   13  C  CB  . LEU A 1 12  ? -2.249  9.106   -11.896 1.00 25.85 ? 1   LEU A CB  1 
ATOM   14  C  CG  . LEU A 1 12  ? -3.540  8.262   -12.043 1.00 26.66 ? 1   LEU A CG  1 
ATOM   15  C  CD1 . LEU A 1 12  ? -3.383  6.851   -11.506 1.00 27.22 ? 1   LEU A CD1 1 
ATOM   16  C  CD2 . LEU A 1 12  ? -4.758  8.913   -11.392 1.00 26.95 ? 1   LEU A CD2 1 
ATOM   17  N  N   . GLY A 1 13  ? -0.901  11.801  -10.770 1.00 24.25 ? 2   GLY A N   1 
ATOM   18  C  CA  . GLY A 1 13  ? 0.349   12.344  -10.229 1.00 21.92 ? 2   GLY A CA  1 
ATOM   19  C  C   . GLY A 1 13  ? 0.740   13.733  -10.701 1.00 20.26 ? 2   GLY A C   1 
ATOM   20  O  O   . GLY A 1 13  ? -0.042  14.699  -10.567 1.00 19.39 ? 2   GLY A O   1 
ATOM   21  N  N   . LYS A 1 14  ? 1.976   13.851  -11.201 1.00 17.76 ? 3   LYS A N   1 
ATOM   22  C  CA  . LYS A 1 14  ? 2.533   15.108  -11.720 1.00 17.42 ? 3   LYS A CA  1 
ATOM   23  C  C   . LYS A 1 14  ? 2.717   16.228  -10.686 1.00 16.16 ? 3   LYS A C   1 
ATOM   24  O  O   . LYS A 1 14  ? 2.708   17.412  -11.036 1.00 15.15 ? 3   LYS A O   1 
ATOM   25  C  CB  . LYS A 1 14  ? 1.737   15.623  -12.960 1.00 18.63 ? 3   LYS A CB  1 
ATOM   26  C  CG  . LYS A 1 14  ? 1.552   14.562  -14.059 1.00 22.94 ? 3   LYS A CG  1 
ATOM   27  C  CD  . LYS A 1 14  ? 1.293   15.183  -15.435 1.00 31.21 ? 3   LYS A CD  1 
ATOM   28  C  CE  . LYS A 1 14  ? 1.441   14.116  -16.536 1.00 34.53 ? 3   LYS A CE  1 
ATOM   29  N  NZ  . LYS A 1 14  ? 0.855   14.536  -17.862 1.00 36.78 ? 3   LYS A NZ  1 
ATOM   30  N  N   . PHE A 1 15  ? 2.931   15.867  -9.415  1.00 14.84 ? 4   PHE A N   1 
ATOM   31  C  CA  . PHE A 1 15  ? 3.130   16.878  -8.400  1.00 13.83 ? 4   PHE A CA  1 
ATOM   32  C  C   . PHE A 1 15  ? 4.210   17.877  -8.779  1.00 13.00 ? 4   PHE A C   1 
ATOM   33  O  O   . PHE A 1 15  ? 4.090   19.045  -8.454  1.00 13.18 ? 4   PHE A O   1 
ATOM   34  C  CB  . PHE A 1 15  ? 3.470   16.266  -7.035  1.00 12.66 ? 4   PHE A CB  1 
ATOM   35  C  CG  . PHE A 1 15  ? 4.921   15.855  -6.898  1.00 14.23 ? 4   PHE A CG  1 
ATOM   36  C  CD1 . PHE A 1 15  ? 5.353   14.623  -7.389  1.00 12.63 ? 4   PHE A CD1 1 
ATOM   37  C  CD2 . PHE A 1 15  ? 5.849   16.712  -6.281  1.00 14.87 ? 4   PHE A CD2 1 
ATOM   38  C  CE1 . PHE A 1 15  ? 6.711   14.223  -7.252  1.00 10.66 ? 4   PHE A CE1 1 
ATOM   39  C  CE2 . PHE A 1 15  ? 7.203   16.320  -6.154  1.00 15.52 ? 4   PHE A CE2 1 
ATOM   40  C  CZ  . PHE A 1 15  ? 7.617   15.091  -6.648  1.00 12.83 ? 4   PHE A CZ  1 
ATOM   41  N  N   . SER A 1 16  ? 5.270   17.408  -9.438  1.00 14.03 ? 5   SER A N   1 
ATOM   42  C  CA  . SER A 1 16  ? 6.461   18.263  -9.634  1.00 14.54 ? 5   SER A CA  1 
ATOM   43  C  C   . SER A 1 16  ? 6.164   19.492  -10.492 1.00 14.42 ? 5   SER A C   1 
ATOM   44  O  O   . SER A 1 16  ? 6.868   20.491  -10.387 1.00 14.80 ? 5   SER A O   1 
ATOM   45  C  CB  . SER A 1 16  ? 7.654   17.469  -10.200 1.00 14.54 ? 5   SER A CB  1 
ATOM   46  O  OG  . SER A 1 16  ? 7.404   16.984  -11.515 1.00 16.76 ? 5   SER A OG  1 
ATOM   47  N  N   . GLN A 1 17  ? 5.148   19.412  -11.348 1.00 14.01 ? 6   GLN A N   1 
ATOM   48  C  CA  . GLN A 1 17  ? 4.770   20.547  -12.186 1.00 14.41 ? 6   GLN A CA  1 
ATOM   49  C  C   . GLN A 1 17  ? 4.385   21.828  -11.434 1.00 15.20 ? 6   GLN A C   1 
ATOM   50  O  O   . GLN A 1 17  ? 4.687   22.922  -11.892 1.00 15.19 ? 6   GLN A O   1 
ATOM   51  C  CB  . GLN A 1 17  ? 3.667   20.138  -13.182 1.00 15.14 ? 6   GLN A CB  1 
ATOM   52  C  CG  . GLN A 1 17  ? 4.242   19.297  -14.333 1.00 17.07 ? 6   GLN A CG  1 
ATOM   53  C  CD  . GLN A 1 17  ? 5.124   20.135  -15.234 1.00 18.65 ? 6   GLN A CD  1 
ATOM   54  O  OE1 . GLN A 1 17  ? 4.718   21.212  -15.669 1.00 19.74 ? 6   GLN A OE1 1 
ATOM   55  N  NE2 . GLN A 1 17  ? 6.339   19.671  -15.487 1.00 18.34 ? 6   GLN A NE2 1 
ATOM   56  N  N   . THR A 1 18  ? 3.740   21.688  -10.270 1.00 14.94 ? 7   THR A N   1 
ATOM   57  C  CA  . THR A 1 18  ? 3.342   22.845  -9.508  1.00 16.24 ? 7   THR A CA  1 
ATOM   58  C  C   . THR A 1 18  ? 3.830   22.795  -8.056  1.00 15.75 ? 7   THR A C   1 
ATOM   59  O  O   . THR A 1 18  ? 3.175   23.328  -7.169  1.00 16.03 ? 7   THR A O   1 
ATOM   60  C  CB  . THR A 1 18  ? 1.819   23.036  -9.558  1.00 16.73 ? 7   THR A CB  1 
ATOM   61  O  OG1 . THR A 1 18  ? 1.181   21.838  -9.075  1.00 18.18 ? 7   THR A OG1 1 
ATOM   62  C  CG2 . THR A 1 18  ? 1.369   23.368  -10.999 1.00 18.10 ? 7   THR A CG2 1 
ATOM   63  N  N   . CYS A 1 19  ? 5.004   22.202  -7.840  1.00 15.21 ? 8   CYS A N   1 
ATOM   64  C  CA  . CYS A 1 19  ? 5.663   22.255  -6.530  1.00 14.99 ? 8   CYS A CA  1 
ATOM   65  C  C   . CYS A 1 19  ? 7.128   22.656  -6.729  1.00 15.34 ? 8   CYS A C   1 
ATOM   66  O  O   . CYS A 1 19  ? 7.634   22.636  -7.858  1.00 15.45 ? 8   CYS A O   1 
ATOM   67  C  CB  . CYS A 1 19  ? 5.602   20.889  -5.839  1.00 14.85 ? 8   CYS A CB  1 
ATOM   68  S  SG  . CYS A 1 19  ? 3.918   20.182  -5.639  1.00 16.04 ? 8   CYS A SG  1 
ATOM   69  N  N   . TYR A 1 20  ? 7.801   23.028  -5.641  1.00 14.08 ? 9   TYR A N   1 
ATOM   70  C  CA  . TYR A 1 20  ? 9.236   23.280  -5.682  1.00 14.63 ? 9   TYR A CA  1 
ATOM   71  C  C   . TYR A 1 20  ? 9.890   22.886  -4.346  1.00 14.83 ? 9   TYR A C   1 
ATOM   72  O  O   . TYR A 1 20  ? 9.208   22.523  -3.384  1.00 14.38 ? 9   TYR A O   1 
ATOM   73  C  CB  . TYR A 1 20  ? 9.552   24.752  -6.068  1.00 14.92 ? 9   TYR A CB  1 
ATOM   74  C  CG  . TYR A 1 20  ? 9.167   25.763  -4.998  1.00 16.70 ? 9   TYR A CG  1 
ATOM   75  C  CD1 . TYR A 1 20  ? 7.871   26.238  -4.910  1.00 18.64 ? 9   TYR A CD1 1 
ATOM   76  C  CD2 . TYR A 1 20  ? 10.088  26.185  -4.042  1.00 20.34 ? 9   TYR A CD2 1 
ATOM   77  C  CE1 . TYR A 1 20  ? 7.500   27.137  -3.936  1.00 20.72 ? 9   TYR A CE1 1 
ATOM   78  C  CE2 . TYR A 1 20  ? 9.726   27.091  -3.057  1.00 20.61 ? 9   TYR A CE2 1 
ATOM   79  C  CZ  . TYR A 1 20  ? 8.434   27.568  -3.019  1.00 21.97 ? 9   TYR A CZ  1 
ATOM   80  O  OH  . TYR A 1 20  ? 8.019   28.459  -2.056  1.00 24.18 ? 9   TYR A OH  1 
ATOM   81  N  N   . ASN A 1 21  ? 11.219  22.958  -4.314  1.00 15.41 ? 10  ASN A N   1 
ATOM   82  C  CA  A ASN A 1 21  ? 11.988  22.593  -3.122  0.50 15.67 ? 10  ASN A CA  1 
ATOM   83  C  CA  B ASN A 1 21  ? 12.001  22.602  -3.139  0.50 15.85 ? 10  ASN A CA  1 
ATOM   84  C  C   . ASN A 1 21  ? 11.640  21.216  -2.588  1.00 15.78 ? 10  ASN A C   1 
ATOM   85  O  O   . ASN A 1 21  ? 11.484  21.034  -1.364  1.00 15.98 ? 10  ASN A O   1 
ATOM   86  C  CB  A ASN A 1 21  ? 11.815  23.627  -2.011  0.50 16.25 ? 10  ASN A CB  1 
ATOM   87  C  CB  B ASN A 1 21  ? 11.882  23.681  -2.055  0.50 16.47 ? 10  ASN A CB  1 
ATOM   88  C  CG  A ASN A 1 21  ? 12.629  24.848  -2.249  0.50 16.34 ? 10  ASN A CG  1 
ATOM   89  C  CG  B ASN A 1 21  ? 12.932  23.537  -0.994  0.50 17.64 ? 10  ASN A CG  1 
ATOM   90  O  OD1 A ASN A 1 21  ? 13.457  24.876  -3.156  0.50 17.46 ? 10  ASN A OD1 1 
ATOM   91  O  OD1 B ASN A 1 21  ? 14.049  23.119  -1.277  0.50 17.74 ? 10  ASN A OD1 1 
ATOM   92  N  ND2 A ASN A 1 21  ? 12.392  25.887  -1.453  0.50 17.95 ? 10  ASN A ND2 1 
ATOM   93  N  ND2 B ASN A 1 21  ? 12.581  23.863  0.242   0.50 18.64 ? 10  ASN A ND2 1 
ATOM   94  N  N   . SER A 1 22  ? 11.536  20.250  -3.504  1.00 14.60 ? 11  SER A N   1 
ATOM   95  C  CA  . SER A 1 22  ? 11.247  18.865  -3.140  1.00 13.86 ? 11  SER A CA  1 
ATOM   96  C  C   . SER A 1 22  ? 12.511  18.201  -2.621  1.00 14.13 ? 11  SER A C   1 
ATOM   97  O  O   . SER A 1 22  ? 13.609  18.477  -3.103  1.00 13.72 ? 11  SER A O   1 
ATOM   98  C  CB  . SER A 1 22  ? 10.768  18.074  -4.342  1.00 12.73 ? 11  SER A CB  1 
ATOM   99  O  OG  . SER A 1 22  ? 9.627   18.667  -4.916  1.00 13.87 ? 11  SER A OG  1 
ATOM   100 N  N   . ALA A 1 23  ? 12.352  17.305  -1.661  1.00 14.24 ? 12  ALA A N   1 
ATOM   101 C  CA  . ALA A 1 23  ? 13.493  16.526  -1.196  1.00 14.03 ? 12  ALA A CA  1 
ATOM   102 C  C   . ALA A 1 23  ? 12.969  15.229  -0.586  1.00 13.84 ? 12  ALA A C   1 
ATOM   103 O  O   . ALA A 1 23  ? 11.811  15.160  -0.187  1.00 12.26 ? 12  ALA A O   1 
ATOM   104 C  CB  . ALA A 1 23  ? 14.276  17.332  -0.169  1.00 15.19 ? 12  ALA A CB  1 
ATOM   105 N  N   . ILE A 1 24  ? 13.847  14.233  -0.524  1.00 13.49 ? 13  ILE A N   1 
ATOM   106 C  CA  A ILE A 1 24  ? 13.594  12.915  0.057   0.50 13.97 ? 13  ILE A CA  1 
ATOM   107 C  CA  B ILE A 1 24  ? 13.543  12.963  0.124   0.50 14.12 ? 13  ILE A CA  1 
ATOM   108 C  C   . ILE A 1 24  ? 14.576  12.682  1.195   1.00 15.11 ? 13  ILE A C   1 
ATOM   109 O  O   . ILE A 1 24  ? 15.767  12.884  1.004   1.00 15.25 ? 13  ILE A O   1 
ATOM   110 C  CB  A ILE A 1 24  ? 13.829  11.818  -1.007  0.50 13.78 ? 13  ILE A CB  1 
ATOM   111 C  CB  B ILE A 1 24  ? 13.495  11.790  -0.866  0.50 14.39 ? 13  ILE A CB  1 
ATOM   112 C  CG1 A ILE A 1 24  ? 12.634  11.738  -1.959  0.50 14.61 ? 13  ILE A CG1 1 
ATOM   113 C  CG1 B ILE A 1 24  ? 12.410  12.021  -1.921  0.50 14.43 ? 13  ILE A CG1 1 
ATOM   114 C  CG2 A ILE A 1 24  ? 14.086  10.435  -0.365  0.50 13.56 ? 13  ILE A CG2 1 
ATOM   115 C  CG2 B ILE A 1 24  ? 13.198  10.446  -0.138  0.50 13.93 ? 13  ILE A CG2 1 
ATOM   116 C  CD1 A ILE A 1 24  ? 11.412  11.140  -1.323  0.50 12.33 ? 13  ILE A CD1 1 
ATOM   117 C  CD1 B ILE A 1 24  ? 12.422  10.956  -2.998  0.50 14.72 ? 13  ILE A CD1 1 
ATOM   118 N  N   . GLN A 1 25  ? 14.090  12.245  2.344   1.00 15.40 ? 14  GLN A N   1 
ATOM   119 C  CA  . GLN A 1 25  ? 14.965  11.779  3.433   1.00 17.62 ? 14  GLN A CA  1 
ATOM   120 C  C   . GLN A 1 25  ? 14.342  10.480  3.875   1.00 17.40 ? 14  GLN A C   1 
ATOM   121 O  O   . GLN A 1 25  ? 13.143  10.421  4.220   1.00 18.73 ? 14  GLN A O   1 
ATOM   122 C  CB  . GLN A 1 25  ? 15.011  12.808  4.572   1.00 18.47 ? 14  GLN A CB  1 
ATOM   123 C  CG  . GLN A 1 25  ? 15.901  12.407  5.755   1.00 20.83 ? 14  GLN A CG  1 
ATOM   124 C  CD  . GLN A 1 25  ? 17.383  12.893  5.181   0.00 32.00 ? 14  GLN A CD  1 
ATOM   125 O  OE1 . GLN A 1 25  ? 18.376  12.410  5.724   0.00 34.44 ? 14  GLN A OE1 1 
ATOM   126 N  NE2 . GLN A 1 25  ? 17.468  13.773  4.189   0.00 32.75 ? 14  GLN A NE2 1 
ATOM   127 N  N   . GLY A 1 26  ? 15.117  9.408   3.792   1.00 17.38 ? 15  GLY A N   1 
ATOM   128 C  CA  . GLY A 1 26  ? 14.547  8.084   4.034   1.00 17.86 ? 15  GLY A CA  1 
ATOM   129 C  C   . GLY A 1 26  ? 13.395  7.772   3.087   1.00 17.90 ? 15  GLY A C   1 
ATOM   130 O  O   . GLY A 1 26  ? 13.595  7.710   1.865   1.00 18.20 ? 15  GLY A O   1 
ATOM   131 N  N   . SER A 1 27  ? 12.197  7.551   3.633   1.00 17.33 ? 16  SER A N   1 
ATOM   132 C  CA  . SER A 1 27  ? 11.062  7.161   2.799   1.00 15.89 ? 16  SER A CA  1 
ATOM   133 C  C   . SER A 1 27  ? 10.113  8.332   2.618   1.00 15.30 ? 16  SER A C   1 
ATOM   134 O  O   . SER A 1 27  ? 9.042   8.182   2.026   1.00 14.86 ? 16  SER A O   1 
ATOM   135 C  CB  . SER A 1 27  ? 10.286  6.016   3.440   1.00 16.27 ? 16  SER A CB  1 
ATOM   136 O  OG  . SER A 1 27  ? 9.771   6.451   4.677   1.00 16.23 ? 16  SER A OG  1 
ATOM   137 N  N   . VAL A 1 28  ? 10.505  9.505   3.112   1.00 14.17 ? 17  VAL A N   1 
ATOM   138 C  CA  . VAL A 1 28  ? 9.571   10.645  3.127   1.00 14.47 ? 17  VAL A CA  1 
ATOM   139 C  C   . VAL A 1 28  ? 9.897   11.711  2.077   1.00 13.94 ? 17  VAL A C   1 
ATOM   140 O  O   . VAL A 1 28  ? 11.012  12.231  2.063   1.00 13.88 ? 17  VAL A O   1 
ATOM   141 C  CB  . VAL A 1 28  ? 9.555   11.307  4.522   1.00 14.69 ? 17  VAL A CB  1 
ATOM   142 C  CG1 . VAL A 1 28  ? 8.553   12.436  4.553   1.00 15.34 ? 17  VAL A CG1 1 
ATOM   143 C  CG2 . VAL A 1 28  ? 9.136   10.271  5.589   1.00 16.53 ? 17  VAL A CG2 1 
ATOM   144 N  N   . LEU A 1 29  ? 8.919   12.006  1.211   1.00 13.49 ? 18  LEU A N   1 
ATOM   145 C  CA  . LEU A 1 29  ? 8.997   13.140  0.281   1.00 13.48 ? 18  LEU A CA  1 
ATOM   146 C  C   . LEU A 1 29  ? 8.369   14.384  0.914   1.00 13.24 ? 18  LEU A C   1 
ATOM   147 O  O   . LEU A 1 29  ? 7.256   14.307  1.384   1.00 12.47 ? 18  LEU A O   1 
ATOM   148 C  CB  . LEU A 1 29  ? 8.214   12.794  -0.984  1.00 13.43 ? 18  LEU A CB  1 
ATOM   149 C  CG  . LEU A 1 29  ? 8.016   13.883  -2.041  1.00 13.09 ? 18  LEU A CG  1 
ATOM   150 C  CD1 . LEU A 1 29  ? 9.331   14.286  -2.731  1.00 16.07 ? 18  LEU A CD1 1 
ATOM   151 C  CD2 . LEU A 1 29  ? 7.028   13.338  -3.041  1.00 12.79 ? 18  LEU A CD2 1 
ATOM   152 N  N   . THR A 1 30  ? 9.075   15.516  0.870   1.00 13.18 ? 19  THR A N   1 
ATOM   153 C  CA  . THR A 1 30  ? 8.559   16.797  1.325   1.00 13.28 ? 19  THR A CA  1 
ATOM   154 C  C   . THR A 1 30  ? 8.658   17.782  0.147   1.00 14.12 ? 19  THR A C   1 
ATOM   155 O  O   . THR A 1 30  ? 9.645   17.760  -0.608  1.00 13.68 ? 19  THR A O   1 
ATOM   156 C  CB  . THR A 1 30  ? 9.396   17.316  2.515   1.00 14.42 ? 19  THR A CB  1 
ATOM   157 O  OG1 . THR A 1 30  ? 9.360   16.343  3.583   1.00 15.74 ? 19  THR A OG1 1 
ATOM   158 C  CG2 . THR A 1 30  ? 8.843   18.659  2.995   1.00 15.23 ? 19  THR A CG2 1 
ATOM   159 N  N   . SER A 1 31  ? 7.650   18.627  -0.029  1.00 13.10 ? 20  SER A N   1 
ATOM   160 C  CA  . SER A 1 31  ? 7.701   19.578  -1.127  1.00 13.32 ? 20  SER A CA  1 
ATOM   161 C  C   . SER A 1 31  ? 6.780   20.740  -0.784  1.00 13.31 ? 20  SER A C   1 
ATOM   162 O  O   . SER A 1 31  ? 5.882   20.587  0.028   1.00 13.15 ? 20  SER A O   1 
ATOM   163 C  CB  . SER A 1 31  ? 7.210   18.925  -2.417  1.00 13.27 ? 20  SER A CB  1 
ATOM   164 O  OG  . SER A 1 31  ? 7.465   19.775  -3.533  1.00 18.28 ? 20  SER A OG  1 
ATOM   165 N  N   . THR A 1 32  ? 6.988   21.855  -1.469  1.00 13.10 ? 21  THR A N   1 
ATOM   166 C  CA  . THR A 1 32  ? 6.176   23.051  -1.276  1.00 12.71 ? 21  THR A CA  1 
ATOM   167 C  C   . THR A 1 32  ? 5.348   23.224  -2.550  1.00 13.34 ? 21  THR A C   1 
ATOM   168 O  O   . THR A 1 32  ? 5.902   23.382  -3.636  1.00 12.75 ? 21  THR A O   1 
ATOM   169 C  CB  . THR A 1 32  ? 7.083   24.259  -1.010  1.00 12.99 ? 21  THR A CB  1 
ATOM   170 O  OG1 . THR A 1 32  ? 7.854   24.013  0.185   1.00 15.21 ? 21  THR A OG1 1 
ATOM   171 C  CG2 . THR A 1 32  ? 6.251   25.532  -0.807  1.00 11.92 ? 21  THR A CG2 1 
ATOM   172 N  N   . CYS A 1 33  ? 4.024   23.193  -2.405  1.00 13.83 ? 22  CYS A N   1 
ATOM   173 C  CA  . CYS A 1 33  ? 3.131   23.035  -3.549  1.00 14.81 ? 22  CYS A CA  1 
ATOM   174 C  C   . CYS A 1 33  ? 2.142   24.178  -3.630  1.00 16.09 ? 22  CYS A C   1 
ATOM   175 O  O   . CYS A 1 33  ? 1.722   24.714  -2.598  1.00 15.41 ? 22  CYS A O   1 
ATOM   176 C  CB  . CYS A 1 33  ? 2.376   21.702  -3.468  1.00 14.50 ? 22  CYS A CB  1 
ATOM   177 S  SG  . CYS A 1 33  ? 3.500   20.266  -3.634  1.00 17.27 ? 22  CYS A SG  1 
ATOM   178 N  N   . GLU A 1 34  ? 1.794   24.536  -4.867  1.00 17.12 ? 23  GLU A N   1 
ATOM   179 C  CA  . GLU A 1 34  ? 0.878   25.649  -5.143  1.00 19.11 ? 23  GLU A CA  1 
ATOM   180 C  C   . GLU A 1 34  ? -0.556  25.274  -4.803  1.00 19.21 ? 23  GLU A C   1 
ATOM   181 O  O   . GLU A 1 34  ? -1.039  24.221  -5.195  1.00 18.60 ? 23  GLU A O   1 
ATOM   182 C  CB  . GLU A 1 34  ? 0.990   26.066  -6.623  1.00 19.48 ? 23  GLU A CB  1 
ATOM   183 C  CG  . GLU A 1 34  ? 2.439   26.061  -7.107  1.00 24.32 ? 23  GLU A CG  1 
ATOM   184 C  CD  . GLU A 1 34  ? 2.750   26.957  -8.303  1.00 29.79 ? 23  GLU A CD  1 
ATOM   185 O  OE1 . GLU A 1 34  ? 1.803   27.295  -9.066  1.00 32.06 ? 23  GLU A OE1 1 
ATOM   186 O  OE2 . GLU A 1 34  ? 3.960   27.313  -8.451  1.00 29.71 ? 23  GLU A OE2 1 
ATOM   187 N  N   . ARG A 1 35  ? -1.240  26.160  -4.076  1.00 19.89 ? 24  ARG A N   1 
ATOM   188 C  CA  . ARG A 1 35  ? -2.644  25.977  -3.788  1.00 21.45 ? 24  ARG A CA  1 
ATOM   189 C  C   . ARG A 1 35  ? -3.470  26.523  -4.950  1.00 21.93 ? 24  ARG A C   1 
ATOM   190 O  O   . ARG A 1 35  ? -2.994  27.359  -5.739  1.00 21.82 ? 24  ARG A O   1 
ATOM   191 C  CB  . ARG A 1 35  ? -3.023  26.661  -2.476  1.00 21.10 ? 24  ARG A CB  1 
ATOM   192 C  CG  . ARG A 1 35  ? -2.156  26.219  -1.286  1.00 24.24 ? 24  ARG A CG  1 
ATOM   193 C  CD  . ARG A 1 35  ? -2.947  26.274  -0.004  1.00 32.11 ? 24  ARG A CD  1 
ATOM   194 N  NE  . ARG A 1 35  ? -4.022  25.285  -0.049  1.00 36.99 ? 24  ARG A NE  1 
ATOM   195 C  CZ  . ARG A 1 35  ? -5.195  25.396  0.566   1.00 40.64 ? 24  ARG A CZ  1 
ATOM   196 N  NH1 . ARG A 1 35  ? -5.483  26.465  1.307   1.00 42.06 ? 24  ARG A NH1 1 
ATOM   197 N  NH2 . ARG A 1 35  ? -6.086  24.423  0.444   1.00 42.13 ? 24  ARG A NH2 1 
ATOM   198 N  N   . THR A 1 36  ? -4.705  26.060  -5.045  1.00 23.68 ? 25  THR A N   1 
ATOM   199 C  CA  . THR A 1 36  ? -5.603  26.440  -6.137  1.00 26.21 ? 25  THR A CA  1 
ATOM   200 C  C   . THR A 1 36  ? -5.741  27.947  -6.284  1.00 27.94 ? 25  THR A C   1 
ATOM   201 O  O   . THR A 1 36  ? -5.572  28.492  -7.383  1.00 28.94 ? 25  THR A O   1 
ATOM   202 C  CB  . THR A 1 36  ? -6.988  25.817  -5.948  1.00 26.27 ? 25  THR A CB  1 
ATOM   203 O  OG1 . THR A 1 36  ? -6.842  24.401  -5.867  1.00 27.48 ? 25  THR A OG1 1 
ATOM   204 C  CG2 . THR A 1 36  ? -7.916  26.189  -7.115  1.00 27.16 ? 25  THR A CG2 1 
ATOM   205 N  N   . ASN A 1 37  ? -6.010  28.622  -5.176  1.00 29.43 ? 26  ASN A N   1 
ATOM   206 C  CA  . ASN A 1 37  ? -6.239  30.056  -5.226  1.00 31.53 ? 26  ASN A CA  1 
ATOM   207 C  C   . ASN A 1 37  ? -5.008  30.891  -4.811  1.00 31.50 ? 26  ASN A C   1 
ATOM   208 O  O   . ASN A 1 37  ? -5.135  31.998  -4.265  1.00 32.65 ? 26  ASN A O   1 
ATOM   209 C  CB  . ASN A 1 37  ? -7.511  30.406  -4.433  1.00 32.28 ? 26  ASN A CB  1 
ATOM   210 C  CG  . ASN A 1 37  ? -8.778  29.780  -5.051  1.00 34.22 ? 26  ASN A CG  1 
ATOM   211 O  OD1 . ASN A 1 37  ? -9.280  30.246  -6.071  1.00 38.01 ? 26  ASN A OD1 1 
ATOM   212 N  ND2 . ASN A 1 37  ? -9.281  28.717  -4.432  1.00 36.63 ? 26  ASN A ND2 1 
ATOM   213 N  N   . GLY A 1 38  ? -3.819  30.360  -5.086  1.00 30.47 ? 27  GLY A N   1 
ATOM   214 C  CA  . GLY A 1 38  ? -2.581  31.084  -4.834  1.00 29.62 ? 27  GLY A CA  1 
ATOM   215 C  C   . GLY A 1 38  ? -1.989  30.754  -3.479  1.00 27.86 ? 27  GLY A C   1 
ATOM   216 O  O   . GLY A 1 38  ? -2.660  30.236  -2.586  1.00 28.38 ? 27  GLY A O   1 
ATOM   217 N  N   . GLY A 1 39  ? -0.721  31.067  -3.311  1.00 27.40 ? 28  GLY A N   1 
ATOM   218 C  CA  . GLY A 1 39  ? -0.075  30.744  -2.056  1.00 24.33 ? 28  GLY A CA  1 
ATOM   219 C  C   . GLY A 1 39  ? 0.422   29.313  -2.122  1.00 23.15 ? 28  GLY A C   1 
ATOM   220 O  O   . GLY A 1 39  ? 0.129   28.570  -3.069  1.00 21.94 ? 28  GLY A O   1 
ATOM   221 N  N   . TYR A 1 40  ? 1.170   28.926  -1.098  1.00 21.77 ? 29  TYR A N   1 
ATOM   222 C  CA  . TYR A 1 40  ? 1.820   27.629  -1.088  1.00 20.95 ? 29  TYR A CA  1 
ATOM   223 C  C   . TYR A 1 40  ? 1.600   26.926  0.237   1.00 19.67 ? 29  TYR A C   1 
ATOM   224 O  O   . TYR A 1 40  ? 1.199   27.544  1.250   1.00 18.84 ? 29  TYR A O   1 
ATOM   225 C  CB  . TYR A 1 40  ? 3.308   27.785  -1.388  1.00 21.89 ? 29  TYR A CB  1 
ATOM   226 C  CG  . TYR A 1 40  ? 3.597   28.054  -2.851  1.00 26.39 ? 29  TYR A CG  1 
ATOM   227 C  CD1 . TYR A 1 40  ? 3.588   29.350  -3.368  1.00 31.08 ? 29  TYR A CD1 1 
ATOM   228 C  CD2 . TYR A 1 40  ? 3.883   26.999  -3.718  1.00 29.92 ? 29  TYR A CD2 1 
ATOM   229 C  CE1 . TYR A 1 40  ? 3.858   29.588  -4.706  1.00 32.83 ? 29  TYR A CE1 1 
ATOM   230 C  CE2 . TYR A 1 40  ? 4.154   27.228  -5.055  1.00 34.49 ? 29  TYR A CE2 1 
ATOM   231 C  CZ  . TYR A 1 40  ? 4.134   28.527  -5.539  1.00 34.69 ? 29  TYR A CZ  1 
ATOM   232 O  OH  . TYR A 1 40  ? 4.403   28.731  -6.876  1.00 39.23 ? 29  TYR A OH  1 
ATOM   233 N  N   . ASN A 1 41  ? 1.795   25.618  0.194   1.00 16.46 ? 30  ASN A N   1 
ATOM   234 C  CA  . ASN A 1 41  ? 1.789   24.805  1.389   1.00 15.99 ? 30  ASN A CA  1 
ATOM   235 C  C   . ASN A 1 41  ? 2.901   23.766  1.307   1.00 14.91 ? 30  ASN A C   1 
ATOM   236 O  O   . ASN A 1 41  ? 3.147   23.198  0.252   1.00 14.68 ? 30  ASN A O   1 
ATOM   237 C  CB  . ASN A 1 41  ? 0.440   24.083  1.534   1.00 14.90 ? 30  ASN A CB  1 
ATOM   238 C  CG  . ASN A 1 41  ? 0.401   23.203  2.751   1.00 17.46 ? 30  ASN A CG  1 
ATOM   239 O  OD1 . ASN A 1 41  ? 0.535   23.694  3.873   1.00 16.51 ? 30  ASN A OD1 1 
ATOM   240 N  ND2 . ASN A 1 41  ? 0.227   21.901  2.553   1.00 19.29 ? 30  ASN A ND2 1 
ATOM   241 N  N   . THR A 1 42  ? 3.555   23.501  2.436   1.00 14.85 ? 31  THR A N   1 
ATOM   242 C  CA  . THR A 1 42  ? 4.611   22.488  2.500   1.00 15.21 ? 31  THR A CA  1 
ATOM   243 C  C   . THR A 1 42  ? 4.020   21.255  3.170   1.00 15.73 ? 31  THR A C   1 
ATOM   244 O  O   . THR A 1 42  ? 3.327   21.360  4.186   1.00 16.18 ? 31  THR A O   1 
ATOM   245 C  CB  . THR A 1 42  ? 5.860   22.985  3.251   1.00 15.82 ? 31  THR A CB  1 
ATOM   246 O  OG1 . THR A 1 42  ? 6.345   24.200  2.649   1.00 16.48 ? 31  THR A OG1 1 
ATOM   247 C  CG2 . THR A 1 42  ? 6.958   21.938  3.240   1.00 16.77 ? 31  THR A CG2 1 
ATOM   248 N  N   . SER A 1 43  ? 4.218   20.097  2.550   1.00 14.12 ? 32  SER A N   1 
ATOM   249 C  CA  . SER A 1 43  ? 3.647   18.861  3.078   1.00 14.84 ? 32  SER A CA  1 
ATOM   250 C  C   . SER A 1 43  ? 4.611   17.721  2.825   1.00 15.11 ? 32  SER A C   1 
ATOM   251 O  O   . SER A 1 43  ? 5.578   17.881  2.092   1.00 13.40 ? 32  SER A O   1 
ATOM   252 C  CB  . SER A 1 43  ? 2.264   18.562  2.472   1.00 15.07 ? 32  SER A CB  1 
ATOM   253 O  OG  . SER A 1 43  ? 2.339   18.132  1.124   1.00 16.41 ? 32  SER A OG  1 
ATOM   254 N  N   . SER A 1 44  ? 4.319   16.574  3.427   1.00 15.71 ? 33  SER A N   1 
ATOM   255 C  CA  . SER A 1 44  ? 5.156   15.398  3.307   1.00 15.92 ? 33  SER A CA  1 
ATOM   256 C  C   . SER A 1 44  ? 4.267   14.210  3.054   1.00 15.88 ? 33  SER A C   1 
ATOM   257 O  O   . SER A 1 44  ? 3.096   14.197  3.456   1.00 14.91 ? 33  SER A O   1 
ATOM   258 C  CB  . SER A 1 44  ? 5.940   15.170  4.630   1.00 17.52 ? 33  SER A CB  1 
ATOM   259 O  OG  . SER A 1 44  ? 6.877   16.217  4.895   1.00 21.08 ? 33  SER A OG  1 
ATOM   260 N  N   . ILE A 1 45  ? 4.835   13.192  2.423   1.00 16.16 ? 34  ILE A N   1 
ATOM   261 C  CA  . ILE A 1 45  ? 4.164   11.919  2.205   1.00 16.75 ? 34  ILE A CA  1 
ATOM   262 C  C   . ILE A 1 45  ? 5.165   10.787  2.450   1.00 16.49 ? 34  ILE A C   1 
ATOM   263 O  O   . ILE A 1 45  ? 6.282   10.809  1.935   1.00 15.33 ? 34  ILE A O   1 
ATOM   264 C  CB  . ILE A 1 45  ? 3.474   11.820  0.806   1.00 16.91 ? 34  ILE A CB  1 
ATOM   265 C  CG1 . ILE A 1 45  ? 2.615   10.548  0.717   1.00 19.09 ? 34  ILE A CG1 1 
ATOM   266 C  CG2 . ILE A 1 45  ? 4.495   11.895  -0.357  1.00 18.87 ? 34  ILE A CG2 1 
ATOM   267 C  CD1 . ILE A 1 45  ? 1.744   10.473  -0.524  1.00 21.24 ? 34  ILE A CD1 1 
ATOM   268 N  N   . ASP A 1 46  ? 4.793   9.841   3.311   1.00 16.52 ? 35  ASP A N   1 
ATOM   269 C  CA  . ASP A 1 46  ? 5.680   8.721   3.600   1.00 18.04 ? 35  ASP A CA  1 
ATOM   270 C  C   . ASP A 1 46  ? 5.463   7.664   2.535   1.00 18.52 ? 35  ASP A C   1 
ATOM   271 O  O   . ASP A 1 46  ? 4.390   7.096   2.429   1.00 19.87 ? 35  ASP A O   1 
ATOM   272 C  CB  . ASP A 1 46  ? 5.406   8.135   4.993   1.00 18.37 ? 35  ASP A CB  1 
ATOM   273 C  CG  . ASP A 1 46  ? 6.469   7.118   5.431   1.00 22.38 ? 35  ASP A CG  1 
ATOM   274 O  OD1 . ASP A 1 46  ? 7.177   6.529   4.580   1.00 21.89 ? 35  ASP A OD1 1 
ATOM   275 O  OD2 . ASP A 1 46  ? 6.580   6.887   6.663   1.00 27.05 ? 35  ASP A OD2 1 
ATOM   276 N  N   . LEU A 1 47  ? 6.495   7.397   1.751   1.00 18.47 ? 36  LEU A N   1 
ATOM   277 C  CA  . LEU A 1 47  ? 6.399   6.495   0.603   1.00 18.55 ? 36  LEU A CA  1 
ATOM   278 C  C   . LEU A 1 47  ? 6.448   4.995   0.948   1.00 19.16 ? 36  LEU A C   1 
ATOM   279 O  O   . LEU A 1 47  ? 6.172   4.172   0.095   1.00 19.46 ? 36  LEU A O   1 
ATOM   280 C  CB  . LEU A 1 47  ? 7.487   6.852   -0.420  1.00 18.35 ? 36  LEU A CB  1 
ATOM   281 C  CG  . LEU A 1 47  ? 7.477   8.284   -0.972  1.00 18.59 ? 36  LEU A CG  1 
ATOM   282 C  CD1 . LEU A 1 47  ? 8.816   8.639   -1.615  1.00 22.06 ? 36  LEU A CD1 1 
ATOM   283 C  CD2 . LEU A 1 47  ? 6.340   8.464   -1.974  1.00 17.74 ? 36  LEU A CD2 1 
ATOM   284 N  N   . ASN A 1 48  ? 6.763   4.650   2.195   1.00 20.41 ? 37  ASN A N   1 
ATOM   285 C  CA  . ASN A 1 48  ? 6.852   3.240   2.627   1.00 21.51 ? 37  ASN A CA  1 
ATOM   286 C  C   . ASN A 1 48  ? 5.545   2.467   2.351   1.00 21.92 ? 37  ASN A C   1 
ATOM   287 O  O   . ASN A 1 48  ? 5.558   1.251   2.141   1.00 23.06 ? 37  ASN A O   1 
ATOM   288 C  CB  . ASN A 1 48  ? 7.200   3.163   4.129   1.00 22.11 ? 37  ASN A CB  1 
ATOM   289 C  CG  . ASN A 1 48  ? 8.729   3.030   4.419   1.00 24.37 ? 37  ASN A CG  1 
ATOM   290 O  OD1 . ASN A 1 48  ? 9.543   2.553   3.591   1.00 25.29 ? 37  ASN A OD1 1 
ATOM   291 N  ND2 . ASN A 1 48  ? 9.108   3.414   5.637   1.00 24.37 ? 37  ASN A ND2 1 
ATOM   292 N  N   . SER A 1 49  ? 4.413   3.160   2.319   1.00 21.92 ? 38  SER A N   1 
ATOM   293 C  CA  . SER A 1 49  ? 3.151   2.442   2.143   1.00 22.43 ? 38  SER A CA  1 
ATOM   294 C  C   . SER A 1 49  ? 2.729   2.310   0.677   1.00 21.07 ? 38  SER A C   1 
ATOM   295 O  O   . SER A 1 49  ? 1.751   1.625   0.369   1.00 21.28 ? 38  SER A O   1 
ATOM   296 C  CB  . SER A 1 49  ? 2.031   3.060   2.987   1.00 22.84 ? 38  SER A CB  1 
ATOM   297 O  OG  . SER A 1 49  ? 1.669   4.334   2.472   1.00 25.98 ? 38  SER A OG  1 
ATOM   298 N  N   . VAL A 1 50  ? 3.482   2.918   -0.239  1.00 19.58 ? 39  VAL A N   1 
ATOM   299 C  CA  . VAL A 1 50  ? 3.079   2.896   -1.648  1.00 19.12 ? 39  VAL A CA  1 
ATOM   300 C  C   . VAL A 1 50  ? 4.142   2.402   -2.645  1.00 18.09 ? 39  VAL A C   1 
ATOM   301 O  O   . VAL A 1 50  ? 3.833   2.194   -3.815  1.00 18.07 ? 39  VAL A O   1 
ATOM   302 C  CB  . VAL A 1 50  ? 2.472   4.255   -2.125  1.00 19.87 ? 39  VAL A CB  1 
ATOM   303 C  CG1 . VAL A 1 50  ? 1.197   4.598   -1.327  1.00 19.54 ? 39  VAL A CG1 1 
ATOM   304 C  CG2 . VAL A 1 50  ? 3.491   5.393   -2.057  1.00 19.84 ? 39  VAL A CG2 1 
ATOM   305 N  N   . ILE A 1 51  ? 5.359   2.193   -2.152  1.00 17.18 ? 40  ILE A N   1 
ATOM   306 C  CA  . ILE A 1 51  ? 6.490   1.725   -2.953  1.00 16.89 ? 40  ILE A CA  1 
ATOM   307 C  C   . ILE A 1 51  ? 7.099   0.510   -2.265  1.00 16.36 ? 40  ILE A C   1 
ATOM   308 O  O   . ILE A 1 51  ? 7.084   0.415   -1.030  1.00 17.47 ? 40  ILE A O   1 
ATOM   309 C  CB  . ILE A 1 51  ? 7.547   2.868   -3.128  1.00 17.29 ? 40  ILE A CB  1 
ATOM   310 C  CG1 . ILE A 1 51  ? 6.984   3.950   -4.059  1.00 17.99 ? 40  ILE A CG1 1 
ATOM   311 C  CG2 . ILE A 1 51  ? 8.880   2.325   -3.659  1.00 18.00 ? 40  ILE A CG2 1 
ATOM   312 C  CD1 . ILE A 1 51  ? 7.862   5.203   -4.197  1.00 17.82 ? 40  ILE A CD1 1 
ATOM   313 N  N   . GLU A 1 52  ? 7.609   -0.431  -3.049  1.00 16.13 ? 41  GLU A N   1 
ATOM   314 C  CA  . GLU A 1 52  ? 8.218   -1.630  -2.494  1.00 16.54 ? 41  GLU A CA  1 
ATOM   315 C  C   . GLU A 1 52  ? 9.458   -2.012  -3.288  1.00 16.54 ? 41  GLU A C   1 
ATOM   316 O  O   . GLU A 1 52  ? 9.585   -1.648  -4.468  1.00 16.22 ? 41  GLU A O   1 
ATOM   317 C  CB  . GLU A 1 52  ? 7.201   -2.793  -2.451  1.00 17.26 ? 41  GLU A CB  1 
ATOM   318 C  CG  . GLU A 1 52  ? 6.588   -3.181  -3.806  1.00 19.74 ? 41  GLU A CG  1 
ATOM   319 C  CD  . GLU A 1 52  ? 5.602   -4.355  -3.699  1.00 27.00 ? 41  GLU A CD  1 
ATOM   320 O  OE1 . GLU A 1 52  ? 5.438   -4.936  -2.601  1.00 29.61 ? 41  GLU A OE1 1 
ATOM   321 O  OE2 . GLU A 1 52  ? 4.986   -4.696  -4.724  1.00 31.10 ? 41  GLU A OE2 1 
ATOM   322 N  N   . ASN A 1 53  ? 10.362  -2.719  -2.622  1.00 16.17 ? 42  ASN A N   1 
ATOM   323 C  CA  . ASN A 1 53  ? 11.554  -3.300  -3.257  1.00 17.50 ? 42  ASN A CA  1 
ATOM   324 C  C   . ASN A 1 53  ? 11.224  -4.716  -3.734  1.00 18.42 ? 42  ASN A C   1 
ATOM   325 O  O   . ASN A 1 53  ? 11.058  -5.627  -2.908  1.00 18.56 ? 42  ASN A O   1 
ATOM   326 C  CB  . ASN A 1 53  ? 12.734  -3.280  -2.257  1.00 17.13 ? 42  ASN A CB  1 
ATOM   327 C  CG  . ASN A 1 53  ? 13.982  -3.985  -2.779  1.00 16.25 ? 42  ASN A CG  1 
ATOM   328 O  OD1 . ASN A 1 53  ? 14.077  -4.339  -3.967  1.00 16.89 ? 42  ASN A OD1 1 
ATOM   329 N  ND2 . ASN A 1 53  ? 14.962  -4.172  -1.892  1.00 17.20 ? 42  ASN A ND2 1 
ATOM   330 N  N   . VAL A 1 54  ? 11.107  -4.889  -5.062  1.00 18.35 ? 43  VAL A N   1 
ATOM   331 C  CA  . VAL A 1 54  ? 10.960  -6.210  -5.672  1.00 19.89 ? 43  VAL A CA  1 
ATOM   332 C  C   . VAL A 1 54  ? 12.269  -6.603  -6.339  1.00 19.54 ? 43  VAL A C   1 
ATOM   333 O  O   . VAL A 1 54  ? 12.602  -6.074  -7.401  1.00 19.37 ? 43  VAL A O   1 
ATOM   334 C  CB  . VAL A 1 54  ? 9.815   -6.243  -6.714  1.00 19.81 ? 43  VAL A CB  1 
ATOM   335 C  CG1 . VAL A 1 54  ? 9.602   -7.660  -7.265  1.00 21.61 ? 43  VAL A CG1 1 
ATOM   336 C  CG2 . VAL A 1 54  ? 8.517   -5.707  -6.109  1.00 21.35 ? 43  VAL A CG2 1 
ATOM   337 N  N   . ASP A 1 55  ? 13.039  -7.461  -5.668  1.00 19.30 ? 44  ASP A N   1 
ATOM   338 C  CA  . ASP A 1 55  ? 14.271  -7.985  -6.235  1.00 19.99 ? 44  ASP A CA  1 
ATOM   339 C  C   . ASP A 1 55  ? 15.219  -6.884  -6.718  1.00 19.54 ? 44  ASP A C   1 
ATOM   340 O  O   . ASP A 1 55  ? 15.833  -6.999  -7.788  1.00 19.65 ? 44  ASP A O   1 
ATOM   341 C  CB  . ASP A 1 55  ? 13.949  -8.959  -7.378  1.00 20.35 ? 44  ASP A CB  1 
ATOM   342 C  CG  . ASP A 1 55  ? 15.138  -9.822  -7.775  1.00 22.64 ? 44  ASP A CG  1 
ATOM   343 O  OD1 . ASP A 1 55  ? 16.008  -10.095 -6.911  1.00 22.97 ? 44  ASP A OD1 1 
ATOM   344 O  OD2 . ASP A 1 55  ? 15.196  -10.213 -8.967  1.00 26.72 ? 44  ASP A OD2 1 
ATOM   345 N  N   . GLY A 1 56  ? 15.349  -5.832  -5.913  1.00 18.83 ? 45  GLY A N   1 
ATOM   346 C  CA  . GLY A 1 56  ? 16.321  -4.772  -6.183  1.00 18.77 ? 45  GLY A CA  1 
ATOM   347 C  C   . GLY A 1 56  ? 15.782  -3.604  -6.993  1.00 19.00 ? 45  GLY A C   1 
ATOM   348 O  O   . GLY A 1 56  ? 16.530  -2.658  -7.300  1.00 19.36 ? 45  GLY A O   1 
ATOM   349 N  N   . SER A 1 57  ? 14.494  -3.660  -7.340  1.00 18.18 ? 46  SER A N   1 
ATOM   350 C  CA  . SER A 1 57  ? 13.850  -2.644  -8.175  1.00 18.01 ? 46  SER A CA  1 
ATOM   351 C  C   . SER A 1 57  ? 12.699  -1.994  -7.402  1.00 17.25 ? 46  SER A C   1 
ATOM   352 O  O   . SER A 1 57  ? 11.827  -2.696  -6.898  1.00 16.71 ? 46  SER A O   1 
ATOM   353 C  CB  . SER A 1 57  ? 13.334  -3.316  -9.478  1.00 18.80 ? 46  SER A CB  1 
ATOM   354 O  OG  . SER A 1 57  ? 12.704  -2.363  -10.343 1.00 21.02 ? 46  SER A OG  1 
ATOM   355 N  N   . LEU A 1 58  ? 12.701  -0.668  -7.277  1.00 15.97 ? 47  LEU A N   1 
ATOM   356 C  CA  . LEU A 1 58  ? 11.573  0.023   -6.636  1.00 14.94 ? 47  LEU A CA  1 
ATOM   357 C  C   . LEU A 1 58  ? 10.348  0.002   -7.551  1.00 15.53 ? 47  LEU A C   1 
ATOM   358 O  O   . LEU A 1 58  ? 10.430  0.418   -8.721  1.00 15.18 ? 47  LEU A O   1 
ATOM   359 C  CB  . LEU A 1 58  ? 11.927  1.483   -6.322  1.00 14.84 ? 47  LEU A CB  1 
ATOM   360 C  CG  . LEU A 1 58  ? 12.993  1.699   -5.220  1.00 15.99 ? 47  LEU A CG  1 
ATOM   361 C  CD1 . LEU A 1 58  ? 13.505  3.122   -5.115  1.00 18.88 ? 47  LEU A CD1 1 
ATOM   362 C  CD2 . LEU A 1 58  ? 12.458  1.228   -3.866  1.00 16.61 ? 47  LEU A CD2 1 
ATOM   363 N  N   . LYS A 1 59  ? 9.224   -0.458  -7.009  1.00 15.70 ? 48  LYS A N   1 
ATOM   364 C  CA  . LYS A 1 59  ? 7.981   -0.565  -7.777  1.00 16.90 ? 48  LYS A CA  1 
ATOM   365 C  C   . LYS A 1 59  ? 6.861   0.062   -6.981  1.00 16.54 ? 48  LYS A C   1 
ATOM   366 O  O   . LYS A 1 59  ? 6.917   0.099   -5.758  1.00 15.93 ? 48  LYS A O   1 
ATOM   367 C  CB  . LYS A 1 59  ? 7.600   -2.039  -7.993  1.00 17.98 ? 48  LYS A CB  1 
ATOM   368 C  CG  . LYS A 1 59  ? 8.669   -2.950  -8.649  1.00 19.62 ? 48  LYS A CG  1 
ATOM   369 C  CD  . LYS A 1 59  ? 8.836   -2.660  -10.104 1.00 25.43 ? 48  LYS A CD  1 
ATOM   370 C  CE  . LYS A 1 59  ? 9.612   -3.763  -10.798 1.00 28.16 ? 48  LYS A CE  1 
ATOM   371 N  NZ  . LYS A 1 59  ? 10.418  -3.187  -11.909 1.00 30.82 ? 48  LYS A NZ  1 
ATOM   372 N  N   . TRP A 1 60  ? 5.827   0.503   -7.687  1.00 16.66 ? 49  TRP A N   1 
ATOM   373 C  CA  . TRP A 1 60  ? 4.599   0.923   -7.029  1.00 17.13 ? 49  TRP A CA  1 
ATOM   374 C  C   . TRP A 1 60  ? 3.915   -0.333  -6.491  1.00 18.38 ? 49  TRP A C   1 
ATOM   375 O  O   . TRP A 1 60  ? 3.824   -1.348  -7.195  1.00 19.65 ? 49  TRP A O   1 
ATOM   376 C  CB  . TRP A 1 60  ? 3.702   1.652   -8.020  1.00 15.72 ? 49  TRP A CB  1 
ATOM   377 C  CG  . TRP A 1 60  ? 4.298   2.942   -8.493  1.00 16.87 ? 49  TRP A CG  1 
ATOM   378 C  CD1 . TRP A 1 60  ? 4.849   3.201   -9.706  1.00 17.69 ? 49  TRP A CD1 1 
ATOM   379 C  CD2 . TRP A 1 60  ? 4.434   4.143   -7.723  1.00 16.81 ? 49  TRP A CD2 1 
ATOM   380 N  NE1 . TRP A 1 60  ? 5.305   4.501   -9.754  1.00 16.34 ? 49  TRP A NE1 1 
ATOM   381 C  CE2 . TRP A 1 60  ? 5.080   5.094   -8.540  1.00 16.89 ? 49  TRP A CE2 1 
ATOM   382 C  CE3 . TRP A 1 60  ? 4.069   4.504   -6.420  1.00 17.74 ? 49  TRP A CE3 1 
ATOM   383 C  CZ2 . TRP A 1 60  ? 5.362   6.394   -8.104  1.00 17.24 ? 49  TRP A CZ2 1 
ATOM   384 C  CZ3 . TRP A 1 60  ? 4.351   5.794   -5.981  1.00 16.76 ? 49  TRP A CZ3 1 
ATOM   385 C  CH2 . TRP A 1 60  ? 4.976   6.729   -6.830  1.00 16.34 ? 49  TRP A CH2 1 
ATOM   386 N  N   . GLN A 1 61  ? 3.476   -0.281  -5.243  1.00 19.38 ? 50  GLN A N   1 
ATOM   387 C  CA  . GLN A 1 61  ? 2.690   -1.376  -4.681  1.00 20.30 ? 50  GLN A CA  1 
ATOM   388 C  C   . GLN A 1 61  ? 1.389   -1.542  -5.482  1.00 20.99 ? 50  GLN A C   1 
ATOM   389 O  O   . GLN A 1 61  ? 0.812   -0.555  -5.933  1.00 20.72 ? 50  GLN A O   1 
ATOM   390 C  CB  . GLN A 1 61  ? 2.398   -1.116  -3.218  1.00 21.52 ? 50  GLN A CB  1 
ATOM   391 C  CG  . GLN A 1 61  ? 3.654   -1.260  -2.318  1.00 23.71 ? 50  GLN A CG  1 
ATOM   392 C  CD  . GLN A 1 61  ? 3.332   -1.051  -0.853  1.00 27.26 ? 50  GLN A CD  1 
ATOM   393 O  OE1 . GLN A 1 61  ? 2.230   -1.375  -0.408  1.00 28.18 ? 50  GLN A OE1 1 
ATOM   394 N  NE2 . GLN A 1 61  ? 4.304   -0.527  -0.090  1.00 26.87 ? 50  GLN A NE2 1 
ATOM   395 N  N   . PRO A 1 62  ? 0.940   -2.798  -5.674  1.00 21.41 ? 51  PRO A N   1 
ATOM   396 C  CA  . PRO A 1 62  ? -0.317  -3.074  -6.368  1.00 22.20 ? 51  PRO A CA  1 
ATOM   397 C  C   . PRO A 1 62  ? -1.518  -2.475  -5.651  1.00 22.03 ? 51  PRO A C   1 
ATOM   398 O  O   . PRO A 1 62  ? -1.428  -2.099  -4.484  1.00 21.11 ? 51  PRO A O   1 
ATOM   399 C  CB  . PRO A 1 62  ? -0.416  -4.614  -6.327  1.00 21.99 ? 51  PRO A CB  1 
ATOM   400 C  CG  . PRO A 1 62  ? 0.493   -5.040  -5.258  1.00 22.88 ? 51  PRO A CG  1 
ATOM   401 C  CD  . PRO A 1 62  ? 1.609   -4.038  -5.234  1.00 22.57 ? 51  PRO A CD  1 
ATOM   402 N  N   . SER A 1 63  ? -2.625  -2.386  -6.381  1.00 22.26 ? 52  SER A N   1 
ATOM   403 C  CA  . SER A 1 63  ? -3.904  -1.982  -5.848  1.00 23.47 ? 52  SER A CA  1 
ATOM   404 C  C   . SER A 1 63  ? -4.295  -2.889  -4.672  1.00 22.09 ? 52  SER A C   1 
ATOM   405 O  O   . SER A 1 63  ? -3.849  -4.033  -4.592  1.00 22.18 ? 52  SER A O   1 
ATOM   406 C  CB  . SER A 1 63  ? -4.932  -2.126  -6.973  1.00 24.41 ? 52  SER A CB  1 
ATOM   407 O  OG  . SER A 1 63  ? -4.964  -3.474  -7.444  1.00 27.21 ? 52  SER A OG  1 
ATOM   408 N  N   . ASN A 1 64  ? -5.090  -2.366  -3.749  1.00 21.10 ? 53  ASN A N   1 
ATOM   409 C  CA  . ASN A 1 64  ? -5.562  -3.164  -2.620  1.00 20.10 ? 53  ASN A CA  1 
ATOM   410 C  C   . ASN A 1 64  ? -6.044  -4.523  -3.118  1.00 18.80 ? 53  ASN A C   1 
ATOM   411 O  O   . ASN A 1 64  ? -6.697  -4.597  -4.168  1.00 17.54 ? 53  ASN A O   1 
ATOM   412 C  CB  . ASN A 1 64  ? -6.691  -2.419  -1.921  1.00 21.13 ? 53  ASN A CB  1 
ATOM   413 C  CG  . ASN A 1 64  ? -6.211  -1.158  -1.224  1.00 23.56 ? 53  ASN A CG  1 
ATOM   414 O  OD1 . ASN A 1 64  ? -5.049  -1.063  -0.791  1.00 26.07 ? 53  ASN A OD1 1 
ATOM   415 N  ND2 . ASN A 1 64  ? -7.097  -0.165  -1.126  1.00 23.84 ? 53  ASN A ND2 1 
ATOM   416 N  N   . PHE A 1 65  ? -5.731  -5.605  -2.389  1.00 16.45 ? 54  PHE A N   1 
ATOM   417 C  CA  . PHE A 1 65  ? -6.099  -6.939  -2.867  1.00 16.25 ? 54  PHE A CA  1 
ATOM   418 C  C   . PHE A 1 65  ? -7.612  -7.175  -3.103  1.00 15.76 ? 54  PHE A C   1 
ATOM   419 O  O   . PHE A 1 65  ? -7.991  -8.066  -3.857  1.00 17.19 ? 54  PHE A O   1 
ATOM   420 C  CB  . PHE A 1 65  ? -5.452  -8.060  -2.015  1.00 16.27 ? 54  PHE A CB  1 
ATOM   421 C  CG  . PHE A 1 65  ? -6.074  -8.249  -0.662  1.00 16.95 ? 54  PHE A CG  1 
ATOM   422 C  CD1 . PHE A 1 65  ? -7.177  -9.101  -0.494  1.00 14.04 ? 54  PHE A CD1 1 
ATOM   423 C  CD2 . PHE A 1 65  ? -5.509  -7.665  0.461   1.00 15.74 ? 54  PHE A CD2 1 
ATOM   424 C  CE1 . PHE A 1 65  ? -7.750  -9.305  0.764   1.00 18.00 ? 54  PHE A CE1 1 
ATOM   425 C  CE2 . PHE A 1 65  ? -6.073  -7.857  1.733   1.00 17.24 ? 54  PHE A CE2 1 
ATOM   426 C  CZ  . PHE A 1 65  ? -7.206  -8.675  1.884   1.00 16.78 ? 54  PHE A CZ  1 
ATOM   427 N  N   . ILE A 1 66  ? -8.471  -6.392  -2.459  1.00 16.03 ? 55  ILE A N   1 
ATOM   428 C  CA  . ILE A 1 66  ? -9.913  -6.478  -2.710  1.00 16.43 ? 55  ILE A CA  1 
ATOM   429 C  C   . ILE A 1 66  ? -10.292 -6.129  -4.158  1.00 16.12 ? 55  ILE A C   1 
ATOM   430 O  O   . ILE A 1 66  ? -11.383 -6.475  -4.620  1.00 16.01 ? 55  ILE A O   1 
ATOM   431 C  CB  . ILE A 1 66  ? -10.732 -5.572  -1.765  1.00 16.63 ? 55  ILE A CB  1 
ATOM   432 C  CG1 . ILE A 1 66  ? -10.167 -4.136  -1.791  1.00 16.39 ? 55  ILE A CG1 1 
ATOM   433 C  CG2 . ILE A 1 66  ? -10.780 -6.182  -0.383  1.00 18.90 ? 55  ILE A CG2 1 
ATOM   434 C  CD1 . ILE A 1 66  ? -11.100 -3.061  -1.181  1.00 16.91 ? 55  ILE A CD1 1 
ATOM   435 N  N   . GLU A 1 67  ? -9.410  -5.440  -4.883  1.00 15.65 ? 56  GLU A N   1 
ATOM   436 C  CA  A GLU A 1 67  ? -9.744  -5.065  -6.247  0.75 15.79 ? 56  GLU A CA  1 
ATOM   437 C  CA  B GLU A 1 67  ? -9.686  -5.074  -6.270  0.25 15.54 ? 56  GLU A CA  1 
ATOM   438 C  C   . GLU A 1 67  ? -9.598  -6.265  -7.195  1.00 15.90 ? 56  GLU A C   1 
ATOM   439 O  O   . GLU A 1 67  ? -10.265 -6.302  -8.229  1.00 16.23 ? 56  GLU A O   1 
ATOM   440 C  CB  A GLU A 1 67  ? -8.919  -3.825  -6.701  0.75 16.08 ? 56  GLU A CB  1 
ATOM   441 C  CB  B GLU A 1 67  ? -8.687  -4.033  -6.758  0.25 15.46 ? 56  GLU A CB  1 
ATOM   442 C  CG  A GLU A 1 67  ? -8.954  -3.498  -8.202  0.75 18.19 ? 56  GLU A CG  1 
ATOM   443 C  CG  B GLU A 1 67  ? -8.621  -2.837  -5.891  0.25 15.47 ? 56  GLU A CG  1 
ATOM   444 C  CD  A GLU A 1 67  ? -10.254 -2.886  -8.765  0.75 21.52 ? 56  GLU A CD  1 
ATOM   445 C  CD  B GLU A 1 67  ? -7.637  -1.832  -6.401  0.25 16.33 ? 56  GLU A CD  1 
ATOM   446 O  OE1 A GLU A 1 67  ? -11.349 -3.022  -8.188  0.75 16.32 ? 56  GLU A OE1 1 
ATOM   447 O  OE1 B GLU A 1 67  ? -7.533  -1.681  -7.638  0.25 15.20 ? 56  GLU A OE1 1 
ATOM   448 O  OE2 A GLU A 1 67  ? -10.155 -2.254  -9.856  0.75 26.08 ? 56  GLU A OE2 1 
ATOM   449 O  OE2 B GLU A 1 67  ? -6.974  -1.188  -5.561  0.25 17.91 ? 56  GLU A OE2 1 
ATOM   450 N  N   . THR A 1 68  ? -8.751  -7.239  -6.826  1.00 14.24 ? 57  THR A N   1 
ATOM   451 C  CA  . THR A 1 68  ? -8.398  -8.365  -7.695  1.00 16.32 ? 57  THR A CA  1 
ATOM   452 C  C   . THR A 1 68  ? -8.713  -9.743  -7.075  1.00 16.24 ? 57  THR A C   1 
ATOM   453 O  O   . THR A 1 68  ? -8.378  -10.784 -7.655  1.00 17.10 ? 57  THR A O   1 
ATOM   454 C  CB  . THR A 1 68  ? -6.887  -8.311  -8.068  1.00 16.13 ? 57  THR A CB  1 
ATOM   455 O  OG1 . THR A 1 68  ? -6.106  -8.347  -6.854  1.00 18.98 ? 57  THR A OG1 1 
ATOM   456 C  CG2 . THR A 1 68  ? -6.577  -7.029  -8.845  1.00 17.90 ? 57  THR A CG2 1 
ATOM   457 N  N   . CYS A 1 69  ? -9.376  -9.728  -5.924  1.00 15.77 ? 58  CYS A N   1 
ATOM   458 C  CA  . CYS A 1 69  ? -9.768  -10.957 -5.226  1.00 15.97 ? 58  CYS A CA  1 
ATOM   459 C  C   . CYS A 1 69  ? -11.247 -10.877 -4.874  1.00 15.39 ? 58  CYS A C   1 
ATOM   460 O  O   . CYS A 1 69  ? -11.816 -9.791  -4.706  1.00 15.57 ? 58  CYS A O   1 
ATOM   461 C  CB  . CYS A 1 69  ? -8.907  -11.180 -3.950  1.00 15.64 ? 58  CYS A CB  1 
ATOM   462 S  SG  . CYS A 1 69  ? -7.119  -11.282 -4.240  1.00 20.53 ? 58  CYS A SG  1 
ATOM   463 N  N   . ARG A 1 70  ? -11.885 -12.032 -4.753  1.00 15.26 ? 59  ARG A N   1 
ATOM   464 C  CA  . ARG A 1 70  ? -13.295 -12.086 -4.441  1.00 15.52 ? 59  ARG A CA  1 
ATOM   465 C  C   . ARG A 1 70  ? -13.545 -13.207 -3.456  1.00 16.08 ? 59  ARG A C   1 
ATOM   466 O  O   . ARG A 1 70  ? -12.688 -14.095 -3.289  1.00 15.57 ? 59  ARG A O   1 
ATOM   467 C  CB  . ARG A 1 70  ? -14.126 -12.283 -5.706  1.00 15.98 ? 59  ARG A CB  1 
ATOM   468 C  CG  . ARG A 1 70  ? -13.911 -13.648 -6.345  1.00 17.15 ? 59  ARG A CG  1 
ATOM   469 C  CD  . ARG A 1 70  ? -14.647 -13.774 -7.641  1.00 21.63 ? 59  ARG A CD  1 
ATOM   470 N  NE  . ARG A 1 70  ? -14.393 -15.086 -8.207  1.00 22.38 ? 59  ARG A NE  1 
ATOM   471 C  CZ  . ARG A 1 70  ? -14.666 -15.440 -9.458  1.00 27.25 ? 59  ARG A CZ  1 
ATOM   472 N  NH1 . ARG A 1 70  ? -15.197 -14.573 -10.317 1.00 26.32 ? 59  ARG A NH1 1 
ATOM   473 N  NH2 . ARG A 1 70  ? -14.388 -16.675 -9.856  1.00 27.23 ? 59  ARG A NH2 1 
ATOM   474 N  N   . ASN A 1 71  ? -14.680 -13.103 -2.772  1.00 15.81 ? 60  ASN A N   1 
ATOM   475 C  CA  A ASN A 1 71  ? -15.146 -14.119 -1.825  0.25 16.55 ? 60  ASN A CA  1 
ATOM   476 C  CA  B ASN A 1 71  ? -15.129 -14.141 -1.841  0.75 17.41 ? 60  ASN A CA  1 
ATOM   477 C  C   . ASN A 1 71  ? -14.149 -14.327 -0.685  1.00 16.77 ? 60  ASN A C   1 
ATOM   478 O  O   . ASN A 1 71  ? -13.872 -15.454 -0.262  1.00 17.34 ? 60  ASN A O   1 
ATOM   479 C  CB  A ASN A 1 71  ? -15.467 -15.441 -2.536  0.25 16.52 ? 60  ASN A CB  1 
ATOM   480 C  CB  B ASN A 1 71  ? -15.316 -15.463 -2.581  0.75 17.80 ? 60  ASN A CB  1 
ATOM   481 C  CG  A ASN A 1 71  ? -16.317 -16.364 -1.685  0.25 16.57 ? 60  ASN A CG  1 
ATOM   482 C  CG  B ASN A 1 71  ? -16.518 -15.450 -3.488  0.75 20.72 ? 60  ASN A CG  1 
ATOM   483 O  OD1 A ASN A 1 71  ? -16.922 -15.934 -0.703  0.25 16.54 ? 60  ASN A OD1 1 
ATOM   484 O  OD1 B ASN A 1 71  ? -17.622 -15.088 -3.069  0.75 24.10 ? 60  ASN A OD1 1 
ATOM   485 N  ND2 A ASN A 1 71  ? -16.359 -17.639 -2.052  0.25 17.94 ? 60  ASN A ND2 1 
ATOM   486 N  ND2 B ASN A 1 71  ? -16.317 -15.864 -4.732  0.75 24.73 ? 60  ASN A ND2 1 
ATOM   487 N  N   . THR A 1 72  ? -13.610 -13.228 -0.191  1.00 16.38 ? 61  THR A N   1 
ATOM   488 C  CA  . THR A 1 72  ? -12.729 -13.307 0.979   1.00 16.00 ? 61  THR A CA  1 
ATOM   489 C  C   . THR A 1 72  ? -13.520 -13.747 2.208   1.00 16.83 ? 61  THR A C   1 
ATOM   490 O  O   . THR A 1 72  ? -14.661 -13.329 2.419   1.00 15.65 ? 61  THR A O   1 
ATOM   491 C  CB  . THR A 1 72  ? -12.067 -11.955 1.314   1.00 16.08 ? 61  THR A CB  1 
ATOM   492 O  OG1 . THR A 1 72  ? -13.076 -11.021 1.739   1.00 16.15 ? 61  THR A OG1 1 
ATOM   493 C  CG2 . THR A 1 72  ? -11.329 -11.385 0.125   1.00 15.95 ? 61  THR A CG2 1 
ATOM   494 N  N   . GLN A 1 73  ? -12.909 -14.586 3.019   1.00 16.76 ? 62  GLN A N   1 
ATOM   495 C  CA  . GLN A 1 73  ? -13.526 -15.014 4.261   1.00 18.12 ? 62  GLN A CA  1 
ATOM   496 C  C   . GLN A 1 73  ? -12.485 -15.649 5.147   1.00 17.64 ? 62  GLN A C   1 
ATOM   497 O  O   . GLN A 1 73  ? -11.419 -16.014 4.678   1.00 17.03 ? 62  GLN A O   1 
ATOM   498 C  CB  . GLN A 1 73  ? -14.595 -16.058 3.968   1.00 19.14 ? 62  GLN A CB  1 
ATOM   499 C  CG  . GLN A 1 73  ? -14.051 -17.204 3.159   1.00 20.90 ? 62  GLN A CG  1 
ATOM   500 C  CD  . GLN A 1 73  ? -15.146 -17.953 2.466   1.00 26.84 ? 62  GLN A CD  1 
ATOM   501 O  OE1 . GLN A 1 73  ? -15.366 -17.791 1.262   1.00 31.75 ? 62  GLN A OE1 1 
ATOM   502 N  NE2 . GLN A 1 73  ? -15.859 -18.774 3.222   1.00 27.33 ? 62  GLN A NE2 1 
ATOM   503 N  N   . LEU A 1 74  ? -12.811 -15.747 6.431   1.00 17.50 ? 63  LEU A N   1 
ATOM   504 C  CA  . LEU A 1 74  ? -11.998 -16.516 7.354   1.00 18.32 ? 63  LEU A CA  1 
ATOM   505 C  C   . LEU A 1 74  ? -12.351 -17.990 7.226   1.00 18.97 ? 63  LEU A C   1 
ATOM   506 O  O   . LEU A 1 74  ? -13.495 -18.394 7.508   1.00 19.97 ? 63  LEU A O   1 
ATOM   507 C  CB  . LEU A 1 74  ? -12.184 -16.049 8.805   1.00 19.01 ? 63  LEU A CB  1 
ATOM   508 C  CG  . LEU A 1 74  ? -11.090 -16.552 9.775   1.00 20.41 ? 63  LEU A CG  1 
ATOM   509 C  CD1 . LEU A 1 74  ? -9.765  -15.913 9.493   1.00 22.96 ? 63  LEU A CD1 1 
ATOM   510 C  CD2 . LEU A 1 74  ? -11.476 -16.280 11.199  1.00 22.71 ? 63  LEU A CD2 1 
ATOM   511 N  N   . ALA A 1 75  ? -11.363 -18.786 6.844   1.00 18.21 ? 64  ALA A N   1 
ATOM   512 C  CA  . ALA A 1 75  ? -11.504 -20.234 6.795   1.00 19.93 ? 64  ALA A CA  1 
ATOM   513 C  C   . ALA A 1 75  ? -10.933 -20.831 8.085   1.00 21.06 ? 64  ALA A C   1 
ATOM   514 O  O   . ALA A 1 75  ? -9.722  -20.790 8.301   1.00 22.21 ? 64  ALA A O   1 
ATOM   515 C  CB  . ALA A 1 75  ? -10.768 -20.789 5.564   1.00 19.22 ? 64  ALA A CB  1 
ATOM   516 N  N   . GLY A 1 76  ? -11.793 -21.332 8.957   1.00 21.88 ? 65  GLY A N   1 
ATOM   517 C  CA  . GLY A 1 76  ? -11.340 -21.854 10.249  1.00 21.97 ? 65  GLY A CA  1 
ATOM   518 C  C   . GLY A 1 76  ? -11.008 -20.718 11.197  1.00 22.02 ? 65  GLY A C   1 
ATOM   519 O  O   . GLY A 1 76  ? -11.666 -19.681 11.187  1.00 23.28 ? 65  GLY A O   1 
ATOM   520 N  N   . SER A 1 77  ? -9.997  -20.911 12.041  1.00 20.89 ? 66  SER A N   1 
ATOM   521 C  CA  . SER A 1 77  ? -9.728  -19.936 13.087  1.00 18.92 ? 66  SER A CA  1 
ATOM   522 C  C   . SER A 1 77  ? -8.746  -18.838 12.663  1.00 17.68 ? 66  SER A C   1 
ATOM   523 O  O   . SER A 1 77  ? -8.709  -17.795 13.309  1.00 17.29 ? 66  SER A O   1 
ATOM   524 C  CB  . SER A 1 77  ? -9.230  -20.608 14.368  1.00 19.35 ? 66  SER A CB  1 
ATOM   525 O  OG  . SER A 1 77  ? -8.208  -21.554 14.092  1.00 21.63 ? 66  SER A OG  1 
ATOM   526 N  N   . SER A 1 78  ? -7.960  -19.058 11.605  1.00 16.70 ? 67  SER A N   1 
ATOM   527 C  CA  . SER A 1 78  ? -6.927  -18.057 11.259  1.00 15.39 ? 67  SER A CA  1 
ATOM   528 C  C   . SER A 1 78  ? -6.541  -17.845 9.791   1.00 15.87 ? 67  SER A C   1 
ATOM   529 O  O   . SER A 1 78  ? -5.735  -16.965 9.488   1.00 15.21 ? 67  SER A O   1 
ATOM   530 C  CB  . SER A 1 78  ? -5.648  -18.332 12.076  1.00 16.65 ? 67  SER A CB  1 
ATOM   531 O  OG  . SER A 1 78  ? -4.952  -19.482 11.584  1.00 16.34 ? 67  SER A OG  1 
ATOM   532 N  N   . GLU A 1 79  ? -7.101  -18.627 8.877   1.00 15.04 ? 68  GLU A N   1 
ATOM   533 C  CA  . GLU A 1 79  ? -6.726  -18.480 7.471   1.00 16.15 ? 68  GLU A CA  1 
ATOM   534 C  C   . GLU A 1 79  ? -7.618  -17.494 6.718   1.00 15.61 ? 68  GLU A C   1 
ATOM   535 O  O   . GLU A 1 79  ? -8.826  -17.635 6.741   1.00 16.93 ? 68  GLU A O   1 
ATOM   536 C  CB  . GLU A 1 79  ? -6.798  -19.852 6.775   1.00 16.69 ? 68  GLU A CB  1 
ATOM   537 C  CG  . GLU A 1 79  ? -5.867  -20.881 7.379   1.00 21.64 ? 68  GLU A CG  1 
ATOM   538 C  CD  . GLU A 1 79  ? -4.497  -20.912 6.749   1.00 21.78 ? 68  GLU A CD  1 
ATOM   539 O  OE1 . GLU A 1 79  ? -4.290  -20.302 5.678   1.00 23.03 ? 68  GLU A OE1 1 
ATOM   540 O  OE2 . GLU A 1 79  ? -3.622  -21.594 7.323   1.00 27.73 ? 68  GLU A OE2 1 
ATOM   541 N  N   . LEU A 1 80  ? -7.015  -16.536 6.028   1.00 14.71 ? 69  LEU A N   1 
ATOM   542 C  CA  . LEU A 1 80  ? -7.715  -15.756 5.023   1.00 14.69 ? 69  LEU A CA  1 
ATOM   543 C  C   . LEU A 1 80  ? -7.730  -16.578 3.724   1.00 14.48 ? 69  LEU A C   1 
ATOM   544 O  O   . LEU A 1 80  ? -6.668  -16.903 3.186   1.00 15.28 ? 69  LEU A O   1 
ATOM   545 C  CB  . LEU A 1 80  ? -7.013  -14.409 4.778   1.00 14.76 ? 69  LEU A CB  1 
ATOM   546 C  CG  . LEU A 1 80  ? -7.390  -13.560 3.563   1.00 15.79 ? 69  LEU A CG  1 
ATOM   547 C  CD1 . LEU A 1 80  ? -8.913  -13.199 3.686   1.00 13.49 ? 69  LEU A CD1 1 
ATOM   548 C  CD2 . LEU A 1 80  ? -6.555  -12.301 3.496   1.00 16.77 ? 69  LEU A CD2 1 
ATOM   549 N  N   . ALA A 1 81  ? -8.936  -16.908 3.252   1.00 13.27 ? 70  ALA A N   1 
ATOM   550 C  CA  . ALA A 1 81  ? -9.107  -17.579 1.963   1.00 13.09 ? 70  ALA A CA  1 
ATOM   551 C  C   . ALA A 1 81  ? -9.859  -16.693 0.966   1.00 13.43 ? 70  ALA A C   1 
ATOM   552 O  O   . ALA A 1 81  ? -10.721 -15.885 1.337   1.00 13.24 ? 70  ALA A O   1 
ATOM   553 C  CB  . ALA A 1 81  ? -9.847  -18.917 2.155   1.00 13.58 ? 70  ALA A CB  1 
ATOM   554 N  N   . ALA A 1 82  ? -9.548  -16.847 -0.311  1.00 12.93 ? 71  ALA A N   1 
ATOM   555 C  CA  . ALA A 1 82  ? -10.236 -16.047 -1.330  1.00 13.30 ? 71  ALA A CA  1 
ATOM   556 C  C   . ALA A 1 82  ? -9.945  -16.663 -2.683  1.00 13.93 ? 71  ALA A C   1 
ATOM   557 O  O   . ALA A 1 82  ? -9.174  -17.630 -2.778  1.00 14.50 ? 71  ALA A O   1 
ATOM   558 C  CB  . ALA A 1 82  ? -9.737  -14.556 -1.295  1.00 12.71 ? 71  ALA A CB  1 
ATOM   559 N  N   . GLU A 1 83  ? -10.564 -16.111 -3.728  1.00 14.36 ? 72  GLU A N   1 
ATOM   560 C  CA  . GLU A 1 83  ? -10.113 -16.380 -5.087  1.00 15.88 ? 72  GLU A CA  1 
ATOM   561 C  C   . GLU A 1 83  ? -9.532  -15.097 -5.651  1.00 16.36 ? 72  GLU A C   1 
ATOM   562 O  O   . GLU A 1 83  ? -10.220 -14.051 -5.637  1.00 16.73 ? 72  GLU A O   1 
ATOM   563 C  CB  . GLU A 1 83  ? -11.276 -16.808 -5.967  1.00 16.69 ? 72  GLU A CB  1 
ATOM   564 C  CG  . GLU A 1 83  ? -11.891 -18.135 -5.567  1.00 20.89 ? 72  GLU A CG  1 
ATOM   565 C  CD  . GLU A 1 83  ? -13.394 -18.066 -5.589  1.00 29.05 ? 72  GLU A CD  1 
ATOM   566 O  OE1 . GLU A 1 83  ? -13.957 -17.728 -6.653  1.00 28.36 ? 72  GLU A OE1 1 
ATOM   567 O  OE2 . GLU A 1 83  ? -14.017 -18.328 -4.525  1.00 34.35 ? 72  GLU A OE2 1 
ATOM   568 N  N   . CYS A 1 84  ? -8.308  -15.181 -6.172  1.00 16.75 ? 73  CYS A N   1 
ATOM   569 C  CA  . CYS A 1 84  ? -7.571  -14.001 -6.685  1.00 17.60 ? 73  CYS A CA  1 
ATOM   570 C  C   . CYS A 1 84  ? -7.139  -14.133 -8.150  1.00 18.86 ? 73  CYS A C   1 
ATOM   571 O  O   . CYS A 1 84  ? -6.818  -15.236 -8.634  1.00 17.75 ? 73  CYS A O   1 
ATOM   572 C  CB  . CYS A 1 84  ? -6.315  -13.737 -5.845  1.00 18.46 ? 73  CYS A CB  1 
ATOM   573 S  SG  . CYS A 1 84  ? -6.617  -13.280 -4.130  1.00 20.17 ? 73  CYS A SG  1 
ATOM   574 N  N   . LYS A 1 85  ? -7.085  -12.991 -8.842  1.00 19.59 ? 74  LYS A N   1 
ATOM   575 C  CA  . LYS A 1 85  ? -6.677  -12.958 -10.255 1.00 21.11 ? 74  LYS A CA  1 
ATOM   576 C  C   . LYS A 1 85  ? -5.176  -13.126 -10.452 1.00 21.53 ? 74  LYS A C   1 
ATOM   577 O  O   . LYS A 1 85  ? -4.379  -12.446 -9.812  1.00 20.96 ? 74  LYS A O   1 
ATOM   578 C  CB  . LYS A 1 85  ? -7.083  -11.635 -10.896 1.00 21.10 ? 74  LYS A CB  1 
ATOM   579 C  CG  . LYS A 1 85  ? -8.555  -11.422 -10.932 1.00 25.79 ? 74  LYS A CG  1 
ATOM   580 C  CD  . LYS A 1 85  ? -8.872  -10.338 -11.916 1.00 31.21 ? 74  LYS A CD  1 
ATOM   581 C  CE  . LYS A 1 85  ? -10.304 -10.452 -12.348 1.00 35.18 ? 74  LYS A CE  1 
ATOM   582 N  NZ  . LYS A 1 85  ? -10.591 -9.383  -13.341 1.00 36.49 ? 74  LYS A NZ  1 
ATOM   583 N  N   . THR A 1 86  ? -4.786  -13.991 -11.381 1.00 22.72 ? 75  THR A N   1 
ATOM   584 C  CA  . THR A 1 86  ? -3.382  -14.112 -11.742 1.00 24.30 ? 75  THR A CA  1 
ATOM   585 C  C   . THR A 1 86  ? -3.058  -13.001 -12.732 1.00 25.50 ? 75  THR A C   1 
ATOM   586 O  O   . THR A 1 86  ? -3.963  -12.287 -13.153 1.00 25.65 ? 75  THR A O   1 
ATOM   587 C  CB  . THR A 1 86  ? -3.126  -15.429 -12.441 1.00 23.72 ? 75  THR A CB  1 
ATOM   588 O  OG1 . THR A 1 86  ? -3.829  -15.421 -13.695 1.00 24.48 ? 75  THR A OG1 1 
ATOM   589 C  CG2 . THR A 1 86  ? -3.633  -16.574 -11.579 1.00 24.43 ? 75  THR A CG2 1 
ATOM   590 N  N   . ARG A 1 87  ? -1.789  -12.869 -13.114 1.00 27.22 ? 76  ARG A N   1 
ATOM   591 C  CA  . ARG A 1 87  ? -1.400  -11.848 -14.107 1.00 29.86 ? 76  ARG A CA  1 
ATOM   592 C  C   . ARG A 1 87  ? -2.076  -12.129 -15.450 1.00 30.22 ? 76  ARG A C   1 
ATOM   593 O  O   . ARG A 1 87  ? -2.298  -11.210 -16.234 1.00 31.43 ? 76  ARG A O   1 
ATOM   594 C  CB  . ARG A 1 87  ? 0.131   -11.754 -14.269 1.00 30.48 ? 76  ARG A CB  1 
ATOM   595 C  CG  . ARG A 1 87  ? 0.863   -11.166 -13.052 1.00 33.61 ? 76  ARG A CG  1 
ATOM   596 C  CD  . ARG A 1 87  ? 2.387   -11.212 -13.213 1.00 39.23 ? 76  ARG A CD  1 
ATOM   597 N  NE  . ARG A 1 87  ? 3.086   -10.733 -12.010 1.00 44.13 ? 76  ARG A NE  1 
ATOM   598 C  CZ  . ARG A 1 87  ? 3.834   -11.493 -11.208 1.00 45.15 ? 76  ARG A CZ  1 
ATOM   599 N  NH1 . ARG A 1 87  ? 4.010   -12.785 -11.477 1.00 45.55 ? 76  ARG A NH1 1 
ATOM   600 N  NH2 . ARG A 1 87  ? 4.422   -10.962 -10.142 1.00 45.43 ? 76  ARG A NH2 1 
ATOM   601 N  N   . ALA A 1 88  ? -2.414  -13.399 -15.694 1.00 30.60 ? 77  ALA A N   1 
ATOM   602 C  CA  . ALA A 1 88  ? -3.167  -13.812 -16.883 1.00 31.36 ? 77  ALA A CA  1 
ATOM   603 C  C   . ALA A 1 88  ? -4.680  -13.610 -16.724 1.00 31.25 ? 77  ALA A C   1 
ATOM   604 O  O   . ALA A 1 88  ? -5.466  -14.004 -17.598 1.00 32.57 ? 77  ALA A O   1 
ATOM   605 C  CB  . ALA A 1 88  ? -2.855  -15.272 -17.229 1.00 31.15 ? 77  ALA A CB  1 
ATOM   606 N  N   . GLN A 1 89  ? -5.083  -13.016 -15.602 1.00 31.01 ? 78  GLN A N   1 
ATOM   607 C  CA  . GLN A 1 89  ? -6.482  -12.619 -15.355 1.00 30.79 ? 78  GLN A CA  1 
ATOM   608 C  C   . GLN A 1 89  ? -7.470  -13.762 -15.075 1.00 29.61 ? 78  GLN A C   1 
ATOM   609 O  O   . GLN A 1 89  ? -8.680  -13.589 -15.200 1.00 29.65 ? 78  GLN A O   1 
ATOM   610 C  CB  . GLN A 1 89  ? -6.997  -11.677 -16.458 1.00 31.55 ? 78  GLN A CB  1 
ATOM   611 C  CG  . GLN A 1 89  ? -6.205  -10.369 -16.564 1.00 34.07 ? 78  GLN A CG  1 
ATOM   612 C  CD  . GLN A 1 89  ? -6.195  -9.577  -15.261 1.00 37.45 ? 78  GLN A CD  1 
ATOM   613 O  OE1 . GLN A 1 89  ? -7.231  -9.094  -14.807 1.00 40.41 ? 78  GLN A OE1 1 
ATOM   614 N  NE2 . GLN A 1 89  ? -5.017  -9.435  -14.660 1.00 38.12 ? 78  GLN A NE2 1 
ATOM   615 N  N   . GLN A 1 90  ? -6.962  -14.924 -14.675 1.00 27.86 ? 79  GLN A N   1 
ATOM   616 C  CA  . GLN A 1 90  ? -7.858  -15.988 -14.245 1.00 26.01 ? 79  GLN A CA  1 
ATOM   617 C  C   . GLN A 1 90  ? -7.913  -15.999 -12.722 1.00 24.50 ? 79  GLN A C   1 
ATOM   618 O  O   . GLN A 1 90  ? -6.927  -15.676 -12.055 1.00 24.49 ? 79  GLN A O   1 
ATOM   619 C  CB  . GLN A 1 90  ? -7.425  -17.346 -14.798 1.00 26.57 ? 79  GLN A CB  1 
ATOM   620 C  CG  . GLN A 1 90  ? -6.135  -17.885 -14.210 1.00 27.68 ? 79  GLN A CG  1 
ATOM   621 C  CD  . GLN A 1 90  ? -5.764  -19.211 -14.898 0.00 36.14 ? 79  GLN A CD  1 
ATOM   622 O  OE1 . GLN A 1 90  ? -5.535  -19.226 -16.120 0.00 39.62 ? 79  GLN A OE1 1 
ATOM   623 N  NE2 . GLN A 1 90  ? -5.681  -20.303 -14.133 0.00 36.10 ? 79  GLN A NE2 1 
ATOM   624 N  N   . PHE A 1 91  ? -9.074  -16.331 -12.176 1.00 22.47 ? 80  PHE A N   1 
ATOM   625 C  CA  . PHE A 1 91  ? -9.187  -16.467 -10.741 1.00 20.77 ? 80  PHE A CA  1 
ATOM   626 C  C   . PHE A 1 91  ? -8.673  -17.834 -10.328 1.00 19.91 ? 80  PHE A C   1 
ATOM   627 O  O   . PHE A 1 91  ? -9.039  -18.850 -10.938 1.00 19.10 ? 80  PHE A O   1 
ATOM   628 C  CB  . PHE A 1 91  ? -10.632 -16.348 -10.315 1.00 21.09 ? 80  PHE A CB  1 
ATOM   629 C  CG  . PHE A 1 91  ? -11.084 -14.942 -10.073 1.00 22.94 ? 80  PHE A CG  1 
ATOM   630 C  CD1 . PHE A 1 91  ? -11.931 -14.308 -10.975 1.00 25.08 ? 80  PHE A CD1 1 
ATOM   631 C  CD2 . PHE A 1 91  ? -10.684 -14.260 -8.935  1.00 23.20 ? 80  PHE A CD2 1 
ATOM   632 C  CE1 . PHE A 1 91  ? -12.363 -13.002 -10.744 1.00 26.47 ? 80  PHE A CE1 1 
ATOM   633 C  CE2 . PHE A 1 91  ? -11.106 -12.965 -8.698  1.00 24.37 ? 80  PHE A CE2 1 
ATOM   634 C  CZ  . PHE A 1 91  ? -11.949 -12.337 -9.599  1.00 23.75 ? 80  PHE A CZ  1 
ATOM   635 N  N   . VAL A 1 92  ? -7.869  -17.869 -9.262  1.00 17.46 ? 81  VAL A N   1 
ATOM   636 C  CA  . VAL A 1 92  ? -7.439  -19.140 -8.664  1.00 16.25 ? 81  VAL A CA  1 
ATOM   637 C  C   . VAL A 1 92  ? -7.644  -19.097 -7.143  1.00 16.08 ? 81  VAL A C   1 
ATOM   638 O  O   . VAL A 1 92  ? -7.727  -18.018 -6.576  1.00 15.20 ? 81  VAL A O   1 
ATOM   639 C  CB  . VAL A 1 92  ? -5.944  -19.440 -8.998  1.00 16.60 ? 81  VAL A CB  1 
ATOM   640 C  CG1 . VAL A 1 92  ? -5.762  -19.695 -10.491 1.00 16.40 ? 81  VAL A CG1 1 
ATOM   641 C  CG2 . VAL A 1 92  ? -5.017  -18.312 -8.542  1.00 17.53 ? 81  VAL A CG2 1 
ATOM   642 N  N   . SER A 1 93  ? -7.740  -20.259 -6.496  1.00 15.25 ? 82  SER A N   1 
ATOM   643 C  CA  . SER A 1 93  ? -7.833  -20.312 -5.021  1.00 15.11 ? 82  SER A CA  1 
ATOM   644 C  C   . SER A 1 93  ? -6.515  -20.003 -4.342  1.00 14.24 ? 82  SER A C   1 
ATOM   645 O  O   . SER A 1 93  ? -5.430  -20.436 -4.776  1.00 13.57 ? 82  SER A O   1 
ATOM   646 C  CB  . SER A 1 93  ? -8.310  -21.690 -4.533  1.00 14.99 ? 82  SER A CB  1 
ATOM   647 O  OG  . SER A 1 93  ? -9.417  -22.100 -5.297  1.00 17.51 ? 82  SER A OG  1 
ATOM   648 N  N   . THR A 1 94  ? -6.618  -19.283 -3.233  1.00 13.60 ? 83  THR A N   1 
ATOM   649 C  CA  . THR A 1 94  ? -5.454  -18.959 -2.443  1.00 13.97 ? 83  THR A CA  1 
ATOM   650 C  C   . THR A 1 94  ? -5.851  -18.813 -0.995  1.00 12.89 ? 83  THR A C   1 
ATOM   651 O  O   . THR A 1 94  ? -7.029  -18.583 -0.661  1.00 13.70 ? 83  THR A O   1 
ATOM   652 C  CB  . THR A 1 94  ? -4.782  -17.665 -2.954  1.00 14.01 ? 83  THR A CB  1 
ATOM   653 O  OG1 . THR A 1 94  ? -3.583  -17.390 -2.198  1.00 15.93 ? 83  THR A OG1 1 
ATOM   654 C  CG2 . THR A 1 94  ? -5.744  -16.495 -2.903  1.00 15.03 ? 83  THR A CG2 1 
ATOM   655 N  N   . LYS A 1 95  ? -4.884  -19.006 -0.117  1.00 12.97 ? 84  LYS A N   1 
ATOM   656 C  CA  A LYS A 1 95  ? -5.102  -18.719 1.300   0.50 12.90 ? 84  LYS A CA  1 
ATOM   657 C  CA  B LYS A 1 95  ? -5.105  -18.695 1.293   0.50 13.03 ? 84  LYS A CA  1 
ATOM   658 C  C   . LYS A 1 95  ? -3.796  -18.277 1.941   1.00 12.99 ? 84  LYS A C   1 
ATOM   659 O  O   . LYS A 1 95  ? -2.722  -18.548 1.405   1.00 14.04 ? 84  LYS A O   1 
ATOM   660 C  CB  A LYS A 1 95  ? -5.687  -19.930 2.041   0.50 12.72 ? 84  LYS A CB  1 
ATOM   661 C  CB  B LYS A 1 95  ? -5.750  -19.867 2.052   0.50 12.90 ? 84  LYS A CB  1 
ATOM   662 C  CG  A LYS A 1 95  ? -4.775  -21.156 2.087   0.50 13.84 ? 84  LYS A CG  1 
ATOM   663 C  CG  B LYS A 1 95  ? -4.853  -21.081 2.245   0.50 14.71 ? 84  LYS A CG  1 
ATOM   664 C  CD  A LYS A 1 95  ? -5.512  -22.388 2.630   0.50 14.11 ? 84  LYS A CD  1 
ATOM   665 C  CD  B LYS A 1 95  ? -5.601  -22.246 2.908   0.50 16.21 ? 84  LYS A CD  1 
ATOM   666 C  CE  A LYS A 1 95  ? -4.541  -23.523 2.881   0.50 15.28 ? 84  LYS A CE  1 
ATOM   667 C  CE  B LYS A 1 95  ? -4.627  -23.355 3.259   0.50 17.94 ? 84  LYS A CE  1 
ATOM   668 N  NZ  A LYS A 1 95  ? -3.687  -23.335 4.099   0.50 14.33 ? 84  LYS A NZ  1 
ATOM   669 N  NZ  B LYS A 1 95  ? -5.220  -24.407 4.138   0.50 18.52 ? 84  LYS A NZ  1 
ATOM   670 N  N   . ILE A 1 96  ? -3.905  -17.613 3.094   1.00 12.64 ? 85  ILE A N   1 
ATOM   671 C  CA  . ILE A 1 96  ? -2.758  -17.149 3.836   1.00 13.19 ? 85  ILE A CA  1 
ATOM   672 C  C   . ILE A 1 96  ? -3.081  -17.264 5.328   1.00 12.64 ? 85  ILE A C   1 
ATOM   673 O  O   . ILE A 1 96  ? -4.202  -16.967 5.736   1.00 11.97 ? 85  ILE A O   1 
ATOM   674 C  CB  . ILE A 1 96  ? -2.340  -15.710 3.379   1.00 13.22 ? 85  ILE A CB  1 
ATOM   675 C  CG1 . ILE A 1 96  ? -1.058  -15.253 4.088   1.00 13.68 ? 85  ILE A CG1 1 
ATOM   676 C  CG2 . ILE A 1 96  ? -3.490  -14.692 3.537   1.00 12.35 ? 85  ILE A CG2 1 
ATOM   677 C  CD1 . ILE A 1 96  ? -0.467  -13.978 3.447   1.00 14.29 ? 85  ILE A CD1 1 
ATOM   678 N  N   . ASN A 1 97  ? -2.137  -17.755 6.135   1.00 13.40 ? 86  ASN A N   1 
ATOM   679 C  CA  . ASN A 1 97  ? -2.419  -17.896 7.566   1.00 14.34 ? 86  ASN A CA  1 
ATOM   680 C  C   . ASN A 1 97  ? -2.171  -16.563 8.291   1.00 14.69 ? 86  ASN A C   1 
ATOM   681 O  O   . ASN A 1 97  ? -1.031  -16.120 8.409   1.00 14.99 ? 86  ASN A O   1 
ATOM   682 C  CB  . ASN A 1 97  ? -1.572  -19.013 8.183   1.00 14.82 ? 86  ASN A CB  1 
ATOM   683 C  CG  . ASN A 1 97  ? -2.019  -19.387 9.580   1.00 17.10 ? 86  ASN A CG  1 
ATOM   684 O  OD1 . ASN A 1 97  ? -2.855  -18.714 10.183  1.00 15.75 ? 86  ASN A OD1 1 
ATOM   685 N  ND2 . ASN A 1 97  ? -1.459  -20.477 10.112  1.00 20.17 ? 86  ASN A ND2 1 
ATOM   686 N  N   . LEU A 1 98  ? -3.243  -15.931 8.764   1.00 14.79 ? 87  LEU A N   1 
ATOM   687 C  CA  . LEU A 1 98  ? -3.149  -14.643 9.436   1.00 14.56 ? 87  LEU A CA  1 
ATOM   688 C  C   . LEU A 1 98  ? -2.401  -14.719 10.783  1.00 14.82 ? 87  LEU A C   1 
ATOM   689 O  O   . LEU A 1 98  ? -1.867  -13.712 11.248  1.00 14.62 ? 87  LEU A O   1 
ATOM   690 C  CB  . LEU A 1 98  ? -4.545  -14.040 9.605   1.00 14.68 ? 87  LEU A CB  1 
ATOM   691 C  CG  . LEU A 1 98  ? -5.259  -13.708 8.286   1.00 14.22 ? 87  LEU A CG  1 
ATOM   692 C  CD1 . LEU A 1 98  ? -6.601  -13.106 8.585   1.00 15.15 ? 87  LEU A CD1 1 
ATOM   693 C  CD2 . LEU A 1 98  ? -4.425  -12.754 7.385   1.00 14.60 ? 87  LEU A CD2 1 
ATOM   694 N  N   . ASP A 1 99  ? -2.365  -15.904 11.400  1.00 14.64 ? 88  ASP A N   1 
ATOM   695 C  CA  . ASP A 1 99  ? -1.525  -16.143 12.600  1.00 16.30 ? 88  ASP A CA  1 
ATOM   696 C  C   . ASP A 1 99  ? -0.038  -15.884 12.382  1.00 16.43 ? 88  ASP A C   1 
ATOM   697 O  O   . ASP A 1 99  ? 0.677   -15.719 13.364  1.00 16.55 ? 88  ASP A O   1 
ATOM   698 C  CB  . ASP A 1 99  ? -1.669  -17.587 13.114  1.00 16.01 ? 88  ASP A CB  1 
ATOM   699 C  CG  . ASP A 1 99  ? -2.805  -17.755 14.087  1.00 19.23 ? 88  ASP A CG  1 
ATOM   700 O  OD1 . ASP A 1 99  ? -3.304  -16.745 14.614  1.00 21.69 ? 88  ASP A OD1 1 
ATOM   701 O  OD2 . ASP A 1 99  ? -3.194  -18.916 14.342  1.00 23.30 ? 88  ASP A OD2 1 
ATOM   702 N  N   . ASP A 1 100 ? 0.418   -15.867 11.121  1.00 17.35 ? 89  ASP A N   1 
ATOM   703 C  CA  . ASP A 1 100 ? 1.829   -15.602 10.801  1.00 18.72 ? 89  ASP A CA  1 
ATOM   704 C  C   . ASP A 1 100 ? 2.262   -14.243 11.365  1.00 18.33 ? 89  ASP A C   1 
ATOM   705 O  O   . ASP A 1 100 ? 3.363   -14.101 11.875  1.00 18.22 ? 89  ASP A O   1 
ATOM   706 C  CB  . ASP A 1 100 ? 2.065   -15.510 9.296   1.00 18.93 ? 89  ASP A CB  1 
ATOM   707 C  CG  . ASP A 1 100 ? 1.922   -16.830 8.563   1.00 22.36 ? 89  ASP A CG  1 
ATOM   708 O  OD1 . ASP A 1 100 ? 1.830   -17.904 9.218   1.00 22.24 ? 89  ASP A OD1 1 
ATOM   709 O  OD2 . ASP A 1 100 ? 1.915   -16.749 7.287   1.00 24.16 ? 89  ASP A OD2 1 
ATOM   710 N  N   . HIS A 1 101 ? 1.371   -13.256 11.269  1.00 17.82 ? 90  HIS A N   1 
ATOM   711 C  CA  . HIS A 1 101 ? 1.756   -11.874 11.467  1.00 17.11 ? 90  HIS A CA  1 
ATOM   712 C  C   . HIS A 1 101 ? 0.724   -11.000 12.176  1.00 16.35 ? 90  HIS A C   1 
ATOM   713 O  O   . HIS A 1 101 ? 0.981   -9.816  12.381  1.00 17.53 ? 90  HIS A O   1 
ATOM   714 C  CB  . HIS A 1 101 ? 2.135   -11.245 10.125  1.00 17.99 ? 90  HIS A CB  1 
ATOM   715 C  CG  . HIS A 1 101 ? 3.423   -11.761 9.575   1.00 21.37 ? 90  HIS A CG  1 
ATOM   716 N  ND1 . HIS A 1 101 ? 4.647   -11.447 10.130  1.00 25.13 ? 90  HIS A ND1 1 
ATOM   717 C  CD2 . HIS A 1 101 ? 3.681   -12.597 8.536   1.00 23.33 ? 90  HIS A CD2 1 
ATOM   718 C  CE1 . HIS A 1 101 ? 5.603   -12.074 9.463   1.00 26.26 ? 90  HIS A CE1 1 
ATOM   719 N  NE2 . HIS A 1 101 ? 5.045   -12.766 8.483   1.00 24.31 ? 90  HIS A NE2 1 
ATOM   720 N  N   . ILE A 1 102 ? -0.434  -11.547 12.539  1.00 14.17 ? 91  ILE A N   1 
ATOM   721 C  CA  . ILE A 1 102 ? -1.404  -10.779 13.319  1.00 13.98 ? 91  ILE A CA  1 
ATOM   722 C  C   . ILE A 1 102 ? -1.395  -11.273 14.758  1.00 13.94 ? 91  ILE A C   1 
ATOM   723 O  O   . ILE A 1 102 ? -1.616  -12.467 15.024  1.00 13.26 ? 91  ILE A O   1 
ATOM   724 C  CB  . ILE A 1 102 ? -2.843  -10.861 12.731  1.00 14.03 ? 91  ILE A CB  1 
ATOM   725 C  CG1 . ILE A 1 102 ? -2.848  -10.452 11.251  1.00 14.62 ? 91  ILE A CG1 1 
ATOM   726 C  CG2 . ILE A 1 102 ? -3.803  -9.985  13.543  1.00 13.49 ? 91  ILE A CG2 1 
ATOM   727 C  CD1 A ILE A 1 102 ? -2.274  -9.065  10.998  0.50 13.69 ? 91  ILE A CD1 1 
ATOM   728 C  CD1 B ILE A 1 102 ? -2.273  -9.064  10.999  0.50 13.69 ? 91  ILE A CD1 1 
ATOM   729 N  N   . ALA A 1 103 ? -1.153  -10.352 15.695  1.00 14.10 ? 92  ALA A N   1 
ATOM   730 C  CA  . ALA A 1 103 ? -1.073  -10.673 17.117  1.00 14.20 ? 92  ALA A CA  1 
ATOM   731 C  C   . ALA A 1 103 ? -2.205  -10.035 17.940  1.00 14.43 ? 92  ALA A C   1 
ATOM   732 O  O   . ALA A 1 103 ? -2.786  -9.037  17.535  1.00 15.31 ? 92  ALA A O   1 
ATOM   733 C  CB  . ALA A 1 103 ? 0.298   -10.191 17.660  1.00 15.44 ? 92  ALA A CB  1 
ATOM   734 N  N   . ASN A 1 104 ? -2.544  -10.659 19.063  1.00 14.38 ? 93  ASN A N   1 
ATOM   735 C  CA  . ASN A 1 104 ? -3.381  -10.051 20.085  1.00 14.71 ? 93  ASN A CA  1 
ATOM   736 C  C   . ASN A 1 104 ? -2.452  -9.330  21.053  1.00 15.76 ? 93  ASN A C   1 
ATOM   737 O  O   . ASN A 1 104 ? -1.775  -9.997  21.840  1.00 14.70 ? 93  ASN A O   1 
ATOM   738 C  CB  . ASN A 1 104 ? -4.156  -11.136 20.831  1.00 15.10 ? 93  ASN A CB  1 
ATOM   739 C  CG  . ASN A 1 104 ? -4.872  -10.598 22.031  1.00 14.35 ? 93  ASN A CG  1 
ATOM   740 O  OD1 . ASN A 1 104 ? -4.991  -9.383  22.175  1.00 14.79 ? 93  ASN A OD1 1 
ATOM   741 N  ND2 . ASN A 1 104 ? -5.382  -11.489 22.890  1.00 14.21 ? 93  ASN A ND2 1 
ATOM   742 N  N   . ILE A 1 105 ? -2.398  -7.996  20.956  1.00 15.58 ? 94  ILE A N   1 
ATOM   743 C  CA  A ILE A 1 105 ? -1.619  -7.138  21.863  0.50 16.37 ? 94  ILE A CA  1 
ATOM   744 C  CA  B ILE A 1 105 ? -1.632  -7.217  21.922  0.50 16.37 ? 94  ILE A CA  1 
ATOM   745 C  C   . ILE A 1 105 ? -2.597  -6.544  22.886  1.00 16.81 ? 94  ILE A C   1 
ATOM   746 O  O   . ILE A 1 105 ? -3.279  -5.548  22.573  1.00 16.94 ? 94  ILE A O   1 
ATOM   747 C  CB  A ILE A 1 105 ? -0.890  -5.982  21.083  0.50 16.21 ? 94  ILE A CB  1 
ATOM   748 C  CB  B ILE A 1 105 ? -0.634  -6.251  21.271  0.50 16.05 ? 94  ILE A CB  1 
ATOM   749 C  CG1 A ILE A 1 105 ? -0.002  -6.510  19.957  0.50 15.79 ? 94  ILE A CG1 1 
ATOM   750 C  CG1 B ILE A 1 105 ? 0.310   -7.012  20.343  0.50 17.00 ? 94  ILE A CG1 1 
ATOM   751 C  CG2 A ILE A 1 105 ? -0.036  -5.132  22.015  0.50 17.05 ? 94  ILE A CG2 1 
ATOM   752 C  CG2 B ILE A 1 105 ? 0.177   -5.564  22.351  0.50 16.10 ? 94  ILE A CG2 1 
ATOM   753 C  CD1 A ILE A 1 105 ? 1.028   -7.536  20.418  0.50 16.23 ? 94  ILE A CD1 1 
ATOM   754 C  CD1 B ILE A 1 105 ? 1.472   -6.197  19.834  0.50 15.58 ? 94  ILE A CD1 1 
ATOM   755 N  N   . ASP A 1 106 ? -2.699  -7.174  24.062  1.00 17.38 ? 95  ASP A N   1 
ATOM   756 C  CA  . ASP A 1 106 ? -3.588  -6.742  25.139  1.00 18.25 ? 95  ASP A CA  1 
ATOM   757 C  C   . ASP A 1 106 ? -5.016  -6.436  24.653  1.00 18.35 ? 95  ASP A C   1 
ATOM   758 O  O   . ASP A 1 106 ? -5.584  -5.404  25.002  1.00 18.82 ? 95  ASP A O   1 
ATOM   759 C  CB  . ASP A 1 106 ? -2.951  -5.532  25.845  1.00 18.91 ? 95  ASP A CB  1 
ATOM   760 C  CG  . ASP A 1 106 ? -3.674  -5.131  27.126  1.00 23.05 ? 95  ASP A CG  1 
ATOM   761 O  OD1 . ASP A 1 106 ? -4.326  -5.982  27.762  1.00 23.70 ? 95  ASP A OD1 1 
ATOM   762 O  OD2 . ASP A 1 106 ? -3.570  -3.932  27.505  1.00 26.37 ? 95  ASP A OD2 1 
ATOM   763 N  N   . GLY A 1 107 ? -5.598  -7.335  23.852  1.00 17.69 ? 96  GLY A N   1 
ATOM   764 C  CA  . GLY A 1 107 ? -7.000  -7.192  23.441  1.00 18.36 ? 96  GLY A CA  1 
ATOM   765 C  C   . GLY A 1 107 ? -7.253  -6.558  22.081  1.00 18.11 ? 96  GLY A C   1 
ATOM   766 O  O   . GLY A 1 107 ? -8.412  -6.460  21.639  1.00 19.75 ? 96  GLY A O   1 
ATOM   767 N  N   . THR A 1 108 ? -6.194  -6.086  21.435  1.00 17.50 ? 97  THR A N   1 
ATOM   768 C  CA  . THR A 1 108 ? -6.314  -5.415  20.123  1.00 16.90 ? 97  THR A CA  1 
ATOM   769 C  C   . THR A 1 108 ? -5.481  -6.123  19.071  1.00 15.82 ? 97  THR A C   1 
ATOM   770 O  O   . THR A 1 108 ? -4.308  -6.425  19.305  1.00 14.94 ? 97  THR A O   1 
ATOM   771 C  CB  . THR A 1 108 ? -5.942  -3.914  20.249  1.00 17.74 ? 97  THR A CB  1 
ATOM   772 O  OG1 . THR A 1 108 ? -6.878  -3.276  21.148  1.00 18.72 ? 97  THR A OG1 1 
ATOM   773 C  CG2 . THR A 1 108 ? -6.009  -3.208  18.909  1.00 20.11 ? 97  THR A CG2 1 
ATOM   774 N  N   . LEU A 1 109 ? -6.085  -6.388  17.900  1.00 14.83 ? 98  LEU A N   1 
ATOM   775 C  CA  . LEU A 1 109 ? -5.358  -6.967  16.764  1.00 14.11 ? 98  LEU A CA  1 
ATOM   776 C  C   . LEU A 1 109 ? -4.319  -5.983  16.239  1.00 14.67 ? 98  LEU A C   1 
ATOM   777 O  O   . LEU A 1 109 ? -4.638  -4.820  15.934  1.00 15.01 ? 98  LEU A O   1 
ATOM   778 C  CB  . LEU A 1 109 ? -6.340  -7.339  15.625  1.00 13.51 ? 98  LEU A CB  1 
ATOM   779 C  CG  . LEU A 1 109 ? -7.383  -8.414  15.995  1.00 13.32 ? 98  LEU A CG  1 
ATOM   780 C  CD1 . LEU A 1 109 ? -8.483  -8.463  14.956  1.00 14.26 ? 98  LEU A CD1 1 
ATOM   781 C  CD2 . LEU A 1 109 ? -6.714  -9.814  16.107  1.00 12.24 ? 98  LEU A CD2 1 
ATOM   782 N  N   . LYS A 1 110 ? -3.072  -6.437  16.142  1.00 14.68 ? 99  LYS A N   1 
ATOM   783 C  CA  . LYS A 1 110 ? -1.996  -5.632  15.589  1.00 16.17 ? 99  LYS A CA  1 
ATOM   784 C  C   . LYS A 1 110 ? -1.095  -6.457  14.686  1.00 16.45 ? 99  LYS A C   1 
ATOM   785 O  O   . LYS A 1 110 ? -0.815  -7.635  14.980  1.00 16.74 ? 99  LYS A O   1 
ATOM   786 C  CB  . LYS A 1 110 ? -1.161  -5.033  16.720  1.00 16.98 ? 99  LYS A CB  1 
ATOM   787 C  CG  . LYS A 1 110 ? -2.018  -4.176  17.656  1.00 19.23 ? 99  LYS A CG  1 
ATOM   788 C  CD  . LYS A 1 110 ? -1.381  -2.860  18.045  1.00 25.16 ? 99  LYS A CD  1 
ATOM   789 C  CE  . LYS A 1 110 ? -2.409  -1.912  18.683  1.00 27.44 ? 99  LYS A CE  1 
ATOM   790 N  NZ  . LYS A 1 110 ? -2.883  -0.799  17.772  1.00 30.41 ? 99  LYS A NZ  1 
ATOM   791 N  N   . TYR A 1 111 ? -0.618  -5.823  13.617  1.00 16.66 ? 100 TYR A N   1 
ATOM   792 C  CA  . TYR A 1 111 ? 0.333   -6.441  12.694  1.00 18.51 ? 100 TYR A CA  1 
ATOM   793 C  C   . TYR A 1 111 ? 1.756   -6.431  13.261  1.00 19.80 ? 100 TYR A C   1 
ATOM   794 O  O   . TYR A 1 111 ? 2.193   -5.417  13.834  1.00 20.28 ? 100 TYR A O   1 
ATOM   795 C  CB  . TYR A 1 111 ? 0.288   -5.707  11.355  1.00 18.93 ? 100 TYR A CB  1 
ATOM   796 C  CG  . TYR A 1 111 ? 1.266   -6.200  10.336  1.00 19.31 ? 100 TYR A CG  1 
ATOM   797 C  CD1 . TYR A 1 111 ? 1.108   -7.452  9.743   1.00 18.56 ? 100 TYR A CD1 1 
ATOM   798 C  CD2 . TYR A 1 111 ? 2.364   -5.430  9.968   1.00 20.46 ? 100 TYR A CD2 1 
ATOM   799 C  CE1 . TYR A 1 111 ? 2.000   -7.921  8.781   1.00 21.78 ? 100 TYR A CE1 1 
ATOM   800 C  CE2 . TYR A 1 111 ? 3.277   -5.897  9.002   1.00 22.67 ? 100 TYR A CE2 1 
ATOM   801 C  CZ  . TYR A 1 111 ? 3.088   -7.141  8.422   1.00 22.37 ? 100 TYR A CZ  1 
ATOM   802 O  OH  . TYR A 1 111 ? 3.971   -7.626  7.462   1.00 24.62 ? 100 TYR A OH  1 
ATOM   803 N  N   . GLU A 1 112 ? 2.443   -7.562  13.122  1.00 20.08 ? 101 GLU A N   1 
ATOM   804 C  CA  . GLU A 1 112 ? 3.888   -7.680  13.376  1.00 22.59 ? 101 GLU A CA  1 
ATOM   805 C  C   . GLU A 1 112 ? 4.545   -8.287  12.136  1.00 22.53 ? 101 GLU A C   1 
ATOM   806 O  O   . GLU A 1 112 ? 4.368   -9.478  11.884  1.00 23.97 ? 101 GLU A O   1 
ATOM   807 C  CB  . GLU A 1 112 ? 4.158   -8.608  14.562  1.00 22.14 ? 101 GLU A CB  1 
ATOM   808 C  CG  . GLU A 1 112 ? 3.617   -8.116  15.855  1.00 24.16 ? 101 GLU A CG  1 
ATOM   809 C  CD  . GLU A 1 112 ? 3.822   -9.073  17.018  1.00 24.36 ? 101 GLU A CD  1 
ATOM   810 O  OE1 . GLU A 1 112 ? 4.038   -8.545  18.129  1.00 27.11 ? 101 GLU A OE1 1 
ATOM   811 O  OE2 . GLU A 1 112 ? 3.714   -10.326 16.875  1.00 22.77 ? 101 GLU A OE2 1 
ATOM   812 N  N   . GLY A 1 113 ? 5.308   -7.497  11.387  0.50 22.60 ? 102 GLY A N   1 
ATOM   813 C  CA  . GLY A 1 113 ? 5.838   -7.938  10.084  0.50 23.22 ? 102 GLY A CA  1 
ATOM   814 C  C   . GLY A 1 113 ? 7.191   -8.615  10.123  0.50 22.98 ? 102 GLY A C   1 
ATOM   815 O  O   . GLY A 1 113 ? 7.993   -8.332  10.984  0.50 23.55 ? 102 GLY A O   1 
ATOM   816 N  N   . GLY A 1 114 ? 7.445   -9.511  9.180   0.50 23.65 ? 103 GLY A N   1 
ATOM   817 C  CA  . GLY A 1 114 ? 8.687   -10.284 9.146   0.50 23.76 ? 103 GLY A CA  1 
ATOM   818 C  C   . GLY A 1 114 ? 9.785   -9.761  10.052  0.50 23.95 ? 103 GLY A C   1 
ATOM   819 O  O   . GLY A 1 114 ? 10.383  -8.715  9.778   0.50 24.17 ? 103 GLY A O   1 
HETATM 820 NA NA  . NA  B 2 .   ? 3.488   24.870  5.476   0.50 11.12 ? 213 NA  A NA  1 
HETATM 821 NA NA  . NA  C 2 .   ? 1.668   -4.663  25.303  1.00 34.98 ? 214 NA  A NA  1 
HETATM 822 O  O   . HOH D 3 .   ? 7.785   24.975  -9.216  1.00 14.85 ? 215 HOH A O   1 
HETATM 823 O  O   . HOH D 3 .   ? 7.856   -0.398  1.381   1.00 17.91 ? 216 HOH A O   1 
HETATM 824 O  O   . HOH D 3 .   ? -0.967  -12.924 19.824  1.00 14.15 ? 217 HOH A O   1 
HETATM 825 O  O   . HOH D 3 .   ? 9.625   21.901  0.612   1.00 15.27 ? 218 HOH A O   1 
HETATM 826 O  O   . HOH D 3 .   ? -7.326  -22.838 -7.769  1.00 23.15 ? 219 HOH A O   1 
HETATM 827 O  O   . HOH D 3 .   ? -13.033 -1.710  -6.207  1.00 22.12 ? 220 HOH A O   1 
HETATM 828 O  O   . HOH D 3 .   ? -1.599  -3.032  13.031  1.00 20.68 ? 221 HOH A O   1 
HETATM 829 O  O   . HOH D 3 .   ? 9.276   20.620  -9.161  1.00 16.26 ? 222 HOH A O   1 
HETATM 830 O  O   . HOH D 3 .   ? 16.561  14.602  -1.820  1.00 20.26 ? 223 HOH A O   1 
HETATM 831 O  O   . HOH D 3 .   ? 1.001   19.556  -10.458 1.00 20.47 ? 224 HOH A O   1 
HETATM 832 O  O   . HOH D 3 .   ? -0.545  -8.701  24.910  1.00 22.59 ? 225 HOH A O   1 
HETATM 833 O  O   . HOH D 3 .   ? 9.990   -3.115  0.148   1.00 22.82 ? 226 HOH A O   1 
HETATM 834 O  O   . HOH D 3 .   ? 2.247   17.073  5.724   1.00 23.00 ? 227 HOH A O   1 
HETATM 835 O  O   . HOH D 3 .   ? -2.389  24.090  -7.571  1.00 18.24 ? 228 HOH A O   1 
HETATM 836 O  O   . HOH D 3 .   ? 1.981   22.547  5.681   1.00 17.04 ? 229 HOH A O   1 
HETATM 837 O  O   . HOH D 3 .   ? 17.664  9.381   2.746   1.00 17.96 ? 230 HOH A O   1 
HETATM 838 O  O   . HOH D 3 .   ? -4.769  23.048  -6.761  1.00 23.75 ? 231 HOH A O   1 
HETATM 839 O  O   . HOH D 3 .   ? 3.028   20.325  -0.523  1.00 18.14 ? 232 HOH A O   1 
HETATM 840 O  O   . HOH D 3 .   ? 0.866   15.214  2.486   1.00 25.58 ? 233 HOH A O   1 
HETATM 841 O  O   . HOH D 3 .   ? 6.086   0.080   -10.692 1.00 22.08 ? 234 HOH A O   1 
HETATM 842 O  O   . HOH D 3 .   ? 4.766   26.751  2.435   1.00 21.30 ? 235 HOH A O   1 
HETATM 843 O  O   . HOH D 3 .   ? -5.851  0.551   -3.904  1.00 29.61 ? 236 HOH A O   1 
HETATM 844 O  O   . HOH D 3 .   ? 9.987   25.681  0.816   1.00 21.64 ? 237 HOH A O   1 
HETATM 845 O  O   . HOH D 3 .   ? 1.817   11.005  -14.599 1.00 23.06 ? 238 HOH A O   1 
HETATM 846 O  O   . HOH D 3 .   ? -4.177  -6.518  -6.392  1.00 24.12 ? 239 HOH A O   1 
HETATM 847 O  O   . HOH D 3 .   ? 11.493  14.685  3.584   1.00 19.50 ? 240 HOH A O   1 
HETATM 848 O  O   . HOH D 3 .   ? 12.562  11.083  7.101   1.00 17.74 ? 241 HOH A O   1 
HETATM 849 O  O   . HOH D 3 .   ? -6.740  27.156  -2.376  1.00 27.27 ? 242 HOH A O   1 
HETATM 850 O  O   . HOH D 3 .   ? 0.729   -10.075 -9.767  1.00 32.72 ? 243 HOH A O   1 
HETATM 851 O  O   . HOH D 3 .   ? 11.778  -6.481  -9.981  1.00 25.65 ? 244 HOH A O   1 
HETATM 852 O  O   . HOH D 3 .   ? 2.285   10.068  4.774   1.00 22.64 ? 245 HOH A O   1 
HETATM 853 O  O   . HOH D 3 .   ? -7.340  -21.731 10.370  1.00 33.97 ? 246 HOH A O   1 
HETATM 854 O  O   . HOH D 3 .   ? -14.910 -10.612 -0.680  1.00 23.16 ? 247 HOH A O   1 
HETATM 855 O  O   . HOH D 3 .   ? 2.623   27.955  3.437   1.00 22.72 ? 248 HOH A O   1 
HETATM 856 O  O   . HOH D 3 .   ? -0.302  -15.852 -14.499 1.00 38.08 ? 249 HOH A O   1 
HETATM 857 O  O   . HOH D 3 .   ? -4.050  -2.419  14.104  1.00 29.36 ? 250 HOH A O   1 
HETATM 858 O  O   . HOH D 3 .   ? 7.651   8.758   8.451   1.00 35.97 ? 251 HOH A O   1 
HETATM 859 O  O   . HOH D 3 .   ? -0.528  -17.700 -0.330  1.00 27.12 ? 252 HOH A O   1 
HETATM 860 O  O   . HOH D 3 .   ? -2.757  14.644  -11.720 1.00 31.68 ? 253 HOH A O   1 
HETATM 861 O  O   . HOH D 3 .   ? 6.007   29.433  -1.151  1.00 37.18 ? 254 HOH A O   1 
HETATM 862 O  O   . HOH D 3 .   ? -2.753  -10.646 -10.274 1.00 35.08 ? 255 HOH A O   1 
HETATM 863 O  O   . HOH D 3 .   ? -16.733 -13.111 4.550   1.00 23.51 ? 256 HOH A O   1 
HETATM 864 O  O   . HOH D 3 .   ? 6.447   24.900  -11.390 1.00 29.28 ? 257 HOH A O   1 
HETATM 865 O  O   . HOH D 3 .   ? 0.368   -18.578 5.388   1.00 20.87 ? 258 HOH A O   1 
HETATM 866 O  O   . HOH D 3 .   ? -2.087  -21.115 4.787   1.00 29.56 ? 259 HOH A O   1 
HETATM 867 O  O   . HOH D 3 .   ? -2.417  -19.204 -5.950  1.00 27.25 ? 260 HOH A O   1 
HETATM 868 O  O   . HOH D 3 .   ? 2.273   31.049  0.301   1.00 35.58 ? 261 HOH A O   1 
HETATM 869 O  O   . HOH D 3 .   ? -2.528  -21.128 12.667  1.00 26.43 ? 262 HOH A O   1 
HETATM 870 O  O   . HOH D 3 .   ? 4.596   -3.501  0.245   1.00 33.05 ? 263 HOH A O   1 
HETATM 871 O  O   . HOH D 3 .   ? -17.248 -13.952 1.013   1.00 33.14 ? 264 HOH A O   1 
HETATM 872 O  O   . HOH D 3 .   ? -3.011  -2.937  22.272  1.00 32.88 ? 265 HOH A O   1 
HETATM 873 O  O   . HOH D 3 .   ? 7.352   4.362   7.329   1.00 35.49 ? 266 HOH A O   1 
HETATM 874 O  O   . HOH D 3 .   ? -11.544 -16.535 -13.872 1.00 32.57 ? 267 HOH A O   1 
HETATM 875 O  O   . HOH D 3 .   ? -0.148  0.119   -8.297  1.00 36.48 ? 268 HOH A O   1 
HETATM 876 O  O   . HOH D 3 .   ? -9.369  -20.315 -1.579  1.00 32.58 ? 269 HOH A O   1 
HETATM 877 O  O   . HOH D 3 .   ? 8.809   0.725   -11.269 1.00 35.75 ? 270 HOH A O   1 
HETATM 878 O  O   . HOH D 3 .   ? -1.097  -20.614 2.155   1.00 35.04 ? 271 HOH A O   1 
HETATM 879 O  O   . HOH D 3 .   ? 13.527  20.778  0.813   1.00 30.67 ? 272 HOH A O   1 
HETATM 880 O  O   . HOH D 3 .   ? 16.415  -5.497  -10.199 1.00 30.31 ? 273 HOH A O   1 
HETATM 881 O  O   . HOH D 3 .   ? -1.539  22.466  -9.378  1.00 26.48 ? 274 HOH A O   1 
HETATM 882 O  O   . HOH D 3 .   ? 16.190  17.351  -3.264  1.00 29.83 ? 275 HOH A O   1 
HETATM 883 O  O   . HOH D 3 .   ? 5.078   -9.884  7.387   1.00 48.14 ? 276 HOH A O   1 
HETATM 884 O  O   . HOH D 3 .   ? 0.406   -0.427  1.205   1.00 38.77 ? 277 HOH A O   1 
HETATM 885 O  O   . HOH D 3 .   ? -5.696  -20.873 14.273  1.00 34.95 ? 278 HOH A O   1 
HETATM 886 O  O   . HOH D 3 .   ? 12.589  28.441  -0.341  1.00 40.96 ? 279 HOH A O   1 
HETATM 887 O  O   . HOH D 3 .   ? -1.379  28.740  1.746   1.00 48.95 ? 280 HOH A O   1 
HETATM 888 O  O   . HOH D 3 .   ? 10.905  22.137  2.857   1.00 21.50 ? 281 HOH A O   1 
HETATM 889 O  O   . HOH D 3 .   ? -0.109  26.053  4.609   1.00 26.23 ? 282 HOH A O   1 
HETATM 890 O  O   . HOH D 3 .   ? 0.364   20.609  5.268   1.00 30.36 ? 283 HOH A O   1 
HETATM 891 O  O   . HOH D 3 .   ? -3.128  -17.771 -15.122 1.00 40.15 ? 284 HOH A O   1 
HETATM 892 O  O   . HOH D 3 .   ? -1.435  -4.233  -2.369  1.00 31.07 ? 285 HOH A O   1 
HETATM 893 O  O   . HOH D 3 .   ? 5.962   -4.555  12.084  1.00 39.71 ? 286 HOH A O   1 
HETATM 894 O  O   . HOH D 3 .   ? 0.277   -22.246 8.464   1.00 36.85 ? 287 HOH A O   1 
HETATM 895 O  O   . HOH D 3 .   ? -2.284  -19.535 -1.404  1.00 37.76 ? 288 HOH A O   1 
HETATM 896 O  O   . HOH D 3 .   ? -8.333  0.510   -10.397 1.00 36.73 ? 289 HOH A O   1 
HETATM 897 O  O   . HOH D 3 .   ? 4.253   -1.096  2.707   1.00 32.06 ? 290 HOH A O   1 
HETATM 898 O  O   . HOH D 3 .   ? 11.623  13.827  6.135   1.00 24.17 ? 291 HOH A O   1 
HETATM 899 O  O   . HOH D 3 .   ? 5.821   25.641  -7.895  1.00 28.76 ? 292 HOH A O   1 
HETATM 900 O  O   . HOH D 3 .   ? -7.254  -3.502  23.812  1.00 27.70 ? 293 HOH A O   1 
HETATM 901 O  O   . HOH D 3 .   ? -2.850  -25.933 4.665   1.00 35.49 ? 294 HOH A O   1 
HETATM 902 O  O   . HOH D 3 .   ? 0.344   -21.205 5.937   1.00 32.36 ? 295 HOH A O   1 
HETATM 903 O  O   . HOH D 3 .   ? 9.982   28.465  -0.125  1.00 26.42 ? 296 HOH A O   1 
HETATM 904 O  O   . HOH D 3 .   ? 1.769   -18.746 12.066  1.00 33.78 ? 297 HOH A O   1 
HETATM 905 O  O   . HOH D 3 .   ? -3.056  24.179  2.858   1.00 40.29 ? 298 HOH A O   1 
HETATM 906 O  O   . HOH D 3 .   ? -0.257  16.605  4.782   1.00 32.49 ? 299 HOH A O   1 
HETATM 907 O  O   . HOH D 3 .   ? -5.199  29.750  -2.110  1.00 41.12 ? 300 HOH A O   1 
HETATM 908 O  O   . HOH D 3 .   ? 6.197   -13.884 6.339   1.00 40.23 ? 301 HOH A O   1 
# 
